data_2DBG
#
_entry.id   2DBG
#
_entity_poly.entity_id   1
_entity_poly.type   'polypeptide(L)'
_entity_poly.pdbx_seq_one_letter_code
;GSSGSSGMVNEYKKILLLKGFELMDDYHFTSIKSLLAYDLGLTTKMQEEYNRIKITDLMEKKFQGVACLDKLIELAKDMP
SLKNLVNNLRKEKSKVASGPSSG
;
_entity_poly.pdbx_strand_id   A
#
# COMPACT_ATOMS: atom_id res chain seq x y z
N GLY A 1 27.69 14.10 17.87
CA GLY A 1 26.53 13.45 17.18
C GLY A 1 26.78 13.27 15.70
N SER A 2 25.88 12.56 15.04
CA SER A 2 25.99 12.31 13.60
C SER A 2 24.97 13.13 12.82
N SER A 3 23.76 13.23 13.36
CA SER A 3 22.70 13.99 12.72
C SER A 3 21.75 14.59 13.76
N GLY A 4 21.11 15.70 13.39
CA GLY A 4 20.18 16.35 14.31
C GLY A 4 18.78 15.79 14.20
N SER A 5 18.36 15.48 12.98
CA SER A 5 17.02 14.93 12.75
C SER A 5 16.94 14.22 11.41
N SER A 6 16.27 13.08 11.38
CA SER A 6 16.12 12.31 10.16
C SER A 6 14.82 11.51 10.17
N GLY A 7 14.19 11.39 9.00
CA GLY A 7 12.94 10.66 8.90
C GLY A 7 12.76 10.01 7.55
N MET A 8 13.88 9.67 6.90
CA MET A 8 13.84 9.04 5.59
C MET A 8 13.61 7.53 5.72
N VAL A 9 12.35 7.13 5.74
CA VAL A 9 12.00 5.72 5.85
C VAL A 9 10.93 5.33 4.84
N ASN A 10 11.12 5.74 3.59
CA ASN A 10 10.16 5.43 2.54
C ASN A 10 8.79 6.03 2.86
N GLU A 11 8.61 7.30 2.52
CA GLU A 11 7.35 7.99 2.77
C GLU A 11 6.20 7.31 2.03
N TYR A 12 6.52 6.71 0.88
CA TYR A 12 5.51 6.03 0.08
C TYR A 12 4.94 4.83 0.83
N LYS A 13 5.78 4.18 1.63
CA LYS A 13 5.36 3.02 2.40
C LYS A 13 4.38 3.43 3.51
N LYS A 14 4.63 4.58 4.11
CA LYS A 14 3.78 5.08 5.18
C LYS A 14 2.34 5.27 4.70
N ILE A 15 2.19 5.94 3.56
CA ILE A 15 0.87 6.20 2.99
C ILE A 15 0.20 4.89 2.57
N LEU A 16 1.02 3.91 2.18
CA LEU A 16 0.51 2.61 1.76
C LEU A 16 -0.17 1.89 2.91
N LEU A 17 0.33 2.13 4.12
CA LEU A 17 -0.21 1.49 5.32
C LEU A 17 -1.30 2.36 5.95
N LEU A 18 -0.93 3.59 6.29
CA LEU A 18 -1.87 4.52 6.90
C LEU A 18 -3.07 4.76 6.01
N LYS A 19 -2.81 5.07 4.73
CA LYS A 19 -3.87 5.33 3.77
C LYS A 19 -3.88 4.26 2.68
N GLY A 20 -4.11 3.01 3.09
CA GLY A 20 -4.14 1.92 2.15
C GLY A 20 -4.80 0.67 2.72
N PHE A 21 -4.19 0.11 3.76
CA PHE A 21 -4.73 -1.09 4.39
C PHE A 21 -5.47 -0.73 5.68
N GLU A 22 -5.02 0.32 6.35
CA GLU A 22 -5.64 0.76 7.60
C GLU A 22 -7.10 1.13 7.37
N LEU A 23 -7.40 1.63 6.18
CA LEU A 23 -8.77 2.02 5.84
C LEU A 23 -9.38 1.04 4.84
N MET A 24 -9.03 -0.23 4.97
CA MET A 24 -9.55 -1.26 4.08
C MET A 24 -10.47 -2.22 4.82
N ASP A 25 -11.68 -2.40 4.30
CA ASP A 25 -12.66 -3.29 4.92
C ASP A 25 -12.45 -4.72 4.45
N ASP A 26 -13.18 -5.66 5.06
CA ASP A 26 -13.09 -7.07 4.71
C ASP A 26 -13.47 -7.29 3.24
N TYR A 27 -14.35 -6.45 2.73
CA TYR A 27 -14.81 -6.56 1.35
C TYR A 27 -13.63 -6.47 0.38
N HIS A 28 -12.61 -5.71 0.76
CA HIS A 28 -11.43 -5.54 -0.07
C HIS A 28 -10.21 -6.24 0.54
N PHE A 29 -10.20 -6.33 1.87
CA PHE A 29 -9.10 -6.98 2.58
C PHE A 29 -8.90 -8.41 2.09
N THR A 30 -9.98 -9.03 1.63
CA THR A 30 -9.92 -10.40 1.14
C THR A 30 -9.60 -10.44 -0.35
N SER A 31 -10.02 -9.40 -1.06
CA SER A 31 -9.78 -9.31 -2.51
C SER A 31 -8.32 -8.96 -2.78
N ILE A 32 -7.85 -7.88 -2.17
CA ILE A 32 -6.48 -7.43 -2.37
C ILE A 32 -5.49 -8.49 -1.89
N LYS A 33 -5.81 -9.14 -0.78
CA LYS A 33 -4.94 -10.17 -0.21
C LYS A 33 -4.88 -11.38 -1.15
N SER A 34 -5.98 -11.67 -1.82
CA SER A 34 -6.05 -12.80 -2.73
C SER A 34 -5.29 -12.51 -4.03
N LEU A 35 -5.54 -11.33 -4.59
CA LEU A 35 -4.89 -10.92 -5.83
C LEU A 35 -3.39 -10.77 -5.61
N LEU A 36 -3.01 -10.22 -4.47
CA LEU A 36 -1.60 -10.02 -4.14
C LEU A 36 -0.91 -11.34 -3.83
N ALA A 37 -1.68 -12.31 -3.35
CA ALA A 37 -1.15 -13.63 -3.01
C ALA A 37 -0.44 -14.26 -4.19
N TYR A 38 -0.92 -13.95 -5.40
CA TYR A 38 -0.32 -14.48 -6.62
C TYR A 38 1.07 -13.90 -6.85
N ASP A 39 1.26 -12.66 -6.42
CA ASP A 39 2.56 -11.99 -6.57
C ASP A 39 3.48 -12.33 -5.41
N LEU A 40 3.11 -11.89 -4.21
CA LEU A 40 3.91 -12.13 -3.02
C LEU A 40 4.05 -13.62 -2.76
N GLY A 41 3.04 -14.39 -3.15
CA GLY A 41 3.07 -15.83 -2.94
C GLY A 41 2.34 -16.26 -1.69
N LEU A 42 1.33 -15.48 -1.30
CA LEU A 42 0.55 -15.78 -0.11
C LEU A 42 -0.46 -16.89 -0.40
N THR A 43 -1.14 -17.35 0.66
CA THR A 43 -2.14 -18.41 0.52
C THR A 43 -3.34 -18.13 1.41
N THR A 44 -4.27 -19.08 1.46
CA THR A 44 -5.47 -18.95 2.27
C THR A 44 -5.12 -18.95 3.76
N LYS A 45 -4.02 -19.62 4.11
CA LYS A 45 -3.58 -19.70 5.49
C LYS A 45 -2.79 -18.45 5.89
N MET A 46 -1.83 -18.08 5.06
CA MET A 46 -1.00 -16.91 5.32
C MET A 46 -1.83 -15.63 5.28
N GLN A 47 -2.89 -15.64 4.48
CA GLN A 47 -3.77 -14.50 4.34
C GLN A 47 -4.36 -14.10 5.69
N GLU A 48 -4.69 -15.10 6.50
CA GLU A 48 -5.26 -14.87 7.82
C GLU A 48 -4.17 -14.71 8.88
N GLU A 49 -3.05 -15.38 8.66
CA GLU A 49 -1.93 -15.31 9.60
C GLU A 49 -1.23 -13.96 9.51
N TYR A 50 -0.96 -13.52 8.28
CA TYR A 50 -0.29 -12.24 8.06
C TYR A 50 -1.14 -11.09 8.60
N ASN A 51 -0.48 -9.95 8.84
CA ASN A 51 -1.17 -8.78 9.35
C ASN A 51 -1.19 -7.66 8.30
N ARG A 52 -1.88 -6.58 8.61
CA ARG A 52 -1.98 -5.43 7.72
C ARG A 52 -0.60 -4.87 7.40
N ILE A 53 0.21 -4.68 8.44
CA ILE A 53 1.55 -4.15 8.27
C ILE A 53 2.44 -5.12 7.51
N LYS A 54 2.16 -6.42 7.66
CA LYS A 54 2.94 -7.45 6.99
C LYS A 54 2.79 -7.34 5.48
N ILE A 55 1.55 -7.24 5.01
CA ILE A 55 1.28 -7.14 3.59
C ILE A 55 1.85 -5.85 3.01
N THR A 56 1.80 -4.78 3.79
CA THR A 56 2.32 -3.49 3.35
C THR A 56 3.81 -3.56 3.11
N ASP A 57 4.53 -4.20 4.03
CA ASP A 57 5.98 -4.33 3.91
C ASP A 57 6.35 -5.17 2.69
N LEU A 58 5.47 -6.10 2.33
CA LEU A 58 5.70 -6.97 1.17
C LEU A 58 5.44 -6.21 -0.12
N MET A 59 4.49 -5.28 -0.09
CA MET A 59 4.14 -4.51 -1.27
C MET A 59 5.27 -3.55 -1.64
N GLU A 60 5.95 -3.02 -0.63
CA GLU A 60 7.06 -2.10 -0.86
C GLU A 60 8.33 -2.85 -1.26
N LYS A 61 8.54 -4.01 -0.63
CA LYS A 61 9.71 -4.82 -0.92
C LYS A 61 9.65 -5.39 -2.33
N LYS A 62 8.44 -5.76 -2.75
CA LYS A 62 8.24 -6.32 -4.08
C LYS A 62 8.13 -5.21 -5.13
N PHE A 63 7.53 -4.09 -4.73
CA PHE A 63 7.36 -2.96 -5.62
C PHE A 63 7.95 -1.69 -5.02
N GLN A 64 9.14 -1.33 -5.48
CA GLN A 64 9.82 -0.13 -4.98
C GLN A 64 9.38 1.11 -5.76
N GLY A 65 9.35 2.25 -5.08
CA GLY A 65 8.95 3.49 -5.73
C GLY A 65 7.45 3.71 -5.68
N VAL A 66 6.96 4.58 -6.55
CA VAL A 66 5.54 4.88 -6.59
C VAL A 66 4.73 3.68 -7.06
N ALA A 67 5.41 2.69 -7.64
CA ALA A 67 4.73 1.49 -8.13
C ALA A 67 3.92 0.83 -7.03
N CYS A 68 4.40 0.92 -5.79
CA CYS A 68 3.71 0.32 -4.66
C CYS A 68 2.32 0.93 -4.49
N LEU A 69 2.19 2.21 -4.83
CA LEU A 69 0.92 2.90 -4.72
C LEU A 69 0.02 2.60 -5.91
N ASP A 70 0.58 2.72 -7.12
CA ASP A 70 -0.17 2.46 -8.34
C ASP A 70 -0.74 1.04 -8.34
N LYS A 71 0.06 0.09 -7.86
CA LYS A 71 -0.36 -1.30 -7.80
C LYS A 71 -1.61 -1.47 -6.95
N LEU A 72 -1.61 -0.83 -5.78
CA LEU A 72 -2.75 -0.89 -4.87
C LEU A 72 -3.97 -0.22 -5.49
N ILE A 73 -3.74 0.87 -6.21
CA ILE A 73 -4.82 1.61 -6.84
C ILE A 73 -5.36 0.87 -8.07
N GLU A 74 -4.45 0.24 -8.81
CA GLU A 74 -4.83 -0.50 -10.01
C GLU A 74 -5.76 -1.66 -9.65
N LEU A 75 -5.55 -2.25 -8.48
CA LEU A 75 -6.38 -3.35 -8.02
C LEU A 75 -7.68 -2.85 -7.39
N ALA A 76 -7.61 -1.68 -6.78
CA ALA A 76 -8.77 -1.09 -6.14
C ALA A 76 -9.33 0.07 -6.97
N LYS A 77 -9.18 -0.03 -8.30
CA LYS A 77 -9.66 1.00 -9.20
C LYS A 77 -11.18 0.96 -9.30
N ASP A 78 -11.71 -0.16 -9.78
CA ASP A 78 -13.15 -0.32 -9.92
C ASP A 78 -13.79 -0.72 -8.59
N MET A 79 -13.63 0.14 -7.60
CA MET A 79 -14.20 -0.12 -6.28
C MET A 79 -14.82 1.14 -5.69
N PRO A 80 -16.12 1.37 -5.96
CA PRO A 80 -16.83 2.55 -5.46
C PRO A 80 -16.67 2.73 -3.95
N SER A 81 -16.40 1.64 -3.25
CA SER A 81 -16.22 1.68 -1.81
C SER A 81 -14.84 2.24 -1.45
N LEU A 82 -13.85 1.96 -2.30
CA LEU A 82 -12.49 2.43 -2.07
C LEU A 82 -12.23 3.72 -2.82
N LYS A 83 -13.18 4.65 -2.75
CA LYS A 83 -13.06 5.93 -3.42
C LYS A 83 -12.06 6.83 -2.69
N ASN A 84 -11.96 6.66 -1.38
CA ASN A 84 -11.04 7.45 -0.57
C ASN A 84 -9.61 6.95 -0.71
N LEU A 85 -9.45 5.63 -0.70
CA LEU A 85 -8.13 5.03 -0.83
C LEU A 85 -7.49 5.38 -2.17
N VAL A 86 -8.31 5.40 -3.21
CA VAL A 86 -7.83 5.72 -4.56
C VAL A 86 -7.53 7.21 -4.68
N ASN A 87 -8.41 8.04 -4.14
CA ASN A 87 -8.24 9.49 -4.20
C ASN A 87 -7.08 9.93 -3.31
N ASN A 88 -7.00 9.37 -2.12
CA ASN A 88 -5.95 9.71 -1.17
C ASN A 88 -4.59 9.23 -1.70
N LEU A 89 -4.54 8.01 -2.19
CA LEU A 89 -3.31 7.44 -2.72
C LEU A 89 -2.82 8.23 -3.92
N ARG A 90 -3.73 8.51 -4.85
CA ARG A 90 -3.40 9.27 -6.05
C ARG A 90 -2.98 10.70 -5.70
N LYS A 91 -3.75 11.33 -4.83
CA LYS A 91 -3.47 12.70 -4.40
C LYS A 91 -2.17 12.76 -3.62
N GLU A 92 -1.91 11.75 -2.81
CA GLU A 92 -0.69 11.69 -2.01
C GLU A 92 0.55 11.63 -2.90
N LYS A 93 0.45 10.87 -3.98
CA LYS A 93 1.55 10.72 -4.91
C LYS A 93 1.86 12.03 -5.63
N SER A 94 0.83 12.84 -5.83
CA SER A 94 0.98 14.13 -6.49
C SER A 94 1.64 15.15 -5.56
N LYS A 95 1.30 15.07 -4.28
CA LYS A 95 1.86 15.99 -3.29
C LYS A 95 3.38 15.86 -3.23
N VAL A 96 3.86 14.63 -3.35
CA VAL A 96 5.30 14.38 -3.30
C VAL A 96 6.01 15.05 -4.47
N ALA A 97 5.33 15.15 -5.59
CA ALA A 97 5.91 15.78 -6.78
C ALA A 97 6.02 17.29 -6.60
N SER A 98 6.98 17.89 -7.30
CA SER A 98 7.19 19.33 -7.22
C SER A 98 5.95 20.10 -7.66
N GLY A 99 5.32 20.79 -6.72
CA GLY A 99 4.13 21.55 -7.02
C GLY A 99 3.45 22.09 -5.77
N PRO A 100 3.88 23.27 -5.29
CA PRO A 100 3.30 23.90 -4.10
C PRO A 100 1.88 24.40 -4.34
N SER A 101 0.90 23.72 -3.74
CA SER A 101 -0.50 24.11 -3.88
C SER A 101 -0.89 25.13 -2.83
N SER A 102 -2.16 25.51 -2.84
CA SER A 102 -2.67 26.49 -1.88
C SER A 102 -1.95 27.83 -2.02
N GLY A 103 -2.55 28.74 -2.76
CA GLY A 103 -1.93 30.05 -2.96
C GLY A 103 -2.69 30.90 -3.97
N GLY A 1 15.82 12.93 5.54
CA GLY A 1 15.93 11.79 6.49
C GLY A 1 17.00 10.80 6.08
N SER A 2 18.03 11.29 5.40
CA SER A 2 19.13 10.45 4.96
C SER A 2 20.24 11.28 4.32
N SER A 3 21.31 10.61 3.90
CA SER A 3 22.44 11.29 3.28
C SER A 3 22.37 11.16 1.76
N GLY A 4 21.16 11.22 1.22
CA GLY A 4 20.98 11.12 -0.21
C GLY A 4 20.10 12.21 -0.78
N SER A 5 18.99 11.81 -1.40
CA SER A 5 18.05 12.78 -1.97
C SER A 5 16.61 12.27 -1.85
N SER A 6 16.37 11.07 -2.34
CA SER A 6 15.04 10.46 -2.29
C SER A 6 14.67 10.08 -0.86
N GLY A 7 15.35 9.06 -0.33
CA GLY A 7 15.08 8.62 1.02
C GLY A 7 15.06 7.11 1.14
N MET A 8 15.85 6.58 2.06
CA MET A 8 15.92 5.14 2.28
C MET A 8 14.63 4.62 2.90
N VAL A 9 14.22 5.24 3.99
CA VAL A 9 12.99 4.84 4.68
C VAL A 9 11.79 4.95 3.76
N ASN A 10 11.87 5.84 2.79
CA ASN A 10 10.77 6.04 1.84
C ASN A 10 9.54 6.58 2.54
N GLU A 11 8.74 7.36 1.81
CA GLU A 11 7.52 7.95 2.37
C GLU A 11 6.28 7.22 1.85
N TYR A 12 6.39 6.65 0.66
CA TYR A 12 5.28 5.92 0.05
C TYR A 12 4.78 4.80 0.97
N LYS A 13 5.72 4.19 1.69
CA LYS A 13 5.38 3.10 2.60
C LYS A 13 4.48 3.59 3.73
N LYS A 14 4.72 4.82 4.17
CA LYS A 14 3.93 5.42 5.24
C LYS A 14 2.50 5.66 4.79
N ILE A 15 2.35 6.14 3.56
CA ILE A 15 1.02 6.41 3.01
C ILE A 15 0.32 5.13 2.59
N LEU A 16 1.10 4.15 2.14
CA LEU A 16 0.56 2.87 1.72
C LEU A 16 -0.01 2.09 2.90
N LEU A 17 0.56 2.32 4.08
CA LEU A 17 0.11 1.64 5.29
C LEU A 17 -1.11 2.33 5.89
N LEU A 18 -0.99 3.63 6.15
CA LEU A 18 -2.08 4.40 6.72
C LEU A 18 -3.23 4.54 5.72
N LYS A 19 -2.93 5.14 4.57
CA LYS A 19 -3.94 5.34 3.53
C LYS A 19 -3.95 4.15 2.57
N GLY A 20 -4.04 2.94 3.12
CA GLY A 20 -4.06 1.75 2.29
C GLY A 20 -4.74 0.58 2.98
N PHE A 21 -3.98 -0.12 3.81
CA PHE A 21 -4.52 -1.28 4.53
C PHE A 21 -5.13 -0.85 5.86
N GLU A 22 -4.53 0.16 6.48
CA GLU A 22 -5.02 0.67 7.76
C GLU A 22 -6.45 1.18 7.64
N LEU A 23 -6.79 1.71 6.47
CA LEU A 23 -8.12 2.23 6.22
C LEU A 23 -8.87 1.35 5.23
N MET A 24 -8.62 0.05 5.29
CA MET A 24 -9.26 -0.90 4.39
C MET A 24 -10.21 -1.81 5.17
N ASP A 25 -11.40 -2.03 4.60
CA ASP A 25 -12.41 -2.89 5.24
C ASP A 25 -12.27 -4.33 4.75
N ASP A 26 -12.88 -5.25 5.50
CA ASP A 26 -12.82 -6.66 5.15
C ASP A 26 -13.43 -6.90 3.77
N TYR A 27 -14.35 -6.04 3.37
CA TYR A 27 -15.01 -6.16 2.07
C TYR A 27 -13.98 -6.11 0.94
N HIS A 28 -12.89 -5.41 1.17
CA HIS A 28 -11.84 -5.27 0.17
C HIS A 28 -10.56 -5.97 0.62
N PHE A 29 -10.32 -5.97 1.93
CA PHE A 29 -9.13 -6.59 2.49
C PHE A 29 -9.00 -8.04 2.02
N THR A 30 -10.13 -8.68 1.75
CA THR A 30 -10.14 -10.07 1.29
C THR A 30 -9.91 -10.14 -0.21
N SER A 31 -10.33 -9.10 -0.93
CA SER A 31 -10.17 -9.04 -2.37
C SER A 31 -8.72 -8.73 -2.76
N ILE A 32 -8.13 -7.78 -2.05
CA ILE A 32 -6.75 -7.38 -2.32
C ILE A 32 -5.78 -8.52 -1.99
N LYS A 33 -5.96 -9.12 -0.81
CA LYS A 33 -5.10 -10.21 -0.38
C LYS A 33 -5.17 -11.38 -1.37
N SER A 34 -6.32 -11.54 -2.00
CA SER A 34 -6.52 -12.62 -2.97
C SER A 34 -5.73 -12.34 -4.25
N LEU A 35 -5.63 -11.08 -4.63
CA LEU A 35 -4.92 -10.68 -5.83
C LEU A 35 -3.42 -10.53 -5.54
N LEU A 36 -3.11 -10.06 -4.33
CA LEU A 36 -1.72 -9.85 -3.93
C LEU A 36 -1.02 -11.19 -3.72
N ALA A 37 -1.79 -12.21 -3.35
CA ALA A 37 -1.23 -13.54 -3.12
C ALA A 37 -0.51 -14.06 -4.36
N TYR A 38 -0.98 -13.64 -5.53
CA TYR A 38 -0.38 -14.06 -6.79
C TYR A 38 0.93 -13.32 -7.05
N ASP A 39 0.97 -12.06 -6.64
CA ASP A 39 2.16 -11.23 -6.82
C ASP A 39 3.21 -11.53 -5.75
N LEU A 40 2.88 -11.19 -4.51
CA LEU A 40 3.79 -11.42 -3.39
C LEU A 40 4.10 -12.92 -3.24
N GLY A 41 3.08 -13.75 -3.41
CA GLY A 41 3.27 -15.18 -3.29
C GLY A 41 2.65 -15.74 -2.02
N LEU A 42 1.60 -15.10 -1.54
CA LEU A 42 0.93 -15.54 -0.32
C LEU A 42 -0.01 -16.71 -0.62
N THR A 43 -0.68 -17.18 0.43
CA THR A 43 -1.60 -18.31 0.28
C THR A 43 -2.86 -18.09 1.14
N THR A 44 -3.75 -19.08 1.12
CA THR A 44 -4.99 -18.99 1.89
C THR A 44 -4.71 -19.04 3.39
N LYS A 45 -3.60 -19.67 3.77
CA LYS A 45 -3.23 -19.78 5.16
C LYS A 45 -2.52 -18.52 5.64
N MET A 46 -1.55 -18.06 4.85
CA MET A 46 -0.79 -16.86 5.19
C MET A 46 -1.70 -15.63 5.18
N GLN A 47 -2.73 -15.66 4.34
CA GLN A 47 -3.67 -14.54 4.24
C GLN A 47 -4.35 -14.28 5.58
N GLU A 48 -4.51 -15.33 6.37
CA GLU A 48 -5.15 -15.21 7.68
C GLU A 48 -4.11 -15.01 8.77
N GLU A 49 -2.93 -15.58 8.57
CA GLU A 49 -1.85 -15.46 9.55
C GLU A 49 -1.18 -14.09 9.47
N TYR A 50 -1.07 -13.56 8.26
CA TYR A 50 -0.45 -12.27 8.05
C TYR A 50 -1.34 -11.14 8.55
N ASN A 51 -0.76 -9.97 8.78
CA ASN A 51 -1.51 -8.82 9.28
C ASN A 51 -1.54 -7.70 8.23
N ARG A 52 -2.25 -6.63 8.54
CA ARG A 52 -2.35 -5.49 7.64
C ARG A 52 -0.98 -4.89 7.36
N ILE A 53 -0.17 -4.74 8.41
CA ILE A 53 1.16 -4.17 8.27
C ILE A 53 2.12 -5.15 7.59
N LYS A 54 1.85 -6.44 7.75
CA LYS A 54 2.69 -7.47 7.15
C LYS A 54 2.64 -7.40 5.63
N ILE A 55 1.43 -7.34 5.09
CA ILE A 55 1.25 -7.27 3.64
C ILE A 55 1.94 -6.02 3.06
N THR A 56 2.01 -4.96 3.86
CA THR A 56 2.65 -3.73 3.42
C THR A 56 4.16 -3.88 3.36
N ASP A 57 4.70 -4.74 4.22
CA ASP A 57 6.14 -4.98 4.26
C ASP A 57 6.63 -5.57 2.94
N LEU A 58 5.77 -6.35 2.29
CA LEU A 58 6.11 -6.98 1.03
C LEU A 58 5.87 -6.04 -0.14
N MET A 59 4.85 -5.20 -0.02
CA MET A 59 4.52 -4.24 -1.06
C MET A 59 5.67 -3.29 -1.32
N GLU A 60 6.45 -3.01 -0.28
CA GLU A 60 7.60 -2.11 -0.39
C GLU A 60 8.80 -2.84 -0.99
N LYS A 61 8.97 -4.09 -0.60
CA LYS A 61 10.09 -4.90 -1.09
C LYS A 61 9.88 -5.27 -2.56
N LYS A 62 8.72 -5.81 -2.87
CA LYS A 62 8.39 -6.20 -4.23
C LYS A 62 8.33 -4.99 -5.15
N PHE A 63 7.79 -3.89 -4.64
CA PHE A 63 7.67 -2.66 -5.42
C PHE A 63 8.19 -1.47 -4.62
N GLN A 64 9.20 -0.79 -5.16
CA GLN A 64 9.78 0.37 -4.49
C GLN A 64 9.35 1.66 -5.18
N GLY A 65 9.26 2.74 -4.41
CA GLY A 65 8.85 4.02 -4.96
C GLY A 65 7.35 4.16 -5.07
N VAL A 66 6.89 4.66 -6.21
CA VAL A 66 5.46 4.84 -6.45
C VAL A 66 4.80 3.54 -6.91
N ALA A 67 5.61 2.60 -7.40
CA ALA A 67 5.11 1.32 -7.87
C ALA A 67 4.26 0.63 -6.81
N CYS A 68 4.66 0.78 -5.54
CA CYS A 68 3.93 0.18 -4.44
C CYS A 68 2.51 0.72 -4.36
N LEU A 69 2.36 2.02 -4.58
CA LEU A 69 1.05 2.65 -4.53
C LEU A 69 0.27 2.41 -5.82
N ASP A 70 0.98 2.51 -6.95
CA ASP A 70 0.35 2.29 -8.25
C ASP A 70 -0.23 0.89 -8.35
N LYS A 71 0.39 -0.06 -7.67
CA LYS A 71 -0.08 -1.45 -7.68
C LYS A 71 -1.38 -1.59 -6.90
N LEU A 72 -1.45 -0.94 -5.74
CA LEU A 72 -2.64 -0.99 -4.91
C LEU A 72 -3.82 -0.32 -5.61
N ILE A 73 -3.55 0.79 -6.27
CA ILE A 73 -4.59 1.53 -6.98
C ILE A 73 -5.02 0.81 -8.25
N GLU A 74 -4.04 0.22 -8.94
CA GLU A 74 -4.31 -0.50 -10.18
C GLU A 74 -5.27 -1.66 -9.93
N LEU A 75 -5.10 -2.32 -8.79
CA LEU A 75 -5.95 -3.46 -8.43
C LEU A 75 -7.21 -2.99 -7.71
N ALA A 76 -7.08 -1.91 -6.94
CA ALA A 76 -8.21 -1.36 -6.21
C ALA A 76 -8.83 -0.18 -6.95
N LYS A 77 -8.76 -0.22 -8.27
CA LYS A 77 -9.31 0.85 -9.10
C LYS A 77 -10.80 0.64 -9.34
N ASP A 78 -11.19 -0.61 -9.55
CA ASP A 78 -12.59 -0.95 -9.79
C ASP A 78 -13.32 -1.21 -8.48
N MET A 79 -13.26 -0.25 -7.57
CA MET A 79 -13.91 -0.38 -6.28
C MET A 79 -14.61 0.93 -5.89
N PRO A 80 -15.89 1.09 -6.30
CA PRO A 80 -16.66 2.30 -6.00
C PRO A 80 -16.66 2.62 -4.51
N SER A 81 -16.61 1.59 -3.67
CA SER A 81 -16.60 1.77 -2.22
C SER A 81 -15.29 2.39 -1.76
N LEU A 82 -14.21 2.10 -2.49
CA LEU A 82 -12.90 2.64 -2.15
C LEU A 82 -12.59 3.89 -2.97
N LYS A 83 -13.63 4.66 -3.28
CA LYS A 83 -13.46 5.88 -4.06
C LYS A 83 -12.70 6.94 -3.26
N ASN A 84 -12.87 6.91 -1.94
CA ASN A 84 -12.19 7.87 -1.07
C ASN A 84 -10.75 7.43 -0.80
N LEU A 85 -10.52 6.13 -0.79
CA LEU A 85 -9.18 5.59 -0.55
C LEU A 85 -8.29 5.79 -1.77
N VAL A 86 -8.82 5.46 -2.94
CA VAL A 86 -8.07 5.60 -4.19
C VAL A 86 -7.69 7.06 -4.44
N ASN A 87 -8.59 7.97 -4.08
CA ASN A 87 -8.35 9.39 -4.27
C ASN A 87 -7.18 9.87 -3.41
N ASN A 88 -7.29 9.65 -2.11
CA ASN A 88 -6.24 10.05 -1.17
C ASN A 88 -4.92 9.36 -1.51
N LEU A 89 -5.01 8.15 -2.05
CA LEU A 89 -3.82 7.39 -2.41
C LEU A 89 -3.17 7.95 -3.66
N ARG A 90 -3.99 8.25 -4.67
CA ARG A 90 -3.49 8.81 -5.92
C ARG A 90 -3.05 10.25 -5.74
N LYS A 91 -3.87 11.04 -5.05
CA LYS A 91 -3.55 12.44 -4.81
C LYS A 91 -2.29 12.59 -3.96
N GLU A 92 -2.09 11.65 -3.04
CA GLU A 92 -0.93 11.67 -2.17
C GLU A 92 0.34 11.33 -2.95
N LYS A 93 0.27 10.29 -3.77
CA LYS A 93 1.41 9.86 -4.57
C LYS A 93 1.87 10.98 -5.51
N SER A 94 0.91 11.81 -5.94
CA SER A 94 1.20 12.91 -6.85
C SER A 94 1.73 14.11 -6.07
N LYS A 95 1.26 14.27 -4.85
CA LYS A 95 1.67 15.39 -4.00
C LYS A 95 3.14 15.26 -3.62
N VAL A 96 3.52 14.11 -3.07
CA VAL A 96 4.89 13.87 -2.67
C VAL A 96 5.79 13.67 -3.89
N ALA A 97 6.08 14.77 -4.58
CA ALA A 97 6.93 14.73 -5.76
C ALA A 97 7.80 15.97 -5.87
N SER A 98 8.19 16.51 -4.71
CA SER A 98 9.03 17.70 -4.66
C SER A 98 10.47 17.37 -5.04
N GLY A 99 11.13 18.30 -5.71
CA GLY A 99 12.51 18.09 -6.12
C GLY A 99 12.62 17.23 -7.36
N PRO A 100 11.90 17.58 -8.43
CA PRO A 100 11.93 16.81 -9.69
C PRO A 100 13.25 16.96 -10.43
N SER A 101 13.38 16.28 -11.56
CA SER A 101 14.60 16.34 -12.36
C SER A 101 14.42 17.24 -13.57
N SER A 102 13.55 18.25 -13.43
CA SER A 102 13.28 19.18 -14.50
C SER A 102 12.75 18.45 -15.74
N GLY A 103 11.44 18.40 -15.87
CA GLY A 103 10.83 17.73 -17.00
C GLY A 103 9.73 16.78 -16.60
N GLY A 1 25.30 13.90 16.78
CA GLY A 1 25.76 14.00 15.36
C GLY A 1 25.29 12.84 14.51
N SER A 2 25.05 11.71 15.14
CA SER A 2 24.58 10.51 14.43
C SER A 2 25.60 10.09 13.37
N SER A 3 26.37 9.07 13.68
CA SER A 3 27.38 8.56 12.75
C SER A 3 26.77 7.55 11.79
N GLY A 4 26.45 8.01 10.59
CA GLY A 4 25.85 7.14 9.59
C GLY A 4 24.47 7.59 9.16
N SER A 5 23.63 6.64 8.78
CA SER A 5 22.27 6.95 8.35
C SER A 5 21.39 7.30 9.54
N SER A 6 20.15 7.69 9.26
CA SER A 6 19.21 8.06 10.31
C SER A 6 18.03 7.08 10.35
N GLY A 7 17.43 6.84 9.19
CA GLY A 7 16.30 5.93 9.11
C GLY A 7 16.45 4.93 7.99
N MET A 8 15.33 4.30 7.62
CA MET A 8 15.33 3.31 6.55
C MET A 8 13.92 3.03 6.06
N VAL A 9 13.06 4.05 6.12
CA VAL A 9 11.68 3.92 5.69
C VAL A 9 11.37 4.89 4.55
N ASN A 10 10.33 4.57 3.79
CA ASN A 10 9.93 5.42 2.66
C ASN A 10 8.64 6.16 2.99
N GLU A 11 8.27 7.10 2.11
CA GLU A 11 7.06 7.90 2.31
C GLU A 11 5.84 7.12 1.84
N TYR A 12 5.99 6.36 0.77
CA TYR A 12 4.89 5.56 0.23
C TYR A 12 4.49 4.45 1.19
N LYS A 13 5.48 3.90 1.88
CA LYS A 13 5.25 2.82 2.83
C LYS A 13 4.31 3.28 3.95
N LYS A 14 4.41 4.57 4.29
CA LYS A 14 3.57 5.13 5.35
C LYS A 14 2.15 5.35 4.86
N ILE A 15 2.02 5.79 3.61
CA ILE A 15 0.70 6.03 3.02
C ILE A 15 0.01 4.72 2.68
N LEU A 16 0.79 3.72 2.27
CA LEU A 16 0.25 2.42 1.91
C LEU A 16 -0.35 1.73 3.13
N LEU A 17 0.15 2.07 4.31
CA LEU A 17 -0.35 1.48 5.55
C LEU A 17 -1.44 2.34 6.16
N LEU A 18 -1.13 3.62 6.37
CA LEU A 18 -2.09 4.56 6.95
C LEU A 18 -3.34 4.67 6.08
N LYS A 19 -3.19 5.27 4.91
CA LYS A 19 -4.31 5.44 3.98
C LYS A 19 -4.37 4.29 2.99
N GLY A 20 -4.26 3.06 3.49
CA GLY A 20 -4.30 1.89 2.62
C GLY A 20 -5.02 0.73 3.27
N PHE A 21 -4.27 -0.10 3.97
CA PHE A 21 -4.84 -1.27 4.65
C PHE A 21 -5.52 -0.87 5.95
N GLU A 22 -4.93 0.10 6.65
CA GLU A 22 -5.49 0.57 7.92
C GLU A 22 -6.90 1.12 7.71
N LEU A 23 -7.15 1.68 6.54
CA LEU A 23 -8.46 2.23 6.23
C LEU A 23 -9.18 1.40 5.17
N MET A 24 -9.00 0.08 5.25
CA MET A 24 -9.63 -0.83 4.30
C MET A 24 -10.58 -1.79 5.02
N ASP A 25 -11.75 -2.01 4.42
CA ASP A 25 -12.74 -2.90 5.00
C ASP A 25 -12.51 -4.34 4.56
N ASP A 26 -13.14 -5.28 5.24
CA ASP A 26 -13.01 -6.70 4.91
C ASP A 26 -13.44 -6.98 3.47
N TYR A 27 -14.36 -6.16 2.97
CA TYR A 27 -14.85 -6.31 1.61
C TYR A 27 -13.72 -6.20 0.59
N HIS A 28 -12.71 -5.41 0.93
CA HIS A 28 -11.56 -5.22 0.04
C HIS A 28 -10.30 -5.88 0.63
N PHE A 29 -10.22 -5.90 1.95
CA PHE A 29 -9.07 -6.49 2.63
C PHE A 29 -8.82 -7.92 2.16
N THR A 30 -9.88 -8.58 1.71
CA THR A 30 -9.78 -9.96 1.22
C THR A 30 -9.53 -9.99 -0.28
N SER A 31 -10.01 -8.96 -0.98
CA SER A 31 -9.84 -8.87 -2.42
C SER A 31 -8.40 -8.51 -2.78
N ILE A 32 -7.87 -7.49 -2.12
CA ILE A 32 -6.51 -7.04 -2.37
C ILE A 32 -5.49 -8.14 -2.07
N LYS A 33 -5.70 -8.84 -0.95
CA LYS A 33 -4.81 -9.92 -0.56
C LYS A 33 -4.82 -11.05 -1.59
N SER A 34 -6.01 -11.44 -2.01
CA SER A 34 -6.17 -12.50 -2.99
C SER A 34 -5.45 -12.15 -4.30
N LEU A 35 -5.54 -10.89 -4.69
CA LEU A 35 -4.90 -10.43 -5.91
C LEU A 35 -3.38 -10.36 -5.75
N LEU A 36 -2.94 -9.80 -4.63
CA LEU A 36 -1.51 -9.66 -4.35
C LEU A 36 -0.88 -11.03 -4.10
N ALA A 37 -1.69 -11.99 -3.65
CA ALA A 37 -1.20 -13.33 -3.37
C ALA A 37 -0.53 -13.95 -4.61
N TYR A 38 -1.00 -13.55 -5.78
CA TYR A 38 -0.45 -14.06 -7.03
C TYR A 38 0.95 -13.49 -7.29
N ASP A 39 1.16 -12.24 -6.86
CA ASP A 39 2.45 -11.58 -7.04
C ASP A 39 3.41 -11.96 -5.92
N LEU A 40 3.07 -11.57 -4.69
CA LEU A 40 3.89 -11.87 -3.53
C LEU A 40 4.04 -13.36 -3.33
N GLY A 41 2.95 -14.10 -3.57
CA GLY A 41 2.99 -15.54 -3.40
C GLY A 41 2.39 -15.98 -2.08
N LEU A 42 1.32 -15.33 -1.67
CA LEU A 42 0.67 -15.66 -0.40
C LEU A 42 -0.41 -16.74 -0.61
N THR A 43 -0.90 -17.30 0.49
CA THR A 43 -1.92 -18.34 0.42
C THR A 43 -3.00 -18.09 1.47
N THR A 44 -3.95 -19.03 1.55
CA THR A 44 -5.05 -18.92 2.51
C THR A 44 -4.53 -19.04 3.95
N LYS A 45 -3.41 -19.72 4.12
CA LYS A 45 -2.82 -19.89 5.44
C LYS A 45 -2.04 -18.65 5.86
N MET A 46 -1.48 -17.94 4.88
CA MET A 46 -0.72 -16.73 5.15
C MET A 46 -1.63 -15.51 5.18
N GLN A 47 -2.68 -15.54 4.37
CA GLN A 47 -3.62 -14.42 4.30
C GLN A 47 -4.26 -14.16 5.67
N GLU A 48 -4.36 -15.20 6.48
CA GLU A 48 -4.96 -15.09 7.80
C GLU A 48 -3.88 -14.89 8.86
N GLU A 49 -2.70 -15.45 8.62
CA GLU A 49 -1.59 -15.33 9.56
C GLU A 49 -0.89 -13.98 9.42
N TYR A 50 -0.90 -13.44 8.21
CA TYR A 50 -0.27 -12.15 7.94
C TYR A 50 -1.14 -10.99 8.41
N ASN A 51 -0.52 -9.88 8.74
CA ASN A 51 -1.23 -8.69 9.20
C ASN A 51 -1.16 -7.57 8.17
N ARG A 52 -1.82 -6.46 8.46
CA ARG A 52 -1.83 -5.31 7.55
C ARG A 52 -0.41 -4.82 7.29
N ILE A 53 0.32 -4.57 8.37
CA ILE A 53 1.70 -4.09 8.26
C ILE A 53 2.59 -5.11 7.57
N LYS A 54 2.26 -6.39 7.73
CA LYS A 54 3.03 -7.46 7.12
C LYS A 54 2.94 -7.39 5.60
N ILE A 55 1.73 -7.34 5.07
CA ILE A 55 1.51 -7.27 3.63
C ILE A 55 2.10 -5.99 3.05
N THR A 56 2.05 -4.92 3.82
CA THR A 56 2.59 -3.64 3.39
C THR A 56 4.10 -3.69 3.27
N ASP A 57 4.74 -4.42 4.18
CA ASP A 57 6.19 -4.56 4.18
C ASP A 57 6.66 -5.33 2.96
N LEU A 58 5.83 -6.24 2.48
CA LEU A 58 6.16 -7.04 1.31
C LEU A 58 5.86 -6.28 0.02
N MET A 59 4.80 -5.49 0.04
CA MET A 59 4.40 -4.70 -1.12
C MET A 59 5.51 -3.74 -1.52
N GLU A 60 6.22 -3.21 -0.52
CA GLU A 60 7.30 -2.26 -0.76
C GLU A 60 8.46 -2.94 -1.50
N LYS A 61 8.89 -4.09 -0.97
CA LYS A 61 9.98 -4.84 -1.58
C LYS A 61 9.61 -5.31 -2.98
N LYS A 62 8.37 -5.79 -3.13
CA LYS A 62 7.89 -6.27 -4.42
C LYS A 62 7.65 -5.11 -5.38
N PHE A 63 7.24 -3.96 -4.83
CA PHE A 63 6.99 -2.77 -5.64
C PHE A 63 7.65 -1.54 -5.03
N GLN A 64 8.98 -1.51 -5.08
CA GLN A 64 9.74 -0.39 -4.53
C GLN A 64 9.35 0.91 -5.22
N GLY A 65 9.13 1.95 -4.41
CA GLY A 65 8.76 3.25 -4.97
C GLY A 65 7.26 3.43 -5.04
N VAL A 66 6.82 4.35 -5.90
CA VAL A 66 5.40 4.62 -6.07
C VAL A 66 4.64 3.38 -6.51
N ALA A 67 5.37 2.41 -7.08
CA ALA A 67 4.76 1.17 -7.55
C ALA A 67 3.93 0.50 -6.45
N CYS A 68 4.39 0.63 -5.21
CA CYS A 68 3.69 0.04 -4.08
C CYS A 68 2.29 0.62 -3.94
N LEU A 69 2.15 1.91 -4.22
CA LEU A 69 0.85 2.58 -4.13
C LEU A 69 0.07 2.42 -5.43
N ASP A 70 0.77 2.52 -6.55
CA ASP A 70 0.14 2.39 -7.86
C ASP A 70 -0.54 1.04 -8.00
N LYS A 71 0.01 0.03 -7.34
CA LYS A 71 -0.55 -1.32 -7.40
C LYS A 71 -1.89 -1.38 -6.66
N LEU A 72 -1.93 -0.84 -5.45
CA LEU A 72 -3.15 -0.83 -4.66
C LEU A 72 -4.27 -0.09 -5.38
N ILE A 73 -3.90 0.91 -6.17
CA ILE A 73 -4.87 1.70 -6.92
C ILE A 73 -5.31 0.98 -8.19
N GLU A 74 -4.35 0.36 -8.87
CA GLU A 74 -4.64 -0.37 -10.10
C GLU A 74 -5.59 -1.54 -9.84
N LEU A 75 -5.52 -2.10 -8.63
CA LEU A 75 -6.38 -3.21 -8.27
C LEU A 75 -7.69 -2.71 -7.66
N ALA A 76 -7.64 -1.57 -7.00
CA ALA A 76 -8.82 -0.98 -6.37
C ALA A 76 -9.43 0.10 -7.26
N LYS A 77 -9.32 -0.09 -8.57
CA LYS A 77 -9.87 0.87 -9.53
C LYS A 77 -11.39 0.73 -9.63
N ASP A 78 -11.87 -0.49 -9.49
CA ASP A 78 -13.30 -0.76 -9.56
C ASP A 78 -13.90 -0.94 -8.16
N MET A 79 -13.44 -0.13 -7.22
CA MET A 79 -13.93 -0.21 -5.84
C MET A 79 -14.64 1.08 -5.44
N PRO A 80 -15.94 1.18 -5.79
CA PRO A 80 -16.75 2.37 -5.47
C PRO A 80 -16.70 2.72 -3.98
N SER A 81 -16.52 1.69 -3.16
CA SER A 81 -16.46 1.88 -1.71
C SER A 81 -15.14 2.54 -1.30
N LEU A 82 -14.08 2.27 -2.08
CA LEU A 82 -12.77 2.82 -1.79
C LEU A 82 -12.51 4.06 -2.65
N LYS A 83 -13.57 4.80 -2.97
CA LYS A 83 -13.46 6.00 -3.79
C LYS A 83 -12.54 7.02 -3.12
N ASN A 84 -12.53 7.02 -1.79
CA ASN A 84 -11.70 7.95 -1.03
C ASN A 84 -10.24 7.47 -0.99
N LEU A 85 -10.06 6.16 -1.02
CA LEU A 85 -8.73 5.57 -0.99
C LEU A 85 -8.01 5.78 -2.32
N VAL A 86 -8.70 5.49 -3.42
CA VAL A 86 -8.11 5.66 -4.74
C VAL A 86 -7.71 7.10 -5.00
N ASN A 87 -8.47 8.04 -4.43
CA ASN A 87 -8.19 9.45 -4.60
C ASN A 87 -6.96 9.87 -3.79
N ASN A 88 -6.98 9.55 -2.49
CA ASN A 88 -5.86 9.89 -1.61
C ASN A 88 -4.58 9.19 -2.06
N LEU A 89 -4.68 7.89 -2.31
CA LEU A 89 -3.53 7.11 -2.75
C LEU A 89 -2.94 7.68 -4.04
N ARG A 90 -3.80 8.21 -4.89
CA ARG A 90 -3.37 8.79 -6.16
C ARG A 90 -2.83 10.19 -5.97
N LYS A 91 -3.59 11.04 -5.28
CA LYS A 91 -3.19 12.41 -5.03
C LYS A 91 -1.90 12.46 -4.21
N GLU A 92 -1.86 11.69 -3.13
CA GLU A 92 -0.70 11.64 -2.26
C GLU A 92 0.53 11.17 -3.03
N LYS A 93 0.32 10.27 -3.99
CA LYS A 93 1.41 9.74 -4.80
C LYS A 93 2.12 10.86 -5.55
N SER A 94 1.35 11.80 -6.08
CA SER A 94 1.91 12.92 -6.83
C SER A 94 2.25 14.08 -5.89
N LYS A 95 1.62 14.11 -4.72
CA LYS A 95 1.86 15.17 -3.75
C LYS A 95 2.97 14.77 -2.77
N VAL A 96 4.06 14.23 -3.29
CA VAL A 96 5.18 13.81 -2.46
C VAL A 96 6.37 14.73 -2.64
N ALA A 97 6.46 15.35 -3.82
CA ALA A 97 7.56 16.26 -4.13
C ALA A 97 7.07 17.70 -4.24
N SER A 98 7.68 18.59 -3.47
CA SER A 98 7.30 20.00 -3.48
C SER A 98 8.50 20.88 -3.13
N GLY A 99 9.22 20.51 -2.07
CA GLY A 99 10.37 21.27 -1.66
C GLY A 99 10.28 21.70 -0.21
N PRO A 100 11.23 22.53 0.27
CA PRO A 100 11.25 23.01 1.65
C PRO A 100 10.12 23.99 1.94
N SER A 101 9.68 24.70 0.91
CA SER A 101 8.61 25.67 1.04
C SER A 101 7.65 25.60 -0.15
N SER A 102 6.48 25.00 0.09
CA SER A 102 5.47 24.86 -0.95
C SER A 102 4.67 26.14 -1.11
N GLY A 103 3.84 26.43 -0.12
CA GLY A 103 3.01 27.63 -0.16
C GLY A 103 2.00 27.60 -1.27
N GLY A 1 12.72 -6.97 9.36
CA GLY A 1 11.45 -6.94 10.15
C GLY A 1 11.69 -6.72 11.62
N SER A 2 11.87 -7.80 12.37
CA SER A 2 12.12 -7.71 13.81
C SER A 2 13.53 -7.20 14.09
N SER A 3 13.69 -6.56 15.24
CA SER A 3 15.00 -6.03 15.64
C SER A 3 15.49 -5.00 14.62
N GLY A 4 15.40 -3.73 14.98
CA GLY A 4 15.84 -2.67 14.09
C GLY A 4 17.35 -2.62 13.95
N SER A 5 17.82 -2.02 12.86
CA SER A 5 19.26 -1.91 12.61
C SER A 5 19.66 -0.45 12.42
N SER A 6 18.99 0.23 11.52
CA SER A 6 19.28 1.64 11.25
C SER A 6 18.00 2.46 11.20
N GLY A 7 17.02 2.00 10.42
CA GLY A 7 15.76 2.71 10.31
C GLY A 7 15.27 2.79 8.87
N MET A 8 15.41 3.97 8.27
CA MET A 8 14.98 4.17 6.89
C MET A 8 13.47 3.93 6.76
N VAL A 9 12.74 5.00 6.50
CA VAL A 9 11.28 4.91 6.34
C VAL A 9 10.82 5.65 5.09
N ASN A 10 10.50 4.90 4.04
CA ASN A 10 10.04 5.49 2.79
C ASN A 10 8.74 6.27 3.00
N GLU A 11 8.47 7.22 2.11
CA GLU A 11 7.28 8.04 2.19
C GLU A 11 6.07 7.31 1.62
N TYR A 12 6.30 6.53 0.57
CA TYR A 12 5.23 5.77 -0.07
C TYR A 12 4.69 4.70 0.86
N LYS A 13 5.57 4.11 1.65
CA LYS A 13 5.18 3.06 2.59
C LYS A 13 4.27 3.63 3.68
N LYS A 14 4.47 4.89 4.02
CA LYS A 14 3.67 5.55 5.05
C LYS A 14 2.25 5.80 4.54
N ILE A 15 2.12 6.05 3.25
CA ILE A 15 0.81 6.30 2.64
C ILE A 15 0.08 4.99 2.36
N LEU A 16 0.84 3.95 2.08
CA LEU A 16 0.26 2.63 1.79
C LEU A 16 -0.20 1.94 3.06
N LEU A 17 0.46 2.26 4.17
CA LEU A 17 0.12 1.67 5.46
C LEU A 17 -1.09 2.36 6.07
N LEU A 18 -0.93 3.64 6.38
CA LEU A 18 -2.01 4.42 6.98
C LEU A 18 -3.15 4.64 5.99
N LYS A 19 -2.79 5.11 4.79
CA LYS A 19 -3.78 5.36 3.75
C LYS A 19 -3.78 4.24 2.72
N GLY A 20 -4.05 3.03 3.18
CA GLY A 20 -4.07 1.89 2.28
C GLY A 20 -4.70 0.66 2.92
N PHE A 21 -4.04 0.12 3.94
CA PHE A 21 -4.56 -1.06 4.63
C PHE A 21 -5.18 -0.69 5.96
N GLU A 22 -4.56 0.27 6.65
CA GLU A 22 -5.06 0.72 7.94
C GLU A 22 -6.47 1.28 7.83
N LEU A 23 -6.78 1.87 6.67
CA LEU A 23 -8.10 2.44 6.44
C LEU A 23 -8.83 1.69 5.33
N MET A 24 -8.74 0.36 5.38
CA MET A 24 -9.40 -0.48 4.38
C MET A 24 -10.43 -1.40 5.02
N ASP A 25 -11.49 -1.71 4.28
CA ASP A 25 -12.55 -2.57 4.79
C ASP A 25 -12.28 -4.03 4.43
N ASP A 26 -12.91 -4.94 5.17
CA ASP A 26 -12.72 -6.36 4.93
C ASP A 26 -13.20 -6.76 3.53
N TYR A 27 -14.19 -6.01 3.02
CA TYR A 27 -14.74 -6.27 1.70
C TYR A 27 -13.64 -6.18 0.64
N HIS A 28 -12.65 -5.34 0.89
CA HIS A 28 -11.56 -5.16 -0.06
C HIS A 28 -10.26 -5.77 0.49
N PHE A 29 -10.13 -5.78 1.81
CA PHE A 29 -8.95 -6.34 2.46
C PHE A 29 -8.70 -7.78 2.02
N THR A 30 -9.78 -8.47 1.66
CA THR A 30 -9.67 -9.87 1.22
C THR A 30 -9.40 -9.94 -0.28
N SER A 31 -9.88 -8.94 -1.01
CA SER A 31 -9.69 -8.90 -2.47
C SER A 31 -8.24 -8.57 -2.82
N ILE A 32 -7.67 -7.60 -2.10
CA ILE A 32 -6.28 -7.20 -2.34
C ILE A 32 -5.31 -8.27 -1.88
N LYS A 33 -5.66 -8.97 -0.81
CA LYS A 33 -4.81 -10.03 -0.28
C LYS A 33 -4.77 -11.23 -1.22
N SER A 34 -5.88 -11.46 -1.92
CA SER A 34 -5.96 -12.57 -2.87
C SER A 34 -5.15 -12.29 -4.13
N LEU A 35 -5.32 -11.08 -4.67
CA LEU A 35 -4.60 -10.68 -5.88
C LEU A 35 -3.10 -10.58 -5.61
N LEU A 36 -2.75 -10.11 -4.42
CA LEU A 36 -1.35 -9.95 -4.04
C LEU A 36 -0.72 -11.30 -3.73
N ALA A 37 -1.54 -12.26 -3.30
CA ALA A 37 -1.06 -13.59 -2.97
C ALA A 37 -0.32 -14.22 -4.14
N TYR A 38 -0.75 -13.88 -5.35
CA TYR A 38 -0.13 -14.41 -6.56
C TYR A 38 1.26 -13.83 -6.76
N ASP A 39 1.39 -12.53 -6.56
CA ASP A 39 2.68 -11.85 -6.71
C ASP A 39 3.60 -12.15 -5.54
N LEU A 40 3.18 -11.75 -4.35
CA LEU A 40 3.97 -11.98 -3.13
C LEU A 40 4.15 -13.46 -2.88
N GLY A 41 3.11 -14.24 -3.15
CA GLY A 41 3.18 -15.68 -2.94
C GLY A 41 2.53 -16.11 -1.64
N LEU A 42 1.28 -15.70 -1.45
CA LEU A 42 0.55 -16.05 -0.23
C LEU A 42 -0.57 -17.03 -0.54
N THR A 43 -1.09 -17.68 0.51
CA THR A 43 -2.17 -18.64 0.34
C THR A 43 -3.29 -18.37 1.34
N THR A 44 -4.32 -19.21 1.31
CA THR A 44 -5.46 -19.06 2.21
C THR A 44 -5.03 -19.20 3.67
N LYS A 45 -3.93 -19.92 3.90
CA LYS A 45 -3.42 -20.12 5.25
C LYS A 45 -2.61 -18.91 5.71
N MET A 46 -1.88 -18.31 4.79
CA MET A 46 -1.07 -17.13 5.11
C MET A 46 -1.90 -15.86 5.09
N GLN A 47 -2.93 -15.85 4.26
CA GLN A 47 -3.82 -14.69 4.15
C GLN A 47 -4.43 -14.35 5.50
N GLU A 48 -4.64 -15.36 6.33
CA GLU A 48 -5.23 -15.15 7.64
C GLU A 48 -4.15 -15.00 8.71
N GLU A 49 -3.02 -15.66 8.48
CA GLU A 49 -1.89 -15.59 9.43
C GLU A 49 -1.21 -14.23 9.37
N TYR A 50 -1.09 -13.69 8.16
CA TYR A 50 -0.45 -12.39 7.97
C TYR A 50 -1.34 -11.26 8.50
N ASN A 51 -0.76 -10.08 8.67
CA ASN A 51 -1.49 -8.93 9.17
C ASN A 51 -1.40 -7.76 8.19
N ARG A 52 -1.98 -6.63 8.57
CA ARG A 52 -1.97 -5.44 7.72
C ARG A 52 -0.55 -4.99 7.42
N ILE A 53 0.18 -4.63 8.47
CA ILE A 53 1.57 -4.18 8.32
C ILE A 53 2.42 -5.21 7.58
N LYS A 54 2.01 -6.47 7.66
CA LYS A 54 2.75 -7.55 6.99
C LYS A 54 2.64 -7.42 5.48
N ILE A 55 1.42 -7.35 4.97
CA ILE A 55 1.18 -7.23 3.53
C ILE A 55 1.76 -5.93 3.00
N THR A 56 1.77 -4.89 3.84
CA THR A 56 2.30 -3.60 3.44
C THR A 56 3.81 -3.64 3.26
N ASP A 57 4.47 -4.50 4.04
CA ASP A 57 5.92 -4.65 3.96
C ASP A 57 6.33 -5.30 2.65
N LEU A 58 5.47 -6.18 2.13
CA LEU A 58 5.76 -6.86 0.88
C LEU A 58 5.40 -5.99 -0.33
N MET A 59 4.41 -5.14 -0.16
CA MET A 59 3.97 -4.25 -1.23
C MET A 59 5.05 -3.24 -1.57
N GLU A 60 5.75 -2.75 -0.53
CA GLU A 60 6.81 -1.77 -0.72
C GLU A 60 8.10 -2.45 -1.18
N LYS A 61 8.30 -3.69 -0.75
CA LYS A 61 9.50 -4.44 -1.12
C LYS A 61 9.41 -4.94 -2.56
N LYS A 62 8.25 -5.48 -2.92
CA LYS A 62 8.04 -5.99 -4.27
C LYS A 62 7.80 -4.85 -5.25
N PHE A 63 7.15 -3.78 -4.78
CA PHE A 63 6.86 -2.63 -5.62
C PHE A 63 7.47 -1.36 -5.03
N GLN A 64 8.80 -1.28 -5.05
CA GLN A 64 9.50 -0.11 -4.52
C GLN A 64 9.09 1.15 -5.25
N GLY A 65 9.15 2.28 -4.55
CA GLY A 65 8.78 3.54 -5.15
C GLY A 65 7.28 3.74 -5.23
N VAL A 66 6.82 4.42 -6.29
CA VAL A 66 5.41 4.67 -6.48
C VAL A 66 4.66 3.40 -6.91
N ALA A 67 5.41 2.38 -7.31
CA ALA A 67 4.82 1.12 -7.74
C ALA A 67 3.88 0.56 -6.69
N CYS A 68 4.29 0.64 -5.42
CA CYS A 68 3.47 0.14 -4.32
C CYS A 68 2.13 0.86 -4.27
N LEU A 69 2.15 2.17 -4.49
CA LEU A 69 0.93 2.97 -4.47
C LEU A 69 0.07 2.67 -5.69
N ASP A 70 0.68 2.71 -6.86
CA ASP A 70 -0.04 2.45 -8.11
C ASP A 70 -0.64 1.06 -8.10
N LYS A 71 0.03 0.13 -7.43
CA LYS A 71 -0.44 -1.25 -7.34
C LYS A 71 -1.76 -1.33 -6.57
N LEU A 72 -1.81 -0.64 -5.44
CA LEU A 72 -3.01 -0.64 -4.60
C LEU A 72 -4.17 0.04 -5.32
N ILE A 73 -3.86 1.09 -6.08
CA ILE A 73 -4.88 1.82 -6.83
C ILE A 73 -5.31 1.05 -8.06
N GLU A 74 -4.38 0.34 -8.68
CA GLU A 74 -4.66 -0.45 -9.87
C GLU A 74 -5.62 -1.59 -9.55
N LEU A 75 -5.35 -2.30 -8.46
CA LEU A 75 -6.19 -3.41 -8.04
C LEU A 75 -7.51 -2.91 -7.46
N ALA A 76 -7.45 -1.78 -6.77
CA ALA A 76 -8.64 -1.20 -6.16
C ALA A 76 -9.22 -0.09 -7.04
N LYS A 77 -9.01 -0.20 -8.34
CA LYS A 77 -9.50 0.78 -9.29
C LYS A 77 -10.97 0.52 -9.63
N ASP A 78 -11.36 -0.75 -9.58
CA ASP A 78 -12.74 -1.13 -9.88
C ASP A 78 -13.54 -1.32 -8.59
N MET A 79 -13.19 -0.56 -7.56
CA MET A 79 -13.88 -0.64 -6.28
C MET A 79 -14.52 0.69 -5.91
N PRO A 80 -15.73 0.96 -6.41
CA PRO A 80 -16.44 2.22 -6.12
C PRO A 80 -16.50 2.52 -4.63
N SER A 81 -16.45 1.47 -3.81
CA SER A 81 -16.51 1.63 -2.36
C SER A 81 -15.22 2.24 -1.84
N LEU A 82 -14.11 1.99 -2.53
CA LEU A 82 -12.81 2.51 -2.13
C LEU A 82 -12.47 3.76 -2.91
N LYS A 83 -13.48 4.57 -3.21
CA LYS A 83 -13.29 5.81 -3.96
C LYS A 83 -12.37 6.76 -3.19
N ASN A 84 -12.42 6.69 -1.87
CA ASN A 84 -11.60 7.54 -1.02
C ASN A 84 -10.15 7.08 -1.02
N LEU A 85 -9.94 5.78 -0.86
CA LEU A 85 -8.60 5.21 -0.84
C LEU A 85 -7.88 5.48 -2.15
N VAL A 86 -8.58 5.29 -3.26
CA VAL A 86 -8.00 5.51 -4.58
C VAL A 86 -7.57 6.96 -4.75
N ASN A 87 -8.42 7.88 -4.29
CA ASN A 87 -8.14 9.30 -4.40
C ASN A 87 -7.02 9.71 -3.44
N ASN A 88 -7.03 9.12 -2.25
CA ASN A 88 -6.01 9.42 -1.25
C ASN A 88 -4.66 8.85 -1.66
N LEU A 89 -4.67 7.68 -2.27
CA LEU A 89 -3.44 7.02 -2.71
C LEU A 89 -2.86 7.72 -3.94
N ARG A 90 -3.74 8.29 -4.76
CA ARG A 90 -3.32 8.99 -5.97
C ARG A 90 -2.93 10.43 -5.66
N LYS A 91 -3.68 11.07 -4.77
CA LYS A 91 -3.42 12.46 -4.40
C LYS A 91 -2.14 12.55 -3.58
N GLU A 92 -1.83 11.51 -2.82
CA GLU A 92 -0.63 11.48 -2.00
C GLU A 92 0.60 11.14 -2.83
N LYS A 93 0.43 10.24 -3.79
CA LYS A 93 1.53 9.83 -4.66
C LYS A 93 2.03 10.99 -5.50
N SER A 94 1.09 11.85 -5.94
CA SER A 94 1.44 13.00 -6.76
C SER A 94 1.98 14.14 -5.89
N LYS A 95 1.53 14.18 -4.64
CA LYS A 95 1.96 15.23 -3.71
C LYS A 95 3.43 15.06 -3.34
N VAL A 96 3.76 13.90 -2.77
CA VAL A 96 5.12 13.62 -2.37
C VAL A 96 6.06 13.50 -3.58
N ALA A 97 5.53 12.96 -4.67
CA ALA A 97 6.31 12.80 -5.89
C ALA A 97 5.58 13.41 -7.10
N SER A 98 6.34 14.08 -7.96
CA SER A 98 5.77 14.71 -9.14
C SER A 98 6.83 14.88 -10.23
N GLY A 99 6.42 15.40 -11.38
CA GLY A 99 7.35 15.60 -12.47
C GLY A 99 8.22 16.83 -12.27
N PRO A 100 9.03 17.21 -13.28
CA PRO A 100 9.92 18.38 -13.19
C PRO A 100 9.17 19.63 -12.76
N SER A 101 9.76 20.37 -11.82
CA SER A 101 9.16 21.60 -11.33
C SER A 101 9.05 22.65 -12.44
N SER A 102 7.82 23.12 -12.68
CA SER A 102 7.59 24.12 -13.71
C SER A 102 6.43 25.03 -13.33
N GLY A 103 6.74 26.13 -12.66
CA GLY A 103 5.71 27.06 -12.25
C GLY A 103 5.70 27.30 -10.75
N GLY A 1 24.78 2.80 -13.09
CA GLY A 1 23.72 1.80 -12.85
C GLY A 1 23.09 1.91 -11.47
N SER A 2 23.23 0.85 -10.67
CA SER A 2 22.69 0.84 -9.33
C SER A 2 23.77 1.11 -8.29
N SER A 3 23.37 1.38 -7.05
CA SER A 3 24.31 1.65 -5.97
C SER A 3 23.75 1.17 -4.63
N GLY A 4 22.63 1.75 -4.23
CA GLY A 4 22.02 1.37 -2.97
C GLY A 4 22.83 1.81 -1.76
N SER A 5 22.76 3.11 -1.45
CA SER A 5 23.49 3.66 -0.32
C SER A 5 23.00 5.06 0.00
N SER A 6 21.70 5.29 -0.18
CA SER A 6 21.10 6.59 0.09
C SER A 6 19.69 6.43 0.67
N GLY A 7 19.34 7.32 1.59
CA GLY A 7 18.03 7.27 2.20
C GLY A 7 17.98 6.30 3.37
N MET A 8 16.95 6.44 4.21
CA MET A 8 16.78 5.56 5.37
C MET A 8 15.35 5.07 5.48
N VAL A 9 14.42 6.01 5.64
CA VAL A 9 13.01 5.67 5.77
C VAL A 9 12.25 5.99 4.48
N ASN A 10 11.20 5.23 4.22
CA ASN A 10 10.38 5.42 3.03
C ASN A 10 9.12 6.22 3.34
N GLU A 11 8.87 7.25 2.54
CA GLU A 11 7.69 8.10 2.73
C GLU A 11 6.48 7.53 2.01
N TYR A 12 6.73 6.85 0.90
CA TYR A 12 5.66 6.25 0.11
C TYR A 12 5.06 5.04 0.83
N LYS A 13 5.92 4.31 1.54
CA LYS A 13 5.47 3.13 2.28
C LYS A 13 4.59 3.52 3.46
N LYS A 14 4.90 4.67 4.06
CA LYS A 14 4.13 5.16 5.20
C LYS A 14 2.69 5.47 4.80
N ILE A 15 2.54 6.24 3.73
CA ILE A 15 1.22 6.61 3.23
C ILE A 15 0.42 5.38 2.81
N LEU A 16 1.12 4.37 2.33
CA LEU A 16 0.49 3.13 1.88
C LEU A 16 -0.15 2.40 3.06
N LEU A 17 0.45 2.55 4.24
CA LEU A 17 -0.05 1.90 5.44
C LEU A 17 -1.17 2.71 6.07
N LEU A 18 -0.86 3.94 6.48
CA LEU A 18 -1.84 4.81 7.10
C LEU A 18 -3.01 5.07 6.16
N LYS A 19 -2.72 5.13 4.86
CA LYS A 19 -3.76 5.38 3.86
C LYS A 19 -3.75 4.28 2.80
N GLY A 20 -4.17 3.08 3.20
CA GLY A 20 -4.21 1.97 2.27
C GLY A 20 -4.89 0.75 2.86
N PHE A 21 -4.13 -0.09 3.53
CA PHE A 21 -4.67 -1.30 4.15
C PHE A 21 -5.38 -0.98 5.45
N GLU A 22 -4.90 0.05 6.15
CA GLU A 22 -5.49 0.46 7.41
C GLU A 22 -6.94 0.91 7.21
N LEU A 23 -7.23 1.47 6.05
CA LEU A 23 -8.57 1.94 5.74
C LEU A 23 -9.25 1.02 4.72
N MET A 24 -9.00 -0.27 4.86
CA MET A 24 -9.60 -1.26 3.96
C MET A 24 -10.66 -2.09 4.68
N ASP A 25 -11.67 -2.51 3.94
CA ASP A 25 -12.76 -3.32 4.52
C ASP A 25 -12.54 -4.80 4.24
N ASP A 26 -13.45 -5.63 4.73
CA ASP A 26 -13.36 -7.07 4.54
C ASP A 26 -13.54 -7.43 3.08
N TYR A 27 -14.36 -6.66 2.37
CA TYR A 27 -14.62 -6.90 0.96
C TYR A 27 -13.34 -6.84 0.15
N HIS A 28 -12.39 -6.04 0.61
CA HIS A 28 -11.11 -5.88 -0.07
C HIS A 28 -10.00 -6.62 0.68
N PHE A 29 -10.15 -6.73 1.99
CA PHE A 29 -9.16 -7.41 2.82
C PHE A 29 -8.92 -8.84 2.34
N THR A 30 -9.94 -9.42 1.72
CA THR A 30 -9.85 -10.78 1.21
C THR A 30 -9.71 -10.79 -0.32
N SER A 31 -10.30 -9.79 -0.95
CA SER A 31 -10.25 -9.67 -2.41
C SER A 31 -8.88 -9.21 -2.87
N ILE A 32 -8.38 -8.15 -2.24
CA ILE A 32 -7.07 -7.59 -2.59
C ILE A 32 -5.95 -8.57 -2.27
N LYS A 33 -6.00 -9.14 -1.07
CA LYS A 33 -4.99 -10.10 -0.63
C LYS A 33 -5.04 -11.36 -1.48
N SER A 34 -6.24 -11.70 -1.96
CA SER A 34 -6.42 -12.88 -2.80
C SER A 34 -5.67 -12.74 -4.12
N LEU A 35 -5.65 -11.52 -4.64
CA LEU A 35 -4.98 -11.24 -5.91
C LEU A 35 -3.49 -11.00 -5.69
N LEU A 36 -3.16 -10.31 -4.60
CA LEU A 36 -1.77 -10.01 -4.28
C LEU A 36 -1.02 -11.27 -3.90
N ALA A 37 -1.73 -12.26 -3.38
CA ALA A 37 -1.12 -13.52 -2.97
C ALA A 37 -0.37 -14.17 -4.14
N TYR A 38 -0.86 -13.93 -5.35
CA TYR A 38 -0.24 -14.49 -6.55
C TYR A 38 1.05 -13.75 -6.88
N ASP A 39 1.11 -12.47 -6.55
CA ASP A 39 2.29 -11.66 -6.81
C ASP A 39 3.32 -11.83 -5.70
N LEU A 40 2.91 -11.52 -4.47
CA LEU A 40 3.79 -11.64 -3.31
C LEU A 40 4.12 -13.11 -3.02
N GLY A 41 3.12 -13.97 -3.14
CA GLY A 41 3.31 -15.38 -2.88
C GLY A 41 2.65 -15.84 -1.60
N LEU A 42 1.49 -15.25 -1.30
CA LEU A 42 0.76 -15.61 -0.09
C LEU A 42 -0.26 -16.70 -0.37
N THR A 43 -0.94 -17.16 0.68
CA THR A 43 -1.94 -18.21 0.54
C THR A 43 -3.15 -17.93 1.42
N THR A 44 -4.11 -18.85 1.42
CA THR A 44 -5.32 -18.70 2.23
C THR A 44 -5.00 -18.79 3.72
N LYS A 45 -3.96 -19.52 4.06
CA LYS A 45 -3.55 -19.70 5.45
C LYS A 45 -2.74 -18.49 5.92
N MET A 46 -1.89 -17.96 5.04
CA MET A 46 -1.07 -16.82 5.37
C MET A 46 -1.88 -15.53 5.37
N GLN A 47 -2.92 -15.50 4.54
CA GLN A 47 -3.79 -14.32 4.44
C GLN A 47 -4.45 -14.02 5.79
N GLU A 48 -4.69 -15.07 6.57
CA GLU A 48 -5.32 -14.91 7.88
C GLU A 48 -4.29 -14.54 8.94
N GLU A 49 -3.11 -15.16 8.85
CA GLU A 49 -2.04 -14.89 9.80
C GLU A 49 -1.42 -13.52 9.55
N TYR A 50 -1.16 -13.21 8.29
CA TYR A 50 -0.56 -11.93 7.92
C TYR A 50 -1.46 -10.77 8.36
N ASN A 51 -0.88 -9.57 8.39
CA ASN A 51 -1.63 -8.39 8.78
C ASN A 51 -1.41 -7.25 7.78
N ARG A 52 -2.00 -6.10 8.07
CA ARG A 52 -1.88 -4.94 7.19
C ARG A 52 -0.42 -4.53 7.03
N ILE A 53 0.23 -4.20 8.14
CA ILE A 53 1.63 -3.79 8.12
C ILE A 53 2.50 -4.85 7.45
N LYS A 54 2.09 -6.11 7.53
CA LYS A 54 2.83 -7.20 6.93
C LYS A 54 2.84 -7.09 5.41
N ILE A 55 1.66 -7.00 4.82
CA ILE A 55 1.53 -6.89 3.38
C ILE A 55 2.21 -5.62 2.86
N THR A 56 2.20 -4.57 3.69
CA THR A 56 2.81 -3.31 3.31
C THR A 56 4.33 -3.44 3.21
N ASP A 57 4.90 -4.34 4.01
CA ASP A 57 6.33 -4.57 4.00
C ASP A 57 6.76 -5.32 2.75
N LEU A 58 5.92 -6.26 2.30
CA LEU A 58 6.21 -7.04 1.12
C LEU A 58 5.90 -6.25 -0.15
N MET A 59 4.85 -5.45 -0.10
CA MET A 59 4.45 -4.64 -1.25
C MET A 59 5.54 -3.64 -1.62
N GLU A 60 6.29 -3.20 -0.62
CA GLU A 60 7.37 -2.24 -0.84
C GLU A 60 8.60 -2.94 -1.40
N LYS A 61 8.93 -4.10 -0.84
CA LYS A 61 10.09 -4.86 -1.28
C LYS A 61 9.91 -5.35 -2.71
N LYS A 62 8.69 -5.81 -3.02
CA LYS A 62 8.39 -6.32 -4.36
C LYS A 62 8.18 -5.16 -5.33
N PHE A 63 7.50 -4.12 -4.87
CA PHE A 63 7.22 -2.96 -5.70
C PHE A 63 7.74 -1.68 -5.04
N GLN A 64 9.04 -1.44 -5.18
CA GLN A 64 9.66 -0.26 -4.60
C GLN A 64 9.26 1.00 -5.36
N GLY A 65 9.07 2.10 -4.63
CA GLY A 65 8.68 3.34 -5.26
C GLY A 65 7.17 3.52 -5.32
N VAL A 66 6.71 4.46 -6.14
CA VAL A 66 5.28 4.73 -6.29
C VAL A 66 4.52 3.48 -6.72
N ALA A 67 5.24 2.52 -7.32
CA ALA A 67 4.63 1.29 -7.79
C ALA A 67 3.83 0.61 -6.68
N CYS A 68 4.25 0.82 -5.44
CA CYS A 68 3.56 0.21 -4.30
C CYS A 68 2.17 0.82 -4.12
N LEU A 69 2.03 2.09 -4.49
CA LEU A 69 0.75 2.78 -4.37
C LEU A 69 -0.13 2.50 -5.58
N ASP A 70 0.46 2.51 -6.77
CA ASP A 70 -0.28 2.26 -8.00
C ASP A 70 -0.93 0.88 -7.97
N LYS A 71 -0.23 -0.08 -7.37
CA LYS A 71 -0.74 -1.44 -7.27
C LYS A 71 -2.06 -1.49 -6.50
N LEU A 72 -2.15 -0.71 -5.43
CA LEU A 72 -3.35 -0.65 -4.61
C LEU A 72 -4.46 0.10 -5.34
N ILE A 73 -4.07 1.09 -6.15
CA ILE A 73 -5.03 1.88 -6.91
C ILE A 73 -5.51 1.14 -8.14
N GLU A 74 -4.61 0.41 -8.78
CA GLU A 74 -4.94 -0.35 -9.97
C GLU A 74 -5.94 -1.47 -9.66
N LEU A 75 -5.64 -2.24 -8.62
CA LEU A 75 -6.51 -3.34 -8.21
C LEU A 75 -7.84 -2.81 -7.69
N ALA A 76 -7.77 -1.81 -6.82
CA ALA A 76 -8.98 -1.22 -6.24
C ALA A 76 -9.44 -0.01 -7.06
N LYS A 77 -9.56 -0.20 -8.37
CA LYS A 77 -10.00 0.86 -9.25
C LYS A 77 -11.53 0.91 -9.35
N ASP A 78 -12.13 -0.24 -9.61
CA ASP A 78 -13.58 -0.33 -9.73
C ASP A 78 -14.20 -0.72 -8.39
N MET A 79 -13.80 -0.03 -7.33
CA MET A 79 -14.31 -0.31 -6.00
C MET A 79 -14.92 0.95 -5.38
N PRO A 80 -16.27 1.00 -5.24
CA PRO A 80 -16.96 2.15 -4.66
C PRO A 80 -16.67 2.31 -3.18
N SER A 81 -16.37 1.21 -2.51
CA SER A 81 -16.07 1.24 -1.09
C SER A 81 -14.74 1.92 -0.82
N LEU A 82 -13.81 1.80 -1.77
CA LEU A 82 -12.49 2.41 -1.64
C LEU A 82 -12.35 3.59 -2.58
N LYS A 83 -13.46 4.27 -2.87
CA LYS A 83 -13.45 5.42 -3.77
C LYS A 83 -12.55 6.52 -3.23
N ASN A 84 -12.63 6.77 -1.93
CA ASN A 84 -11.81 7.80 -1.29
C ASN A 84 -10.36 7.36 -1.20
N LEU A 85 -10.14 6.05 -1.05
CA LEU A 85 -8.80 5.50 -0.94
C LEU A 85 -8.02 5.71 -2.25
N VAL A 86 -8.69 5.47 -3.37
CA VAL A 86 -8.06 5.63 -4.68
C VAL A 86 -7.56 7.06 -4.88
N ASN A 87 -8.26 8.01 -4.27
CA ASN A 87 -7.89 9.42 -4.39
C ASN A 87 -6.79 9.78 -3.40
N ASN A 88 -6.94 9.31 -2.16
CA ASN A 88 -5.96 9.59 -1.11
C ASN A 88 -4.58 9.05 -1.51
N LEU A 89 -4.57 7.97 -2.28
CA LEU A 89 -3.31 7.36 -2.72
C LEU A 89 -2.69 8.17 -3.85
N ARG A 90 -3.50 8.51 -4.84
CA ARG A 90 -3.03 9.28 -5.99
C ARG A 90 -2.70 10.71 -5.59
N LYS A 91 -3.53 11.28 -4.71
CA LYS A 91 -3.33 12.65 -4.24
C LYS A 91 -2.04 12.77 -3.44
N GLU A 92 -1.79 11.81 -2.56
CA GLU A 92 -0.59 11.80 -1.73
C GLU A 92 0.64 11.43 -2.56
N LYS A 93 0.46 10.50 -3.48
CA LYS A 93 1.56 10.05 -4.34
C LYS A 93 2.12 11.21 -5.15
N SER A 94 1.25 12.10 -5.59
CA SER A 94 1.66 13.26 -6.37
C SER A 94 2.03 14.43 -5.47
N LYS A 95 1.37 14.52 -4.32
CA LYS A 95 1.61 15.60 -3.38
C LYS A 95 2.51 15.11 -2.23
N VAL A 96 3.66 14.54 -2.58
CA VAL A 96 4.60 14.03 -1.59
C VAL A 96 5.46 15.15 -1.03
N ALA A 97 5.83 16.10 -1.89
CA ALA A 97 6.66 17.23 -1.49
C ALA A 97 8.02 16.75 -1.00
N SER A 98 9.08 17.22 -1.66
CA SER A 98 10.44 16.85 -1.29
C SER A 98 11.31 18.09 -1.15
N GLY A 99 11.24 18.71 0.03
CA GLY A 99 12.04 19.90 0.27
C GLY A 99 12.97 19.75 1.45
N PRO A 100 13.65 20.82 1.86
CA PRO A 100 14.59 20.78 3.00
C PRO A 100 13.96 20.19 4.25
N SER A 101 14.46 19.02 4.66
CA SER A 101 13.94 18.35 5.85
C SER A 101 14.59 18.89 7.12
N SER A 102 13.76 19.44 8.00
CA SER A 102 14.25 20.00 9.26
C SER A 102 13.84 19.13 10.44
N GLY A 103 12.69 18.50 10.32
CA GLY A 103 12.20 17.64 11.39
C GLY A 103 11.90 16.23 10.91
N GLY A 1 28.83 -4.53 15.39
CA GLY A 1 28.30 -4.00 16.68
C GLY A 1 26.88 -4.47 16.95
N SER A 2 26.00 -4.29 15.98
CA SER A 2 24.60 -4.70 16.12
C SER A 2 24.00 -5.06 14.76
N SER A 3 24.23 -4.21 13.77
CA SER A 3 23.71 -4.45 12.43
C SER A 3 22.19 -4.52 12.44
N GLY A 4 21.57 -3.72 13.30
CA GLY A 4 20.13 -3.71 13.39
C GLY A 4 19.62 -2.99 14.63
N SER A 5 19.33 -1.70 14.49
CA SER A 5 18.84 -0.90 15.61
C SER A 5 17.91 0.21 15.12
N SER A 6 18.41 1.01 14.18
CA SER A 6 17.62 2.12 13.63
C SER A 6 16.57 1.59 12.64
N GLY A 7 17.04 1.21 11.46
CA GLY A 7 16.14 0.70 10.44
C GLY A 7 15.99 1.64 9.26
N MET A 8 14.78 1.74 8.74
CA MET A 8 14.51 2.62 7.60
C MET A 8 13.02 2.87 7.45
N VAL A 9 12.65 4.12 7.19
CA VAL A 9 11.24 4.48 7.02
C VAL A 9 11.03 5.21 5.70
N ASN A 10 10.32 4.56 4.78
CA ASN A 10 10.05 5.15 3.47
C ASN A 10 8.81 6.04 3.53
N GLU A 11 8.66 6.90 2.53
CA GLU A 11 7.52 7.80 2.46
C GLU A 11 6.32 7.12 1.80
N TYR A 12 6.55 6.51 0.65
CA TYR A 12 5.50 5.83 -0.09
C TYR A 12 4.88 4.72 0.75
N LYS A 13 5.70 4.11 1.62
CA LYS A 13 5.23 3.04 2.49
C LYS A 13 4.30 3.56 3.57
N LYS A 14 4.58 4.78 4.04
CA LYS A 14 3.77 5.41 5.08
C LYS A 14 2.36 5.69 4.57
N ILE A 15 2.26 6.11 3.32
CA ILE A 15 0.98 6.42 2.70
C ILE A 15 0.20 5.14 2.39
N LEU A 16 0.92 4.09 2.03
CA LEU A 16 0.30 2.82 1.70
C LEU A 16 -0.16 2.09 2.96
N LEU A 17 0.50 2.38 4.09
CA LEU A 17 0.15 1.75 5.35
C LEU A 17 -1.05 2.44 5.99
N LEU A 18 -0.87 3.69 6.39
CA LEU A 18 -1.93 4.47 7.02
C LEU A 18 -3.08 4.70 6.05
N LYS A 19 -2.77 5.27 4.89
CA LYS A 19 -3.77 5.54 3.87
C LYS A 19 -3.84 4.41 2.84
N GLY A 20 -4.06 3.20 3.33
CA GLY A 20 -4.15 2.05 2.45
C GLY A 20 -4.84 0.87 3.10
N PHE A 21 -4.08 0.06 3.81
CA PHE A 21 -4.61 -1.11 4.49
C PHE A 21 -5.19 -0.75 5.85
N GLU A 22 -4.62 0.27 6.48
CA GLU A 22 -5.08 0.73 7.78
C GLU A 22 -6.54 1.15 7.73
N LEU A 23 -6.97 1.65 6.57
CA LEU A 23 -8.34 2.10 6.39
C LEU A 23 -9.04 1.29 5.29
N MET A 24 -8.91 -0.03 5.37
CA MET A 24 -9.52 -0.91 4.40
C MET A 24 -10.63 -1.75 5.03
N ASP A 25 -11.56 -2.23 4.20
CA ASP A 25 -12.66 -3.04 4.69
C ASP A 25 -12.47 -4.51 4.30
N ASP A 26 -13.17 -5.40 5.00
CA ASP A 26 -13.08 -6.83 4.73
C ASP A 26 -13.50 -7.14 3.30
N TYR A 27 -14.39 -6.32 2.75
CA TYR A 27 -14.88 -6.50 1.39
C TYR A 27 -13.72 -6.50 0.40
N HIS A 28 -12.69 -5.72 0.69
CA HIS A 28 -11.53 -5.62 -0.18
C HIS A 28 -10.31 -6.29 0.46
N PHE A 29 -10.30 -6.33 1.79
CA PHE A 29 -9.18 -6.94 2.52
C PHE A 29 -8.89 -8.35 2.02
N THR A 30 -9.92 -9.01 1.48
CA THR A 30 -9.77 -10.35 0.96
C THR A 30 -9.46 -10.34 -0.54
N SER A 31 -9.96 -9.32 -1.22
CA SER A 31 -9.73 -9.18 -2.66
C SER A 31 -8.31 -8.72 -2.95
N ILE A 32 -7.86 -7.73 -2.20
CA ILE A 32 -6.51 -7.19 -2.38
C ILE A 32 -5.46 -8.22 -2.00
N LYS A 33 -5.75 -9.02 -0.98
CA LYS A 33 -4.82 -10.04 -0.52
C LYS A 33 -4.72 -11.18 -1.53
N SER A 34 -5.82 -11.43 -2.24
CA SER A 34 -5.86 -12.50 -3.23
C SER A 34 -5.02 -12.12 -4.46
N LEU A 35 -5.22 -10.92 -4.97
CA LEU A 35 -4.48 -10.45 -6.13
C LEU A 35 -3.00 -10.29 -5.80
N LEU A 36 -2.70 -9.97 -4.55
CA LEU A 36 -1.32 -9.80 -4.11
C LEU A 36 -0.64 -11.15 -3.89
N ALA A 37 -1.45 -12.16 -3.56
CA ALA A 37 -0.92 -13.49 -3.31
C ALA A 37 -0.14 -14.01 -4.51
N TYR A 38 -0.53 -13.57 -5.71
CA TYR A 38 0.15 -13.98 -6.93
C TYR A 38 1.53 -13.35 -7.04
N ASP A 39 1.66 -12.14 -6.50
CA ASP A 39 2.94 -11.43 -6.54
C ASP A 39 3.78 -11.76 -5.31
N LEU A 40 3.26 -11.43 -4.14
CA LEU A 40 3.96 -11.69 -2.89
C LEU A 40 4.20 -13.18 -2.69
N GLY A 41 3.27 -13.98 -3.21
CA GLY A 41 3.39 -15.43 -3.07
C GLY A 41 2.70 -15.96 -1.84
N LEU A 42 1.64 -15.27 -1.40
CA LEU A 42 0.90 -15.68 -0.21
C LEU A 42 -0.19 -16.69 -0.58
N THR A 43 -0.86 -17.22 0.43
CA THR A 43 -1.93 -18.19 0.21
C THR A 43 -3.10 -17.93 1.16
N THR A 44 -4.11 -18.79 1.08
CA THR A 44 -5.30 -18.66 1.92
C THR A 44 -4.94 -18.86 3.39
N LYS A 45 -3.83 -19.52 3.65
CA LYS A 45 -3.38 -19.77 5.02
C LYS A 45 -2.67 -18.54 5.60
N MET A 46 -1.72 -18.02 4.84
CA MET A 46 -0.97 -16.85 5.27
C MET A 46 -1.86 -15.61 5.32
N GLN A 47 -2.86 -15.57 4.44
CA GLN A 47 -3.79 -14.45 4.38
C GLN A 47 -4.48 -14.23 5.73
N GLU A 48 -4.64 -15.31 6.48
CA GLU A 48 -5.29 -15.23 7.80
C GLU A 48 -4.26 -15.00 8.90
N GLU A 49 -3.09 -15.60 8.76
CA GLU A 49 -2.02 -15.46 9.75
C GLU A 49 -1.36 -14.09 9.64
N TYR A 50 -1.34 -13.54 8.42
CA TYR A 50 -0.72 -12.24 8.19
C TYR A 50 -1.63 -11.12 8.65
N ASN A 51 -1.04 -9.95 8.94
CA ASN A 51 -1.80 -8.80 9.39
C ASN A 51 -1.84 -7.72 8.31
N ARG A 52 -2.27 -6.52 8.70
CA ARG A 52 -2.35 -5.41 7.76
C ARG A 52 -0.97 -4.90 7.40
N ILE A 53 -0.23 -4.41 8.39
CA ILE A 53 1.11 -3.89 8.17
C ILE A 53 2.03 -4.96 7.61
N LYS A 54 1.74 -6.22 7.91
CA LYS A 54 2.55 -7.33 7.43
C LYS A 54 2.61 -7.35 5.92
N ILE A 55 1.45 -7.24 5.28
CA ILE A 55 1.38 -7.24 3.81
C ILE A 55 2.06 -6.01 3.23
N THR A 56 2.02 -4.91 3.98
CA THR A 56 2.64 -3.67 3.53
C THR A 56 4.15 -3.82 3.41
N ASP A 57 4.75 -4.59 4.32
CA ASP A 57 6.18 -4.82 4.31
C ASP A 57 6.61 -5.58 3.06
N LEU A 58 5.72 -6.43 2.56
CA LEU A 58 6.01 -7.23 1.37
C LEU A 58 5.72 -6.42 0.11
N MET A 59 4.70 -5.58 0.17
CA MET A 59 4.32 -4.75 -0.98
C MET A 59 5.45 -3.81 -1.37
N GLU A 60 6.07 -3.18 -0.38
CA GLU A 60 7.17 -2.25 -0.62
C GLU A 60 8.38 -2.98 -1.17
N LYS A 61 8.68 -4.15 -0.61
CA LYS A 61 9.81 -4.94 -1.04
C LYS A 61 9.67 -5.34 -2.52
N LYS A 62 8.52 -5.88 -2.86
CA LYS A 62 8.25 -6.29 -4.24
C LYS A 62 8.19 -5.09 -5.17
N PHE A 63 7.52 -4.02 -4.71
CA PHE A 63 7.40 -2.81 -5.51
C PHE A 63 7.98 -1.61 -4.76
N GLN A 64 9.02 -1.01 -5.35
CA GLN A 64 9.67 0.14 -4.74
C GLN A 64 9.32 1.42 -5.48
N GLY A 65 9.04 2.48 -4.73
CA GLY A 65 8.69 3.75 -5.33
C GLY A 65 7.19 3.98 -5.36
N VAL A 66 6.66 4.28 -6.54
CA VAL A 66 5.24 4.54 -6.71
C VAL A 66 4.49 3.25 -7.06
N ALA A 67 5.21 2.28 -7.62
CA ALA A 67 4.60 1.00 -7.99
C ALA A 67 3.88 0.36 -6.82
N CYS A 68 4.41 0.56 -5.62
CA CYS A 68 3.81 0.00 -4.41
C CYS A 68 2.39 0.53 -4.21
N LEU A 69 2.20 1.81 -4.51
CA LEU A 69 0.88 2.44 -4.37
C LEU A 69 0.05 2.25 -5.62
N ASP A 70 0.70 2.34 -6.79
CA ASP A 70 0.02 2.17 -8.06
C ASP A 70 -0.64 0.79 -8.16
N LYS A 71 -0.02 -0.20 -7.55
CA LYS A 71 -0.53 -1.57 -7.57
C LYS A 71 -1.84 -1.65 -6.80
N LEU A 72 -1.89 -1.02 -5.63
CA LEU A 72 -3.09 -1.03 -4.80
C LEU A 72 -4.21 -0.23 -5.45
N ILE A 73 -3.86 0.91 -6.03
CA ILE A 73 -4.84 1.77 -6.70
C ILE A 73 -5.36 1.12 -7.97
N GLU A 74 -4.49 0.38 -8.64
CA GLU A 74 -4.85 -0.29 -9.89
C GLU A 74 -5.80 -1.46 -9.63
N LEU A 75 -5.64 -2.09 -8.46
CA LEU A 75 -6.49 -3.22 -8.08
C LEU A 75 -7.77 -2.73 -7.41
N ALA A 76 -7.66 -1.66 -6.65
CA ALA A 76 -8.81 -1.09 -5.96
C ALA A 76 -9.40 0.09 -6.73
N LYS A 77 -9.29 0.03 -8.05
CA LYS A 77 -9.82 1.08 -8.91
C LYS A 77 -11.35 1.08 -8.91
N ASP A 78 -11.93 -0.06 -9.25
CA ASP A 78 -13.37 -0.20 -9.29
C ASP A 78 -13.93 -0.55 -7.92
N MET A 79 -13.65 0.31 -6.95
CA MET A 79 -14.12 0.09 -5.58
C MET A 79 -14.82 1.33 -5.04
N PRO A 80 -16.15 1.45 -5.30
CA PRO A 80 -16.94 2.59 -4.84
C PRO A 80 -16.78 2.86 -3.35
N SER A 81 -16.59 1.78 -2.58
CA SER A 81 -16.42 1.89 -1.14
C SER A 81 -15.08 2.52 -0.80
N LEU A 82 -14.08 2.28 -1.65
CA LEU A 82 -12.74 2.82 -1.43
C LEU A 82 -12.51 4.04 -2.31
N LYS A 83 -13.57 4.79 -2.57
CA LYS A 83 -13.48 5.99 -3.40
C LYS A 83 -12.59 7.04 -2.74
N ASN A 84 -12.63 7.09 -1.42
CA ASN A 84 -11.83 8.05 -0.66
C ASN A 84 -10.39 7.56 -0.52
N LEU A 85 -10.23 6.25 -0.45
CA LEU A 85 -8.90 5.65 -0.31
C LEU A 85 -8.08 5.84 -1.58
N VAL A 86 -8.70 5.57 -2.72
CA VAL A 86 -8.02 5.71 -4.00
C VAL A 86 -7.67 7.17 -4.29
N ASN A 87 -8.52 8.07 -3.80
CA ASN A 87 -8.31 9.50 -4.01
C ASN A 87 -7.07 9.98 -3.26
N ASN A 88 -7.03 9.69 -1.95
CA ASN A 88 -5.92 10.10 -1.11
C ASN A 88 -4.61 9.48 -1.61
N LEU A 89 -4.66 8.19 -1.94
CA LEU A 89 -3.48 7.48 -2.43
C LEU A 89 -3.02 8.05 -3.78
N ARG A 90 -3.98 8.46 -4.59
CA ARG A 90 -3.68 9.02 -5.90
C ARG A 90 -3.21 10.47 -5.78
N LYS A 91 -3.77 11.19 -4.82
CA LYS A 91 -3.42 12.59 -4.60
C LYS A 91 -2.04 12.70 -3.97
N GLU A 92 -1.68 11.73 -3.16
CA GLU A 92 -0.38 11.72 -2.50
C GLU A 92 0.74 11.47 -3.49
N LYS A 93 0.69 10.32 -4.15
CA LYS A 93 1.70 9.95 -5.14
C LYS A 93 1.80 11.01 -6.24
N SER A 94 0.68 11.65 -6.53
CA SER A 94 0.65 12.68 -7.57
C SER A 94 1.50 13.89 -7.16
N LYS A 95 1.61 14.12 -5.87
CA LYS A 95 2.40 15.23 -5.35
C LYS A 95 3.84 14.82 -5.11
N VAL A 96 4.03 13.60 -4.63
CA VAL A 96 5.37 13.08 -4.37
C VAL A 96 6.22 13.08 -5.63
N ALA A 97 5.81 12.31 -6.63
CA ALA A 97 6.53 12.22 -7.88
C ALA A 97 7.94 11.69 -7.67
N SER A 98 8.75 11.72 -8.73
CA SER A 98 10.12 11.23 -8.64
C SER A 98 11.00 12.20 -7.86
N GLY A 99 11.42 11.78 -6.68
CA GLY A 99 12.26 12.62 -5.84
C GLY A 99 12.97 11.84 -4.75
N PRO A 100 14.07 12.38 -4.21
CA PRO A 100 14.84 11.72 -3.15
C PRO A 100 14.09 11.69 -1.82
N SER A 101 14.15 10.55 -1.13
CA SER A 101 13.47 10.39 0.15
C SER A 101 14.49 10.32 1.29
N SER A 102 15.01 11.48 1.69
CA SER A 102 15.99 11.54 2.77
C SER A 102 17.23 10.72 2.42
N GLY A 103 17.55 10.65 1.14
CA GLY A 103 18.71 9.91 0.69
C GLY A 103 19.27 10.42 -0.62
N GLY A 1 12.67 3.92 15.04
CA GLY A 1 11.56 4.86 14.69
C GLY A 1 10.19 4.29 14.99
N SER A 2 9.33 5.10 15.59
CA SER A 2 7.99 4.67 15.94
C SER A 2 7.04 5.87 16.05
N SER A 3 7.49 6.90 16.74
CA SER A 3 6.69 8.10 16.93
C SER A 3 6.50 8.84 15.61
N GLY A 4 7.59 9.40 15.10
CA GLY A 4 7.52 10.13 13.84
C GLY A 4 8.87 10.65 13.40
N SER A 5 8.98 11.97 13.26
CA SER A 5 10.23 12.60 12.86
C SER A 5 10.65 12.12 11.47
N SER A 6 9.67 11.85 10.61
CA SER A 6 9.94 11.39 9.26
C SER A 6 10.70 10.06 9.28
N GLY A 7 10.79 9.41 8.13
CA GLY A 7 11.49 8.15 8.04
C GLY A 7 12.74 8.23 7.18
N MET A 8 13.77 7.47 7.55
CA MET A 8 15.02 7.46 6.80
C MET A 8 15.08 6.26 5.86
N VAL A 9 13.92 5.83 5.38
CA VAL A 9 13.84 4.69 4.47
C VAL A 9 12.95 4.99 3.27
N ASN A 10 11.66 5.17 3.53
CA ASN A 10 10.70 5.47 2.48
C ASN A 10 9.52 6.27 3.02
N GLU A 11 8.91 7.07 2.16
CA GLU A 11 7.78 7.90 2.55
C GLU A 11 6.47 7.34 1.96
N TYR A 12 6.58 6.74 0.79
CA TYR A 12 5.42 6.17 0.12
C TYR A 12 4.80 5.05 0.96
N LYS A 13 5.65 4.33 1.68
CA LYS A 13 5.19 3.23 2.52
C LYS A 13 4.23 3.73 3.59
N LYS A 14 4.55 4.87 4.18
CA LYS A 14 3.71 5.46 5.23
C LYS A 14 2.32 5.77 4.69
N ILE A 15 2.25 6.12 3.41
CA ILE A 15 0.98 6.44 2.78
C ILE A 15 0.23 5.17 2.35
N LEU A 16 0.99 4.16 1.95
CA LEU A 16 0.41 2.89 1.52
C LEU A 16 -0.17 2.13 2.70
N LEU A 17 0.43 2.33 3.88
CA LEU A 17 -0.03 1.65 5.09
C LEU A 17 -1.16 2.44 5.75
N LEU A 18 -0.90 3.70 6.05
CA LEU A 18 -1.90 4.56 6.68
C LEU A 18 -3.12 4.72 5.79
N LYS A 19 -2.93 5.35 4.63
CA LYS A 19 -4.02 5.58 3.69
C LYS A 19 -4.09 4.45 2.66
N GLY A 20 -4.19 3.22 3.14
CA GLY A 20 -4.25 2.07 2.26
C GLY A 20 -4.92 0.88 2.90
N PHE A 21 -4.20 0.18 3.77
CA PHE A 21 -4.71 -0.99 4.46
C PHE A 21 -5.27 -0.61 5.82
N GLU A 22 -4.62 0.34 6.48
CA GLU A 22 -5.05 0.79 7.81
C GLU A 22 -6.48 1.32 7.76
N LEU A 23 -6.86 1.89 6.62
CA LEU A 23 -8.20 2.43 6.45
C LEU A 23 -8.99 1.64 5.42
N MET A 24 -8.74 0.34 5.37
CA MET A 24 -9.42 -0.55 4.43
C MET A 24 -10.41 -1.45 5.16
N ASP A 25 -11.35 -2.01 4.40
CA ASP A 25 -12.36 -2.91 4.97
C ASP A 25 -12.11 -4.35 4.54
N ASP A 26 -12.75 -5.28 5.25
CA ASP A 26 -12.60 -6.70 4.95
C ASP A 26 -13.07 -7.00 3.53
N TYR A 27 -14.04 -6.22 3.05
CA TYR A 27 -14.58 -6.41 1.72
C TYR A 27 -13.49 -6.26 0.66
N HIS A 28 -12.50 -5.43 0.94
CA HIS A 28 -11.39 -5.20 0.02
C HIS A 28 -10.13 -5.89 0.51
N PHE A 29 -9.99 -5.99 1.83
CA PHE A 29 -8.82 -6.62 2.45
C PHE A 29 -8.62 -8.03 1.90
N THR A 30 -9.71 -8.68 1.51
CA THR A 30 -9.64 -10.03 0.98
C THR A 30 -9.33 -10.01 -0.52
N SER A 31 -9.76 -8.96 -1.20
CA SER A 31 -9.52 -8.82 -2.63
C SER A 31 -8.06 -8.51 -2.91
N ILE A 32 -7.49 -7.61 -2.12
CA ILE A 32 -6.09 -7.22 -2.30
C ILE A 32 -5.15 -8.36 -1.93
N LYS A 33 -5.54 -9.14 -0.92
CA LYS A 33 -4.73 -10.27 -0.47
C LYS A 33 -4.85 -11.44 -1.46
N SER A 34 -6.04 -11.65 -1.99
CA SER A 34 -6.28 -12.73 -2.94
C SER A 34 -5.45 -12.54 -4.20
N LEU A 35 -5.39 -11.30 -4.68
CA LEU A 35 -4.63 -10.99 -5.88
C LEU A 35 -3.13 -10.93 -5.58
N LEU A 36 -2.78 -10.21 -4.53
CA LEU A 36 -1.38 -10.07 -4.14
C LEU A 36 -0.76 -11.43 -3.83
N ALA A 37 -1.59 -12.37 -3.38
CA ALA A 37 -1.13 -13.71 -3.05
C ALA A 37 -0.44 -14.37 -4.24
N TYR A 38 -0.86 -13.99 -5.44
CA TYR A 38 -0.28 -14.55 -6.67
C TYR A 38 1.06 -13.90 -6.97
N ASP A 39 1.21 -12.63 -6.60
CA ASP A 39 2.44 -11.90 -6.84
C ASP A 39 3.45 -12.15 -5.73
N LEU A 40 3.01 -12.00 -4.49
CA LEU A 40 3.88 -12.21 -3.33
C LEU A 40 4.05 -13.70 -3.05
N GLY A 41 2.99 -14.46 -3.25
CA GLY A 41 3.06 -15.89 -3.02
C GLY A 41 2.46 -16.29 -1.69
N LEU A 42 1.28 -15.75 -1.39
CA LEU A 42 0.59 -16.06 -0.14
C LEU A 42 -0.56 -17.02 -0.36
N THR A 43 -1.07 -17.60 0.72
CA THR A 43 -2.17 -18.53 0.64
C THR A 43 -3.23 -18.23 1.70
N THR A 44 -4.32 -19.00 1.69
CA THR A 44 -5.40 -18.80 2.64
C THR A 44 -4.90 -18.96 4.07
N LYS A 45 -3.81 -19.71 4.24
CA LYS A 45 -3.23 -19.95 5.55
C LYS A 45 -2.42 -18.74 6.01
N MET A 46 -1.84 -18.02 5.06
CA MET A 46 -1.03 -16.85 5.36
C MET A 46 -1.88 -15.59 5.41
N GLN A 47 -2.95 -15.57 4.61
CA GLN A 47 -3.85 -14.43 4.57
C GLN A 47 -4.45 -14.15 5.95
N GLU A 48 -4.60 -15.20 6.74
CA GLU A 48 -5.17 -15.06 8.08
C GLU A 48 -4.06 -14.88 9.12
N GLU A 49 -2.93 -15.53 8.88
CA GLU A 49 -1.79 -15.44 9.80
C GLU A 49 -1.08 -14.10 9.67
N TYR A 50 -1.11 -13.54 8.46
CA TYR A 50 -0.47 -12.25 8.20
C TYR A 50 -1.34 -11.10 8.70
N ASN A 51 -0.72 -9.94 8.86
CA ASN A 51 -1.44 -8.75 9.33
C ASN A 51 -1.34 -7.62 8.31
N ARG A 52 -1.90 -6.47 8.67
CA ARG A 52 -1.88 -5.30 7.79
C ARG A 52 -0.45 -4.89 7.44
N ILE A 53 0.32 -4.56 8.48
CA ILE A 53 1.70 -4.14 8.29
C ILE A 53 2.51 -5.21 7.55
N LYS A 54 2.10 -6.46 7.70
CA LYS A 54 2.79 -7.58 7.03
C LYS A 54 2.61 -7.51 5.53
N ILE A 55 1.36 -7.49 5.07
CA ILE A 55 1.06 -7.43 3.64
C ILE A 55 1.66 -6.18 3.02
N THR A 56 1.76 -5.11 3.81
CA THR A 56 2.31 -3.85 3.32
C THR A 56 3.81 -3.94 3.16
N ASP A 57 4.46 -4.76 3.99
CA ASP A 57 5.90 -4.94 3.93
C ASP A 57 6.30 -5.69 2.66
N LEU A 58 5.42 -6.56 2.18
CA LEU A 58 5.70 -7.34 0.98
C LEU A 58 5.50 -6.48 -0.27
N MET A 59 4.58 -5.52 -0.20
CA MET A 59 4.31 -4.64 -1.31
C MET A 59 5.45 -3.65 -1.53
N GLU A 60 6.11 -3.29 -0.44
CA GLU A 60 7.23 -2.35 -0.50
C GLU A 60 8.47 -3.02 -1.09
N LYS A 61 8.62 -4.32 -0.82
CA LYS A 61 9.76 -5.07 -1.32
C LYS A 61 9.52 -5.54 -2.76
N LYS A 62 8.27 -5.79 -3.09
CA LYS A 62 7.90 -6.23 -4.43
C LYS A 62 7.75 -5.05 -5.37
N PHE A 63 7.25 -3.94 -4.86
CA PHE A 63 7.05 -2.74 -5.65
C PHE A 63 7.64 -1.51 -4.96
N GLN A 64 8.96 -1.40 -5.01
CA GLN A 64 9.65 -0.27 -4.38
C GLN A 64 9.29 1.04 -5.06
N GLY A 65 8.97 2.05 -4.26
CA GLY A 65 8.61 3.34 -4.80
C GLY A 65 7.12 3.49 -5.00
N VAL A 66 6.72 4.36 -5.92
CA VAL A 66 5.31 4.59 -6.21
C VAL A 66 4.63 3.34 -6.76
N ALA A 67 5.44 2.38 -7.21
CA ALA A 67 4.91 1.13 -7.76
C ALA A 67 3.93 0.47 -6.80
N CYS A 68 4.24 0.53 -5.50
CA CYS A 68 3.39 -0.06 -4.48
C CYS A 68 2.05 0.68 -4.40
N LEU A 69 2.11 2.00 -4.49
CA LEU A 69 0.91 2.83 -4.42
C LEU A 69 0.07 2.67 -5.69
N ASP A 70 0.74 2.68 -6.83
CA ASP A 70 0.05 2.54 -8.11
C ASP A 70 -0.70 1.22 -8.19
N LYS A 71 -0.08 0.16 -7.69
CA LYS A 71 -0.70 -1.16 -7.69
C LYS A 71 -1.99 -1.17 -6.86
N LEU A 72 -1.92 -0.60 -5.68
CA LEU A 72 -3.09 -0.52 -4.80
C LEU A 72 -4.23 0.24 -5.45
N ILE A 73 -3.87 1.21 -6.29
CA ILE A 73 -4.87 2.02 -6.99
C ILE A 73 -5.33 1.34 -8.26
N GLU A 74 -4.38 0.73 -8.99
CA GLU A 74 -4.70 0.04 -10.23
C GLU A 74 -5.69 -1.09 -9.99
N LEU A 75 -5.48 -1.84 -8.92
CA LEU A 75 -6.36 -2.95 -8.58
C LEU A 75 -7.68 -2.44 -8.02
N ALA A 76 -7.63 -1.30 -7.35
CA ALA A 76 -8.83 -0.71 -6.76
C ALA A 76 -9.41 0.37 -7.67
N LYS A 77 -9.20 0.22 -8.97
CA LYS A 77 -9.72 1.18 -9.94
C LYS A 77 -11.18 0.91 -10.26
N ASP A 78 -11.55 -0.36 -10.26
CA ASP A 78 -12.93 -0.75 -10.55
C ASP A 78 -13.69 -1.03 -9.26
N MET A 79 -13.31 -0.34 -8.19
CA MET A 79 -13.96 -0.51 -6.90
C MET A 79 -14.65 0.78 -6.46
N PRO A 80 -15.99 0.85 -6.59
CA PRO A 80 -16.77 2.03 -6.21
C PRO A 80 -16.73 2.28 -4.70
N SER A 81 -16.50 1.22 -3.93
CA SER A 81 -16.45 1.31 -2.48
C SER A 81 -15.11 1.92 -2.03
N LEU A 82 -14.06 1.67 -2.80
CA LEU A 82 -12.74 2.20 -2.49
C LEU A 82 -12.46 3.48 -3.25
N LYS A 83 -13.48 4.33 -3.37
CA LYS A 83 -13.34 5.60 -4.08
C LYS A 83 -12.45 6.57 -3.30
N ASN A 84 -12.47 6.45 -1.98
CA ASN A 84 -11.67 7.32 -1.12
C ASN A 84 -10.21 6.87 -1.12
N LEU A 85 -10.00 5.56 -1.23
CA LEU A 85 -8.65 5.00 -1.24
C LEU A 85 -7.91 5.37 -2.53
N VAL A 86 -8.65 5.40 -3.63
CA VAL A 86 -8.07 5.74 -4.93
C VAL A 86 -7.71 7.22 -5.00
N ASN A 87 -8.49 8.05 -4.32
CA ASN A 87 -8.26 9.49 -4.31
C ASN A 87 -7.15 9.85 -3.33
N ASN A 88 -7.24 9.31 -2.12
CA ASN A 88 -6.25 9.58 -1.08
C ASN A 88 -4.85 9.13 -1.53
N LEU A 89 -4.80 7.96 -2.15
CA LEU A 89 -3.53 7.41 -2.63
C LEU A 89 -3.01 8.20 -3.82
N ARG A 90 -3.89 8.44 -4.79
CA ARG A 90 -3.52 9.19 -5.99
C ARG A 90 -3.07 10.60 -5.64
N LYS A 91 -3.83 11.26 -4.76
CA LYS A 91 -3.51 12.61 -4.34
C LYS A 91 -2.24 12.63 -3.48
N GLU A 92 -2.19 11.76 -2.49
CA GLU A 92 -1.04 11.67 -1.60
C GLU A 92 0.21 11.27 -2.37
N LYS A 93 0.03 10.48 -3.41
CA LYS A 93 1.15 10.02 -4.23
C LYS A 93 1.89 11.19 -4.85
N SER A 94 1.15 12.09 -5.49
CA SER A 94 1.75 13.27 -6.13
C SER A 94 2.13 14.31 -5.09
N LYS A 95 1.37 14.36 -4.00
CA LYS A 95 1.63 15.31 -2.93
C LYS A 95 3.04 15.12 -2.35
N VAL A 96 3.54 13.89 -2.43
CA VAL A 96 4.86 13.58 -1.91
C VAL A 96 5.95 14.28 -2.73
N ALA A 97 6.08 15.58 -2.53
CA ALA A 97 7.09 16.37 -3.25
C ALA A 97 7.82 17.30 -2.30
N SER A 98 9.00 16.88 -1.85
CA SER A 98 9.81 17.69 -0.95
C SER A 98 9.07 17.95 0.36
N GLY A 99 9.79 18.44 1.36
CA GLY A 99 9.18 18.72 2.65
C GLY A 99 10.21 18.92 3.75
N PRO A 100 11.06 19.95 3.65
CA PRO A 100 12.08 20.23 4.65
C PRO A 100 11.49 20.73 5.96
N SER A 101 11.93 20.12 7.06
CA SER A 101 11.44 20.51 8.39
C SER A 101 11.84 21.94 8.73
N SER A 102 10.85 22.79 8.97
CA SER A 102 11.10 24.19 9.31
C SER A 102 10.91 24.42 10.80
N GLY A 103 11.32 25.61 11.25
CA GLY A 103 11.18 25.94 12.66
C GLY A 103 11.49 27.40 12.93
N GLY A 1 21.47 13.49 20.95
CA GLY A 1 21.39 14.93 21.36
C GLY A 1 21.21 15.85 20.17
N SER A 2 20.59 15.35 19.12
CA SER A 2 20.35 16.14 17.92
C SER A 2 19.26 15.51 17.06
N SER A 3 18.30 14.86 17.70
CA SER A 3 17.20 14.21 16.99
C SER A 3 15.93 14.26 17.82
N GLY A 4 14.80 14.07 17.15
CA GLY A 4 13.51 14.10 17.84
C GLY A 4 12.64 12.92 17.45
N SER A 5 12.40 12.75 16.17
CA SER A 5 11.57 11.66 15.68
C SER A 5 12.42 10.43 15.33
N SER A 6 11.85 9.25 15.50
CA SER A 6 12.56 8.01 15.21
C SER A 6 11.85 7.24 14.11
N GLY A 7 12.54 6.23 13.57
CA GLY A 7 11.96 5.42 12.51
C GLY A 7 11.88 6.17 11.19
N MET A 8 12.78 5.86 10.28
CA MET A 8 12.81 6.51 8.97
C MET A 8 13.38 5.57 7.90
N VAL A 9 12.50 5.07 7.04
CA VAL A 9 12.91 4.16 5.98
C VAL A 9 12.35 4.60 4.63
N ASN A 10 11.02 4.73 4.57
CA ASN A 10 10.37 5.15 3.33
C ASN A 10 9.11 5.97 3.64
N GLU A 11 8.78 6.89 2.74
CA GLU A 11 7.61 7.74 2.92
C GLU A 11 6.40 7.16 2.20
N TYR A 12 6.62 6.64 1.00
CA TYR A 12 5.55 6.04 0.21
C TYR A 12 4.93 4.85 0.95
N LYS A 13 5.75 4.16 1.72
CA LYS A 13 5.29 3.00 2.49
C LYS A 13 4.40 3.43 3.65
N LYS A 14 4.67 4.61 4.19
CA LYS A 14 3.89 5.13 5.31
C LYS A 14 2.46 5.47 4.87
N ILE A 15 2.32 5.94 3.64
CA ILE A 15 1.02 6.30 3.09
C ILE A 15 0.24 5.06 2.67
N LEU A 16 0.95 4.06 2.16
CA LEU A 16 0.32 2.82 1.72
C LEU A 16 -0.27 2.06 2.90
N LEU A 17 0.32 2.23 4.08
CA LEU A 17 -0.14 1.56 5.28
C LEU A 17 -1.32 2.29 5.90
N LEU A 18 -1.07 3.51 6.37
CA LEU A 18 -2.13 4.32 6.99
C LEU A 18 -3.28 4.55 6.02
N LYS A 19 -2.97 5.14 4.88
CA LYS A 19 -3.98 5.43 3.86
C LYS A 19 -4.08 4.28 2.86
N GLY A 20 -4.26 3.07 3.38
CA GLY A 20 -4.38 1.91 2.51
C GLY A 20 -5.03 0.72 3.21
N PHE A 21 -4.21 -0.20 3.68
CA PHE A 21 -4.72 -1.39 4.36
C PHE A 21 -5.35 -1.02 5.70
N GLU A 22 -4.78 -0.01 6.35
CA GLU A 22 -5.30 0.45 7.63
C GLU A 22 -6.74 0.91 7.51
N LEU A 23 -7.09 1.46 6.36
CA LEU A 23 -8.45 1.93 6.12
C LEU A 23 -9.15 1.08 5.07
N MET A 24 -8.88 -0.22 5.08
CA MET A 24 -9.49 -1.14 4.13
C MET A 24 -10.57 -1.97 4.80
N ASP A 25 -11.66 -2.20 4.08
CA ASP A 25 -12.77 -2.98 4.59
C ASP A 25 -12.52 -4.48 4.42
N ASP A 26 -13.40 -5.30 4.99
CA ASP A 26 -13.26 -6.75 4.89
C ASP A 26 -13.41 -7.21 3.45
N TYR A 27 -14.25 -6.50 2.69
CA TYR A 27 -14.47 -6.85 1.29
C TYR A 27 -13.19 -6.73 0.48
N HIS A 28 -12.41 -5.69 0.77
CA HIS A 28 -11.14 -5.47 0.07
C HIS A 28 -10.01 -6.23 0.74
N PHE A 29 -10.01 -6.24 2.07
CA PHE A 29 -8.98 -6.94 2.83
C PHE A 29 -8.89 -8.40 2.40
N THR A 30 -10.01 -8.96 1.95
CA THR A 30 -10.05 -10.35 1.52
C THR A 30 -9.88 -10.46 0.01
N SER A 31 -10.32 -9.43 -0.71
CA SER A 31 -10.21 -9.42 -2.17
C SER A 31 -8.79 -9.10 -2.60
N ILE A 32 -8.25 -8.00 -2.11
CA ILE A 32 -6.89 -7.59 -2.45
C ILE A 32 -5.87 -8.66 -2.06
N LYS A 33 -6.04 -9.22 -0.86
CA LYS A 33 -5.14 -10.26 -0.38
C LYS A 33 -5.19 -11.49 -1.27
N SER A 34 -6.35 -11.73 -1.86
CA SER A 34 -6.53 -12.88 -2.75
C SER A 34 -5.88 -12.63 -4.10
N LEU A 35 -5.92 -11.38 -4.55
CA LEU A 35 -5.34 -11.00 -5.83
C LEU A 35 -3.83 -10.78 -5.70
N LEU A 36 -3.42 -10.21 -4.57
CA LEU A 36 -2.01 -9.94 -4.32
C LEU A 36 -1.23 -11.24 -4.15
N ALA A 37 -1.91 -12.29 -3.68
CA ALA A 37 -1.28 -13.59 -3.47
C ALA A 37 -0.62 -14.09 -4.76
N TYR A 38 -1.19 -13.69 -5.90
CA TYR A 38 -0.65 -14.11 -7.19
C TYR A 38 0.71 -13.45 -7.45
N ASP A 39 0.89 -12.25 -6.93
CA ASP A 39 2.13 -11.52 -7.10
C ASP A 39 3.06 -11.71 -5.90
N LEU A 40 2.62 -11.25 -4.74
CA LEU A 40 3.39 -11.38 -3.51
C LEU A 40 3.67 -12.84 -3.19
N GLY A 41 2.74 -13.71 -3.57
CA GLY A 41 2.91 -15.13 -3.31
C GLY A 41 2.46 -15.52 -1.92
N LEU A 42 1.17 -15.42 -1.67
CA LEU A 42 0.61 -15.77 -0.35
C LEU A 42 -0.29 -17.00 -0.46
N THR A 43 -0.89 -17.38 0.67
CA THR A 43 -1.78 -18.53 0.71
C THR A 43 -3.00 -18.25 1.58
N THR A 44 -3.79 -19.30 1.83
CA THR A 44 -4.98 -19.16 2.65
C THR A 44 -4.63 -19.08 4.13
N LYS A 45 -3.55 -19.76 4.51
CA LYS A 45 -3.10 -19.76 5.90
C LYS A 45 -2.34 -18.48 6.23
N MET A 46 -1.61 -17.97 5.25
CA MET A 46 -0.83 -16.75 5.43
C MET A 46 -1.72 -15.51 5.36
N GLN A 47 -2.73 -15.57 4.50
CA GLN A 47 -3.66 -14.45 4.33
C GLN A 47 -4.36 -14.11 5.64
N GLU A 48 -4.50 -15.11 6.51
CA GLU A 48 -5.17 -14.92 7.79
C GLU A 48 -4.15 -14.66 8.90
N GLU A 49 -2.95 -15.21 8.74
CA GLU A 49 -1.89 -15.02 9.73
C GLU A 49 -1.17 -13.69 9.52
N TYR A 50 -1.11 -13.24 8.28
CA TYR A 50 -0.45 -11.98 7.94
C TYR A 50 -1.25 -10.80 8.47
N ASN A 51 -0.55 -9.69 8.72
CA ASN A 51 -1.20 -8.47 9.21
C ASN A 51 -1.10 -7.35 8.18
N ARG A 52 -1.71 -6.21 8.50
CA ARG A 52 -1.70 -5.05 7.61
C ARG A 52 -0.27 -4.64 7.28
N ILE A 53 0.53 -4.40 8.31
CA ILE A 53 1.92 -4.00 8.13
C ILE A 53 2.71 -5.06 7.37
N LYS A 54 2.31 -6.32 7.53
CA LYS A 54 2.99 -7.43 6.87
C LYS A 54 2.82 -7.33 5.35
N ILE A 55 1.57 -7.15 4.91
CA ILE A 55 1.28 -7.05 3.49
C ILE A 55 1.93 -5.81 2.89
N THR A 56 2.04 -4.76 3.70
CA THR A 56 2.63 -3.50 3.24
C THR A 56 4.16 -3.62 3.18
N ASP A 57 4.72 -4.42 4.07
CA ASP A 57 6.16 -4.62 4.11
C ASP A 57 6.66 -5.33 2.85
N LEU A 58 5.82 -6.19 2.31
CA LEU A 58 6.17 -6.93 1.10
C LEU A 58 5.89 -6.10 -0.16
N MET A 59 4.81 -5.32 -0.10
CA MET A 59 4.44 -4.48 -1.23
C MET A 59 5.54 -3.48 -1.56
N GLU A 60 6.28 -3.06 -0.53
CA GLU A 60 7.38 -2.11 -0.71
C GLU A 60 8.57 -2.77 -1.39
N LYS A 61 8.96 -3.94 -0.89
CA LYS A 61 10.09 -4.68 -1.44
C LYS A 61 9.79 -5.14 -2.86
N LYS A 62 8.57 -5.60 -3.09
CA LYS A 62 8.17 -6.07 -4.41
C LYS A 62 7.91 -4.89 -5.35
N PHE A 63 7.42 -3.80 -4.79
CA PHE A 63 7.12 -2.60 -5.57
C PHE A 63 7.69 -1.36 -4.90
N GLN A 64 8.99 -1.14 -5.07
CA GLN A 64 9.65 0.02 -4.47
C GLN A 64 9.21 1.31 -5.16
N GLY A 65 9.16 2.40 -4.38
CA GLY A 65 8.75 3.67 -4.93
C GLY A 65 7.24 3.81 -5.04
N VAL A 66 6.77 4.52 -6.06
CA VAL A 66 5.35 4.73 -6.27
C VAL A 66 4.67 3.44 -6.72
N ALA A 67 5.46 2.47 -7.17
CA ALA A 67 4.92 1.19 -7.63
C ALA A 67 3.99 0.57 -6.59
N CYS A 68 4.36 0.71 -5.33
CA CYS A 68 3.57 0.16 -4.23
C CYS A 68 2.17 0.77 -4.21
N LEU A 69 2.09 2.06 -4.51
CA LEU A 69 0.81 2.76 -4.52
C LEU A 69 0.03 2.44 -5.80
N ASP A 70 0.73 2.44 -6.92
CA ASP A 70 0.10 2.15 -8.21
C ASP A 70 -0.53 0.76 -8.22
N LYS A 71 0.07 -0.15 -7.45
CA LYS A 71 -0.44 -1.52 -7.36
C LYS A 71 -1.80 -1.55 -6.68
N LEU A 72 -1.90 -0.89 -5.53
CA LEU A 72 -3.15 -0.85 -4.78
C LEU A 72 -4.23 -0.11 -5.58
N ILE A 73 -3.84 0.98 -6.22
CA ILE A 73 -4.78 1.77 -7.02
C ILE A 73 -5.26 0.99 -8.24
N GLU A 74 -4.33 0.31 -8.90
CA GLU A 74 -4.65 -0.48 -10.08
C GLU A 74 -5.67 -1.56 -9.76
N LEU A 75 -5.50 -2.22 -8.61
CA LEU A 75 -6.40 -3.27 -8.19
C LEU A 75 -7.74 -2.68 -7.71
N ALA A 76 -7.68 -1.51 -7.11
CA ALA A 76 -8.87 -0.84 -6.61
C ALA A 76 -9.30 0.29 -7.54
N LYS A 77 -9.08 0.10 -8.84
CA LYS A 77 -9.44 1.11 -9.83
C LYS A 77 -10.93 1.05 -10.15
N ASP A 78 -11.47 -0.17 -10.14
CA ASP A 78 -12.89 -0.36 -10.44
C ASP A 78 -13.67 -0.68 -9.16
N MET A 79 -13.20 -0.12 -8.04
CA MET A 79 -13.86 -0.34 -6.76
C MET A 79 -14.58 0.93 -6.28
N PRO A 80 -15.93 0.91 -6.28
CA PRO A 80 -16.73 2.05 -5.86
C PRO A 80 -16.59 2.34 -4.36
N SER A 81 -16.30 1.30 -3.59
CA SER A 81 -16.13 1.42 -2.15
C SER A 81 -14.80 2.08 -1.81
N LEU A 82 -13.79 1.81 -2.65
CA LEU A 82 -12.46 2.38 -2.43
C LEU A 82 -12.25 3.61 -3.31
N LYS A 83 -13.32 4.34 -3.56
CA LYS A 83 -13.25 5.55 -4.39
C LYS A 83 -12.43 6.63 -3.70
N ASN A 84 -12.47 6.64 -2.37
CA ASN A 84 -11.73 7.63 -1.59
C ASN A 84 -10.26 7.25 -1.50
N LEU A 85 -10.00 5.97 -1.25
CA LEU A 85 -8.63 5.47 -1.13
C LEU A 85 -7.85 5.72 -2.42
N VAL A 86 -8.48 5.47 -3.56
CA VAL A 86 -7.85 5.66 -4.85
C VAL A 86 -7.49 7.13 -5.07
N ASN A 87 -8.40 8.02 -4.68
CA ASN A 87 -8.18 9.45 -4.83
C ASN A 87 -7.14 9.96 -3.85
N ASN A 88 -7.30 9.60 -2.58
CA ASN A 88 -6.37 10.02 -1.54
C ASN A 88 -4.96 9.52 -1.84
N LEU A 89 -4.85 8.23 -2.17
CA LEU A 89 -3.57 7.63 -2.47
C LEU A 89 -2.90 8.33 -3.66
N ARG A 90 -3.66 8.51 -4.73
CA ARG A 90 -3.14 9.16 -5.93
C ARG A 90 -2.70 10.60 -5.62
N LYS A 91 -3.54 11.31 -4.89
CA LYS A 91 -3.23 12.70 -4.53
C LYS A 91 -2.01 12.77 -3.62
N GLU A 92 -1.93 11.86 -2.66
CA GLU A 92 -0.81 11.82 -1.72
C GLU A 92 0.51 11.61 -2.46
N LYS A 93 0.53 10.64 -3.38
CA LYS A 93 1.73 10.36 -4.15
C LYS A 93 2.19 11.58 -4.93
N SER A 94 1.24 12.44 -5.30
CA SER A 94 1.55 13.64 -6.05
C SER A 94 2.32 14.64 -5.18
N LYS A 95 1.96 14.71 -3.91
CA LYS A 95 2.61 15.63 -2.97
C LYS A 95 2.98 14.91 -1.67
N VAL A 96 3.88 13.94 -1.78
CA VAL A 96 4.32 13.18 -0.61
C VAL A 96 5.15 14.05 0.32
N ALA A 97 5.88 15.01 -0.24
CA ALA A 97 6.71 15.91 0.55
C ALA A 97 6.15 17.33 0.54
N SER A 98 6.93 18.27 1.04
CA SER A 98 6.51 19.66 1.08
C SER A 98 7.69 20.58 1.40
N GLY A 99 8.87 20.23 0.91
CA GLY A 99 10.05 21.02 1.15
C GLY A 99 11.32 20.38 0.61
N PRO A 100 11.79 19.29 1.24
CA PRO A 100 13.00 18.59 0.81
C PRO A 100 12.80 17.86 -0.52
N SER A 101 13.86 17.78 -1.32
CA SER A 101 13.80 17.11 -2.61
C SER A 101 14.77 15.94 -2.66
N SER A 102 14.61 15.09 -3.67
CA SER A 102 15.47 13.92 -3.84
C SER A 102 16.72 14.27 -4.63
N GLY A 103 17.80 14.61 -3.94
CA GLY A 103 19.03 14.97 -4.60
C GLY A 103 19.65 16.24 -4.06
N GLY A 1 12.42 8.94 26.86
CA GLY A 1 11.70 8.36 25.70
C GLY A 1 11.30 6.91 25.93
N SER A 2 10.99 6.20 24.86
CA SER A 2 10.59 4.80 24.95
C SER A 2 11.70 3.88 24.45
N SER A 3 11.58 2.59 24.78
CA SER A 3 12.57 1.61 24.36
C SER A 3 12.51 1.38 22.85
N GLY A 4 13.53 1.86 22.14
CA GLY A 4 13.57 1.71 20.70
C GLY A 4 13.79 3.02 19.97
N SER A 5 13.87 2.95 18.64
CA SER A 5 14.08 4.15 17.84
C SER A 5 13.51 3.95 16.44
N SER A 6 12.84 4.99 15.93
CA SER A 6 12.25 4.93 14.59
C SER A 6 13.13 5.64 13.58
N GLY A 7 12.68 5.67 12.33
CA GLY A 7 13.45 6.32 11.28
C GLY A 7 12.57 6.87 10.17
N MET A 8 13.18 7.21 9.04
CA MET A 8 12.44 7.75 7.91
C MET A 8 13.23 7.57 6.62
N VAL A 9 13.03 6.43 5.96
CA VAL A 9 13.71 6.12 4.72
C VAL A 9 12.73 6.08 3.55
N ASN A 10 11.53 5.60 3.80
CA ASN A 10 10.50 5.51 2.78
C ASN A 10 9.26 6.31 3.17
N GLU A 11 8.76 7.11 2.24
CA GLU A 11 7.57 7.93 2.49
C GLU A 11 6.32 7.25 1.93
N TYR A 12 6.47 6.56 0.81
CA TYR A 12 5.35 5.87 0.18
C TYR A 12 4.83 4.76 1.08
N LYS A 13 5.73 4.15 1.84
CA LYS A 13 5.35 3.07 2.74
C LYS A 13 4.39 3.56 3.82
N LYS A 14 4.62 4.77 4.31
CA LYS A 14 3.77 5.36 5.34
C LYS A 14 2.35 5.56 4.82
N ILE A 15 2.24 6.19 3.65
CA ILE A 15 0.93 6.45 3.05
C ILE A 15 0.26 5.15 2.63
N LEU A 16 1.08 4.16 2.25
CA LEU A 16 0.57 2.87 1.81
C LEU A 16 0.02 2.08 3.00
N LEU A 17 0.60 2.29 4.17
CA LEU A 17 0.18 1.59 5.37
C LEU A 17 -1.05 2.25 5.98
N LEU A 18 -0.92 3.52 6.35
CA LEU A 18 -2.02 4.27 6.93
C LEU A 18 -3.13 4.49 5.91
N LYS A 19 -2.79 5.17 4.82
CA LYS A 19 -3.76 5.45 3.76
C LYS A 19 -3.77 4.34 2.72
N GLY A 20 -3.96 3.11 3.18
CA GLY A 20 -3.99 1.96 2.28
C GLY A 20 -4.72 0.78 2.87
N PHE A 21 -4.00 -0.02 3.66
CA PHE A 21 -4.58 -1.20 4.29
C PHE A 21 -5.19 -0.85 5.64
N GLU A 22 -4.54 0.07 6.36
CA GLU A 22 -5.02 0.49 7.67
C GLU A 22 -6.42 1.09 7.58
N LEU A 23 -6.71 1.72 6.44
CA LEU A 23 -8.02 2.34 6.23
C LEU A 23 -8.84 1.53 5.23
N MET A 24 -8.71 0.21 5.30
CA MET A 24 -9.45 -0.68 4.41
C MET A 24 -10.29 -1.67 5.19
N ASP A 25 -11.42 -2.07 4.62
CA ASP A 25 -12.31 -3.03 5.26
C ASP A 25 -12.09 -4.43 4.74
N ASP A 26 -12.64 -5.42 5.44
CA ASP A 26 -12.49 -6.82 5.05
C ASP A 26 -13.09 -7.06 3.67
N TYR A 27 -14.08 -6.23 3.30
CA TYR A 27 -14.73 -6.36 2.01
C TYR A 27 -13.73 -6.28 0.87
N HIS A 28 -12.65 -5.53 1.08
CA HIS A 28 -11.62 -5.36 0.07
C HIS A 28 -10.32 -6.03 0.52
N PHE A 29 -10.08 -6.01 1.82
CA PHE A 29 -8.86 -6.60 2.38
C PHE A 29 -8.70 -8.06 1.94
N THR A 30 -9.82 -8.71 1.66
CA THR A 30 -9.80 -10.10 1.23
C THR A 30 -9.57 -10.22 -0.28
N SER A 31 -9.99 -9.19 -1.01
CA SER A 31 -9.81 -9.17 -2.46
C SER A 31 -8.37 -8.84 -2.84
N ILE A 32 -7.80 -7.85 -2.17
CA ILE A 32 -6.43 -7.44 -2.43
C ILE A 32 -5.45 -8.58 -2.14
N LYS A 33 -5.62 -9.22 -0.99
CA LYS A 33 -4.75 -10.32 -0.59
C LYS A 33 -4.83 -11.47 -1.59
N SER A 34 -6.06 -11.79 -2.02
CA SER A 34 -6.26 -12.87 -2.98
C SER A 34 -5.52 -12.60 -4.28
N LEU A 35 -5.62 -11.37 -4.78
CA LEU A 35 -4.96 -10.99 -6.02
C LEU A 35 -3.46 -10.85 -5.81
N LEU A 36 -3.07 -10.34 -4.63
CA LEU A 36 -1.66 -10.15 -4.31
C LEU A 36 -0.98 -11.48 -4.02
N ALA A 37 -1.76 -12.47 -3.59
CA ALA A 37 -1.22 -13.80 -3.28
C ALA A 37 -0.48 -14.38 -4.47
N TYR A 38 -0.95 -14.07 -5.68
CA TYR A 38 -0.33 -14.57 -6.90
C TYR A 38 1.06 -13.97 -7.08
N ASP A 39 1.24 -12.74 -6.62
CA ASP A 39 2.52 -12.06 -6.74
C ASP A 39 3.35 -12.24 -5.47
N LEU A 40 2.82 -11.79 -4.34
CA LEU A 40 3.51 -11.91 -3.07
C LEU A 40 3.83 -13.37 -2.75
N GLY A 41 2.97 -14.27 -3.22
CA GLY A 41 3.17 -15.69 -2.98
C GLY A 41 2.53 -16.15 -1.68
N LEU A 42 1.37 -15.58 -1.36
CA LEU A 42 0.66 -15.94 -0.14
C LEU A 42 -0.38 -17.02 -0.42
N THR A 43 -0.91 -17.60 0.65
CA THR A 43 -1.93 -18.65 0.52
C THR A 43 -3.15 -18.33 1.37
N THR A 44 -4.11 -19.24 1.38
CA THR A 44 -5.34 -19.06 2.16
C THR A 44 -5.04 -19.08 3.65
N LYS A 45 -3.97 -19.76 4.03
CA LYS A 45 -3.59 -19.86 5.44
C LYS A 45 -2.79 -18.64 5.87
N MET A 46 -1.79 -18.27 5.08
CA MET A 46 -0.96 -17.12 5.38
C MET A 46 -1.77 -15.82 5.33
N GLN A 47 -2.79 -15.81 4.47
CA GLN A 47 -3.63 -14.63 4.31
C GLN A 47 -4.37 -14.31 5.62
N GLU A 48 -4.66 -15.36 6.40
CA GLU A 48 -5.35 -15.18 7.67
C GLU A 48 -4.36 -14.95 8.81
N GLU A 49 -3.16 -15.50 8.67
CA GLU A 49 -2.13 -15.34 9.69
C GLU A 49 -1.38 -14.01 9.52
N TYR A 50 -1.28 -13.56 8.28
CA TYR A 50 -0.60 -12.30 7.99
C TYR A 50 -1.38 -11.11 8.52
N ASN A 51 -0.68 -10.02 8.79
CA ASN A 51 -1.32 -8.81 9.29
C ASN A 51 -1.24 -7.68 8.27
N ARG A 52 -1.81 -6.54 8.61
CA ARG A 52 -1.81 -5.38 7.72
C ARG A 52 -0.38 -4.95 7.38
N ILE A 53 0.42 -4.69 8.41
CA ILE A 53 1.80 -4.27 8.21
C ILE A 53 2.59 -5.34 7.47
N LYS A 54 2.21 -6.59 7.66
CA LYS A 54 2.89 -7.71 7.01
C LYS A 54 2.79 -7.61 5.50
N ILE A 55 1.59 -7.34 5.00
CA ILE A 55 1.35 -7.21 3.57
C ILE A 55 1.96 -5.92 3.03
N THR A 56 1.89 -4.86 3.83
CA THR A 56 2.44 -3.57 3.43
C THR A 56 3.95 -3.64 3.25
N ASP A 57 4.60 -4.38 4.14
CA ASP A 57 6.06 -4.52 4.08
C ASP A 57 6.48 -5.27 2.81
N LEU A 58 5.62 -6.17 2.34
CA LEU A 58 5.90 -6.94 1.15
C LEU A 58 5.62 -6.13 -0.11
N MET A 59 4.65 -5.22 -0.02
CA MET A 59 4.28 -4.38 -1.15
C MET A 59 5.40 -3.40 -1.49
N GLU A 60 6.07 -2.89 -0.46
CA GLU A 60 7.17 -1.94 -0.64
C GLU A 60 8.44 -2.66 -1.06
N LYS A 61 8.62 -3.89 -0.58
CA LYS A 61 9.79 -4.68 -0.90
C LYS A 61 9.66 -5.30 -2.30
N LYS A 62 8.43 -5.60 -2.69
CA LYS A 62 8.17 -6.21 -4.00
C LYS A 62 8.00 -5.12 -5.07
N PHE A 63 7.44 -3.99 -4.68
CA PHE A 63 7.22 -2.89 -5.60
C PHE A 63 7.75 -1.58 -5.03
N GLN A 64 9.04 -1.35 -5.20
CA GLN A 64 9.68 -0.13 -4.70
C GLN A 64 9.21 1.09 -5.47
N GLY A 65 9.48 2.27 -4.93
CA GLY A 65 9.06 3.50 -5.58
C GLY A 65 7.57 3.74 -5.49
N VAL A 66 7.01 4.38 -6.50
CA VAL A 66 5.57 4.67 -6.53
C VAL A 66 4.76 3.43 -6.91
N ALA A 67 5.43 2.40 -7.41
CA ALA A 67 4.76 1.17 -7.81
C ALA A 67 3.92 0.60 -6.67
N CYS A 68 4.40 0.78 -5.45
CA CYS A 68 3.69 0.27 -4.28
C CYS A 68 2.30 0.91 -4.17
N LEU A 69 2.23 2.21 -4.47
CA LEU A 69 0.97 2.94 -4.41
C LEU A 69 0.11 2.66 -5.64
N ASP A 70 0.75 2.68 -6.81
CA ASP A 70 0.05 2.43 -8.06
C ASP A 70 -0.59 1.05 -8.07
N LYS A 71 0.04 0.11 -7.36
CA LYS A 71 -0.48 -1.26 -7.29
C LYS A 71 -1.78 -1.31 -6.49
N LEU A 72 -1.80 -0.58 -5.37
CA LEU A 72 -2.98 -0.54 -4.51
C LEU A 72 -4.13 0.18 -5.21
N ILE A 73 -3.80 1.17 -6.02
CA ILE A 73 -4.80 1.94 -6.75
C ILE A 73 -5.33 1.16 -7.94
N GLU A 74 -4.43 0.54 -8.70
CA GLU A 74 -4.80 -0.24 -9.87
C GLU A 74 -5.76 -1.37 -9.49
N LEU A 75 -5.33 -2.20 -8.54
CA LEU A 75 -6.15 -3.32 -8.09
C LEU A 75 -7.45 -2.84 -7.47
N ALA A 76 -7.40 -1.65 -6.86
CA ALA A 76 -8.58 -1.08 -6.23
C ALA A 76 -9.18 0.04 -7.09
N LYS A 77 -9.10 -0.14 -8.42
CA LYS A 77 -9.64 0.85 -9.34
C LYS A 77 -11.15 0.75 -9.43
N ASP A 78 -11.64 -0.47 -9.63
CA ASP A 78 -13.08 -0.69 -9.73
C ASP A 78 -13.70 -0.98 -8.37
N MET A 79 -13.62 0.00 -7.47
CA MET A 79 -14.16 -0.15 -6.12
C MET A 79 -14.88 1.12 -5.69
N PRO A 80 -16.17 1.24 -6.03
CA PRO A 80 -16.97 2.41 -5.66
C PRO A 80 -16.91 2.73 -4.17
N SER A 81 -16.77 1.68 -3.36
CA SER A 81 -16.70 1.83 -1.91
C SER A 81 -15.38 2.49 -1.51
N LEU A 82 -14.32 2.18 -2.25
CA LEU A 82 -13.00 2.73 -1.97
C LEU A 82 -12.72 3.95 -2.85
N LYS A 83 -13.74 4.77 -3.06
CA LYS A 83 -13.61 5.96 -3.88
C LYS A 83 -12.70 7.00 -3.20
N ASN A 84 -12.74 7.03 -1.87
CA ASN A 84 -11.93 7.96 -1.10
C ASN A 84 -10.48 7.48 -1.01
N LEU A 85 -10.29 6.16 -1.01
CA LEU A 85 -8.96 5.58 -0.93
C LEU A 85 -8.20 5.77 -2.23
N VAL A 86 -8.89 5.56 -3.35
CA VAL A 86 -8.28 5.70 -4.66
C VAL A 86 -7.79 7.13 -4.88
N ASN A 87 -8.65 8.10 -4.56
CA ASN A 87 -8.31 9.51 -4.72
C ASN A 87 -7.14 9.89 -3.83
N ASN A 88 -7.20 9.47 -2.56
CA ASN A 88 -6.15 9.77 -1.61
C ASN A 88 -4.83 9.16 -2.04
N LEU A 89 -4.89 7.91 -2.52
CA LEU A 89 -3.71 7.20 -2.98
C LEU A 89 -3.08 7.89 -4.19
N ARG A 90 -3.94 8.45 -5.04
CA ARG A 90 -3.47 9.13 -6.26
C ARG A 90 -3.01 10.54 -5.92
N LYS A 91 -3.79 11.25 -5.12
CA LYS A 91 -3.46 12.61 -4.72
C LYS A 91 -2.22 12.63 -3.82
N GLU A 92 -2.06 11.58 -3.03
CA GLU A 92 -0.92 11.48 -2.12
C GLU A 92 0.39 11.35 -2.89
N LYS A 93 0.37 10.55 -3.96
CA LYS A 93 1.55 10.33 -4.78
C LYS A 93 2.02 11.65 -5.41
N SER A 94 1.06 12.46 -5.83
CA SER A 94 1.37 13.74 -6.45
C SER A 94 2.10 14.65 -5.47
N LYS A 95 1.78 14.52 -4.19
CA LYS A 95 2.41 15.33 -3.15
C LYS A 95 3.92 15.12 -3.14
N VAL A 96 4.36 13.93 -3.55
CA VAL A 96 5.78 13.61 -3.58
C VAL A 96 6.37 13.85 -4.98
N ALA A 97 5.99 14.98 -5.57
CA ALA A 97 6.48 15.34 -6.89
C ALA A 97 6.96 16.78 -6.93
N SER A 98 6.16 17.68 -6.36
CA SER A 98 6.51 19.10 -6.32
C SER A 98 7.58 19.37 -5.27
N GLY A 99 8.57 20.16 -5.64
CA GLY A 99 9.65 20.48 -4.71
C GLY A 99 11.02 20.13 -5.26
N PRO A 100 11.53 20.93 -6.22
CA PRO A 100 12.85 20.69 -6.82
C PRO A 100 13.99 20.95 -5.85
N SER A 101 15.09 20.23 -6.04
CA SER A 101 16.26 20.38 -5.18
C SER A 101 16.89 21.76 -5.36
N SER A 102 16.81 22.58 -4.31
CA SER A 102 17.38 23.92 -4.34
C SER A 102 18.11 24.24 -3.04
N GLY A 103 18.74 23.23 -2.47
CA GLY A 103 19.47 23.41 -1.22
C GLY A 103 20.97 23.53 -1.44
N GLY A 1 29.66 -2.43 -1.17
CA GLY A 1 28.83 -1.55 -0.29
C GLY A 1 27.36 -1.57 -0.68
N SER A 2 26.51 -1.08 0.22
CA SER A 2 25.07 -1.04 -0.04
C SER A 2 24.71 0.18 -0.86
N SER A 3 23.63 0.06 -1.64
CA SER A 3 23.16 1.16 -2.48
C SER A 3 22.53 2.26 -1.63
N GLY A 4 21.54 1.89 -0.83
CA GLY A 4 20.87 2.86 0.02
C GLY A 4 21.01 2.53 1.50
N SER A 5 21.83 3.30 2.19
CA SER A 5 22.05 3.09 3.63
C SER A 5 21.31 4.13 4.45
N SER A 6 20.17 4.58 3.93
CA SER A 6 19.36 5.59 4.63
C SER A 6 17.88 5.39 4.31
N GLY A 7 17.49 4.14 4.10
CA GLY A 7 16.09 3.85 3.80
C GLY A 7 15.44 3.00 4.87
N MET A 8 15.33 3.54 6.07
CA MET A 8 14.72 2.81 7.18
C MET A 8 13.23 3.15 7.30
N VAL A 9 12.88 4.39 6.94
CA VAL A 9 11.49 4.84 7.00
C VAL A 9 11.05 5.43 5.68
N ASN A 10 10.48 4.58 4.82
CA ASN A 10 10.02 5.02 3.50
C ASN A 10 8.76 5.88 3.64
N GLU A 11 8.64 6.89 2.78
CA GLU A 11 7.49 7.78 2.81
C GLU A 11 6.31 7.17 2.07
N TYR A 12 6.58 6.57 0.91
CA TYR A 12 5.54 5.94 0.11
C TYR A 12 4.89 4.79 0.87
N LYS A 13 5.67 4.11 1.71
CA LYS A 13 5.17 2.99 2.49
C LYS A 13 4.13 3.46 3.51
N LYS A 14 4.35 4.65 4.06
CA LYS A 14 3.43 5.22 5.04
C LYS A 14 2.04 5.40 4.44
N ILE A 15 1.98 6.03 3.28
CA ILE A 15 0.71 6.26 2.60
C ILE A 15 0.02 4.95 2.25
N LEU A 16 0.81 3.96 1.85
CA LEU A 16 0.27 2.66 1.49
C LEU A 16 -0.25 1.91 2.71
N LEU A 17 0.36 2.18 3.86
CA LEU A 17 -0.04 1.54 5.11
C LEU A 17 -1.13 2.35 5.81
N LEU A 18 -0.79 3.57 6.21
CA LEU A 18 -1.73 4.44 6.91
C LEU A 18 -2.96 4.72 6.04
N LYS A 19 -2.71 5.19 4.82
CA LYS A 19 -3.80 5.48 3.88
C LYS A 19 -4.04 4.31 2.94
N GLY A 20 -4.10 3.11 3.51
CA GLY A 20 -4.33 1.92 2.71
C GLY A 20 -4.98 0.80 3.50
N PHE A 21 -4.18 -0.17 3.91
CA PHE A 21 -4.69 -1.31 4.68
C PHE A 21 -5.23 -0.84 6.02
N GLU A 22 -4.57 0.15 6.62
CA GLU A 22 -4.98 0.67 7.91
C GLU A 22 -6.41 1.22 7.86
N LEU A 23 -6.80 1.72 6.69
CA LEU A 23 -8.14 2.26 6.49
C LEU A 23 -8.90 1.46 5.45
N MET A 24 -8.78 0.15 5.50
CA MET A 24 -9.46 -0.73 4.56
C MET A 24 -10.38 -1.71 5.29
N ASP A 25 -11.60 -1.86 4.79
CA ASP A 25 -12.57 -2.76 5.39
C ASP A 25 -12.38 -4.18 4.87
N ASP A 26 -13.00 -5.14 5.56
CA ASP A 26 -12.91 -6.54 5.18
C ASP A 26 -13.44 -6.76 3.76
N TYR A 27 -14.37 -5.91 3.34
CA TYR A 27 -14.96 -6.01 2.01
C TYR A 27 -13.88 -5.94 0.94
N HIS A 28 -12.82 -5.17 1.20
CA HIS A 28 -11.73 -5.00 0.26
C HIS A 28 -10.46 -5.67 0.78
N PHE A 29 -10.32 -5.72 2.10
CA PHE A 29 -9.15 -6.33 2.72
C PHE A 29 -8.93 -7.75 2.22
N THR A 30 -10.02 -8.42 1.84
CA THR A 30 -9.94 -9.79 1.33
C THR A 30 -9.72 -9.80 -0.18
N SER A 31 -10.23 -8.78 -0.87
CA SER A 31 -10.10 -8.69 -2.31
C SER A 31 -8.65 -8.41 -2.70
N ILE A 32 -7.99 -7.53 -1.96
CA ILE A 32 -6.61 -7.17 -2.23
C ILE A 32 -5.67 -8.31 -1.86
N LYS A 33 -5.92 -8.91 -0.69
CA LYS A 33 -5.09 -10.02 -0.21
C LYS A 33 -5.19 -11.22 -1.14
N SER A 34 -6.35 -11.38 -1.78
CA SER A 34 -6.58 -12.49 -2.69
C SER A 34 -5.78 -12.31 -3.98
N LEU A 35 -5.84 -11.10 -4.54
CA LEU A 35 -5.12 -10.80 -5.77
C LEU A 35 -3.62 -10.70 -5.52
N LEU A 36 -3.26 -9.97 -4.45
CA LEU A 36 -1.85 -9.79 -4.10
C LEU A 36 -1.16 -11.13 -3.85
N ALA A 37 -1.96 -12.14 -3.48
CA ALA A 37 -1.43 -13.46 -3.21
C ALA A 37 -0.64 -14.00 -4.40
N TYR A 38 -1.03 -13.59 -5.60
CA TYR A 38 -0.37 -14.02 -6.82
C TYR A 38 0.91 -13.22 -7.06
N ASP A 39 0.88 -11.95 -6.67
CA ASP A 39 2.04 -11.07 -6.84
C ASP A 39 3.02 -11.22 -5.69
N LEU A 40 2.57 -10.84 -4.49
CA LEU A 40 3.41 -10.94 -3.30
C LEU A 40 3.83 -12.38 -3.04
N GLY A 41 2.96 -13.32 -3.42
CA GLY A 41 3.26 -14.72 -3.22
C GLY A 41 2.74 -15.23 -1.89
N LEU A 42 1.42 -15.28 -1.75
CA LEU A 42 0.80 -15.76 -0.52
C LEU A 42 -0.19 -16.89 -0.82
N THR A 43 -0.81 -17.41 0.23
CA THR A 43 -1.78 -18.50 0.08
C THR A 43 -3.01 -18.25 0.96
N THR A 44 -3.94 -19.19 0.93
CA THR A 44 -5.15 -19.08 1.73
C THR A 44 -4.86 -19.11 3.22
N LYS A 45 -3.74 -19.72 3.57
CA LYS A 45 -3.34 -19.82 4.98
C LYS A 45 -2.62 -18.56 5.44
N MET A 46 -1.63 -18.14 4.66
CA MET A 46 -0.86 -16.93 4.98
C MET A 46 -1.76 -15.71 5.00
N GLN A 47 -2.80 -15.72 4.16
CA GLN A 47 -3.73 -14.61 4.07
C GLN A 47 -4.38 -14.33 5.42
N GLU A 48 -4.53 -15.39 6.23
CA GLU A 48 -5.14 -15.26 7.55
C GLU A 48 -4.07 -15.07 8.62
N GLU A 49 -2.89 -15.64 8.39
CA GLU A 49 -1.79 -15.53 9.35
C GLU A 49 -1.09 -14.18 9.24
N TYR A 50 -1.09 -13.62 8.04
CA TYR A 50 -0.45 -12.33 7.80
C TYR A 50 -1.32 -11.18 8.32
N ASN A 51 -0.69 -10.04 8.57
CA ASN A 51 -1.41 -8.87 9.06
C ASN A 51 -1.24 -7.69 8.11
N ARG A 52 -1.79 -6.54 8.49
CA ARG A 52 -1.70 -5.34 7.67
C ARG A 52 -0.25 -4.95 7.42
N ILE A 53 0.46 -4.65 8.50
CA ILE A 53 1.88 -4.25 8.40
C ILE A 53 2.69 -5.29 7.65
N LYS A 54 2.27 -6.55 7.72
CA LYS A 54 2.96 -7.63 7.05
C LYS A 54 2.91 -7.47 5.54
N ILE A 55 1.70 -7.32 5.00
CA ILE A 55 1.51 -7.15 3.57
C ILE A 55 2.20 -5.88 3.07
N THR A 56 2.21 -4.85 3.90
CA THR A 56 2.84 -3.59 3.55
C THR A 56 4.36 -3.73 3.46
N ASP A 57 4.91 -4.64 4.26
CA ASP A 57 6.34 -4.87 4.27
C ASP A 57 6.80 -5.50 2.96
N LEU A 58 5.99 -6.40 2.43
CA LEU A 58 6.31 -7.07 1.17
C LEU A 58 5.99 -6.17 -0.03
N MET A 59 4.97 -5.33 0.13
CA MET A 59 4.56 -4.42 -0.94
C MET A 59 5.68 -3.44 -1.27
N GLU A 60 6.30 -2.88 -0.25
CA GLU A 60 7.39 -1.93 -0.43
C GLU A 60 8.63 -2.62 -0.99
N LYS A 61 8.86 -3.85 -0.54
CA LYS A 61 10.02 -4.62 -1.00
C LYS A 61 9.79 -5.17 -2.40
N LYS A 62 8.55 -5.54 -2.70
CA LYS A 62 8.21 -6.08 -4.01
C LYS A 62 8.07 -4.96 -5.04
N PHE A 63 7.63 -3.79 -4.57
CA PHE A 63 7.46 -2.64 -5.46
C PHE A 63 8.04 -1.38 -4.83
N GLN A 64 9.33 -1.15 -5.06
CA GLN A 64 10.01 0.02 -4.51
C GLN A 64 9.58 1.28 -5.26
N GLY A 65 9.31 2.34 -4.49
CA GLY A 65 8.90 3.60 -5.09
C GLY A 65 7.40 3.71 -5.22
N VAL A 66 6.94 4.60 -6.10
CA VAL A 66 5.51 4.81 -6.32
C VAL A 66 4.83 3.52 -6.75
N ALA A 67 5.60 2.58 -7.27
CA ALA A 67 5.06 1.31 -7.74
C ALA A 67 4.22 0.64 -6.65
N CYS A 68 4.56 0.90 -5.40
CA CYS A 68 3.83 0.31 -4.28
C CYS A 68 2.42 0.87 -4.20
N LEU A 69 2.27 2.17 -4.45
CA LEU A 69 0.97 2.82 -4.41
C LEU A 69 0.16 2.50 -5.67
N ASP A 70 0.84 2.49 -6.82
CA ASP A 70 0.19 2.21 -8.08
C ASP A 70 -0.45 0.82 -8.06
N LYS A 71 0.15 -0.10 -7.31
CA LYS A 71 -0.37 -1.45 -7.20
C LYS A 71 -1.72 -1.48 -6.51
N LEU A 72 -1.83 -0.72 -5.41
CA LEU A 72 -3.07 -0.65 -4.66
C LEU A 72 -4.16 0.03 -5.47
N ILE A 73 -3.76 0.99 -6.30
CA ILE A 73 -4.70 1.72 -7.14
C ILE A 73 -5.13 0.89 -8.35
N GLU A 74 -4.19 0.13 -8.89
CA GLU A 74 -4.46 -0.72 -10.04
C GLU A 74 -5.45 -1.82 -9.69
N LEU A 75 -5.23 -2.46 -8.54
CA LEU A 75 -6.10 -3.54 -8.09
C LEU A 75 -7.45 -3.00 -7.63
N ALA A 76 -7.44 -1.78 -7.11
CA ALA A 76 -8.67 -1.14 -6.63
C ALA A 76 -9.23 -0.17 -7.67
N LYS A 77 -8.98 -0.46 -8.94
CA LYS A 77 -9.45 0.38 -10.03
C LYS A 77 -10.96 0.21 -10.24
N ASP A 78 -11.41 -1.04 -10.26
CA ASP A 78 -12.83 -1.35 -10.45
C ASP A 78 -13.53 -1.51 -9.10
N MET A 79 -13.27 -0.58 -8.18
CA MET A 79 -13.87 -0.63 -6.86
C MET A 79 -14.64 0.66 -6.57
N PRO A 80 -15.97 0.65 -6.75
CA PRO A 80 -16.81 1.82 -6.49
C PRO A 80 -16.84 2.22 -5.02
N SER A 81 -16.57 1.24 -4.15
CA SER A 81 -16.58 1.47 -2.71
C SER A 81 -15.24 2.04 -2.25
N LEU A 82 -14.18 1.77 -3.02
CA LEU A 82 -12.85 2.26 -2.67
C LEU A 82 -12.54 3.54 -3.44
N LYS A 83 -13.56 4.32 -3.75
CA LYS A 83 -13.39 5.57 -4.48
C LYS A 83 -12.55 6.56 -3.68
N ASN A 84 -12.60 6.44 -2.35
CA ASN A 84 -11.84 7.32 -1.47
C ASN A 84 -10.38 6.89 -1.40
N LEU A 85 -10.16 5.59 -1.23
CA LEU A 85 -8.81 5.05 -1.15
C LEU A 85 -8.01 5.37 -2.41
N VAL A 86 -8.59 5.06 -3.57
CA VAL A 86 -7.94 5.31 -4.85
C VAL A 86 -7.62 6.80 -5.01
N ASN A 87 -8.51 7.65 -4.52
CA ASN A 87 -8.32 9.09 -4.62
C ASN A 87 -7.36 9.59 -3.54
N ASN A 88 -7.34 8.92 -2.40
CA ASN A 88 -6.46 9.29 -1.30
C ASN A 88 -5.02 8.84 -1.58
N LEU A 89 -4.88 7.74 -2.30
CA LEU A 89 -3.56 7.21 -2.64
C LEU A 89 -2.98 7.92 -3.86
N ARG A 90 -3.86 8.35 -4.76
CA ARG A 90 -3.42 9.04 -5.97
C ARG A 90 -3.00 10.47 -5.66
N LYS A 91 -3.80 11.17 -4.86
CA LYS A 91 -3.50 12.54 -4.49
C LYS A 91 -2.17 12.64 -3.76
N GLU A 92 -1.90 11.66 -2.90
CA GLU A 92 -0.66 11.64 -2.14
C GLU A 92 0.54 11.39 -3.05
N LYS A 93 0.42 10.37 -3.90
CA LYS A 93 1.49 10.02 -4.83
C LYS A 93 1.85 11.20 -5.73
N SER A 94 0.87 12.06 -5.98
CA SER A 94 1.07 13.23 -6.83
C SER A 94 1.63 14.40 -6.02
N LYS A 95 1.29 14.45 -4.74
CA LYS A 95 1.76 15.51 -3.86
C LYS A 95 3.24 15.32 -3.52
N VAL A 96 3.66 14.06 -3.38
CA VAL A 96 5.04 13.75 -3.07
C VAL A 96 6.00 14.31 -4.11
N ALA A 97 5.65 14.13 -5.38
CA ALA A 97 6.47 14.62 -6.48
C ALA A 97 7.83 13.93 -6.51
N SER A 98 8.73 14.37 -5.63
CA SER A 98 10.07 13.78 -5.56
C SER A 98 10.38 13.30 -4.14
N GLY A 99 11.34 12.40 -4.03
CA GLY A 99 11.72 11.88 -2.72
C GLY A 99 13.09 12.34 -2.29
N PRO A 100 13.20 13.53 -1.67
CA PRO A 100 14.48 14.07 -1.20
C PRO A 100 15.03 13.29 -0.01
N SER A 101 14.15 12.64 0.73
CA SER A 101 14.55 11.86 1.90
C SER A 101 15.15 12.77 2.97
N SER A 102 14.35 13.07 3.99
CA SER A 102 14.81 13.93 5.09
C SER A 102 15.17 15.32 4.57
N GLY A 103 14.26 16.27 4.73
CA GLY A 103 14.51 17.62 4.28
C GLY A 103 14.69 18.60 5.43
N GLY A 1 21.73 7.25 -12.33
CA GLY A 1 22.09 5.89 -11.83
C GLY A 1 20.87 5.05 -11.51
N SER A 2 20.28 5.29 -10.34
CA SER A 2 19.11 4.54 -9.91
C SER A 2 18.37 5.29 -8.80
N SER A 3 17.06 5.42 -8.96
CA SER A 3 16.24 6.11 -7.97
C SER A 3 15.28 5.14 -7.28
N GLY A 4 14.59 5.62 -6.25
CA GLY A 4 13.66 4.78 -5.53
C GLY A 4 14.26 4.19 -4.27
N SER A 5 14.99 5.01 -3.52
CA SER A 5 15.63 4.56 -2.28
C SER A 5 15.89 5.74 -1.36
N SER A 6 15.64 5.55 -0.07
CA SER A 6 15.85 6.60 0.92
C SER A 6 16.42 6.02 2.21
N GLY A 7 15.69 5.07 2.81
CA GLY A 7 16.14 4.45 4.04
C GLY A 7 15.15 3.44 4.57
N MET A 8 15.18 3.23 5.88
CA MET A 8 14.28 2.27 6.53
C MET A 8 12.83 2.76 6.47
N VAL A 9 12.57 3.89 7.12
CA VAL A 9 11.24 4.47 7.14
C VAL A 9 10.95 5.25 5.86
N ASN A 10 10.33 4.57 4.90
CA ASN A 10 9.99 5.19 3.62
C ASN A 10 8.81 6.14 3.77
N GLU A 11 8.48 6.85 2.70
CA GLU A 11 7.37 7.79 2.71
C GLU A 11 6.12 7.17 2.07
N TYR A 12 6.31 6.55 0.90
CA TYR A 12 5.20 5.92 0.19
C TYR A 12 4.63 4.75 1.00
N LYS A 13 5.49 4.08 1.74
CA LYS A 13 5.08 2.94 2.57
C LYS A 13 4.17 3.39 3.70
N LYS A 14 4.40 4.61 4.18
CA LYS A 14 3.60 5.16 5.28
C LYS A 14 2.16 5.40 4.84
N ILE A 15 1.99 6.12 3.74
CA ILE A 15 0.67 6.42 3.21
C ILE A 15 -0.07 5.14 2.83
N LEU A 16 0.67 4.18 2.29
CA LEU A 16 0.08 2.91 1.88
C LEU A 16 -0.47 2.15 3.09
N LEU A 17 0.15 2.35 4.24
CA LEU A 17 -0.28 1.69 5.47
C LEU A 17 -1.50 2.38 6.07
N LEU A 18 -1.31 3.62 6.52
CA LEU A 18 -2.39 4.40 7.12
C LEU A 18 -3.52 4.59 6.13
N LYS A 19 -3.20 5.21 4.98
CA LYS A 19 -4.19 5.48 3.95
C LYS A 19 -4.28 4.29 2.98
N GLY A 20 -4.49 3.10 3.51
CA GLY A 20 -4.59 1.92 2.69
C GLY A 20 -5.27 0.76 3.40
N PHE A 21 -4.47 -0.07 4.05
CA PHE A 21 -5.01 -1.23 4.77
C PHE A 21 -5.57 -0.81 6.12
N GLU A 22 -4.93 0.18 6.75
CA GLU A 22 -5.37 0.67 8.04
C GLU A 22 -6.79 1.21 7.98
N LEU A 23 -7.14 1.82 6.85
CA LEU A 23 -8.47 2.37 6.65
C LEU A 23 -9.25 1.55 5.63
N MET A 24 -9.04 0.24 5.65
CA MET A 24 -9.73 -0.66 4.72
C MET A 24 -10.70 -1.58 5.46
N ASP A 25 -11.53 -2.29 4.71
CA ASP A 25 -12.50 -3.21 5.31
C ASP A 25 -12.29 -4.63 4.79
N ASP A 26 -12.99 -5.58 5.40
CA ASP A 26 -12.87 -6.98 5.01
C ASP A 26 -13.28 -7.17 3.55
N TYR A 27 -14.17 -6.31 3.06
CA TYR A 27 -14.63 -6.37 1.69
C TYR A 27 -13.47 -6.31 0.70
N HIS A 28 -12.44 -5.55 1.07
CA HIS A 28 -11.26 -5.41 0.22
C HIS A 28 -10.05 -6.10 0.84
N PHE A 29 -10.03 -6.17 2.17
CA PHE A 29 -8.92 -6.81 2.88
C PHE A 29 -8.69 -8.24 2.38
N THR A 30 -9.75 -8.86 1.88
CA THR A 30 -9.65 -10.22 1.37
C THR A 30 -9.45 -10.23 -0.14
N SER A 31 -9.99 -9.22 -0.81
CA SER A 31 -9.86 -9.11 -2.27
C SER A 31 -8.44 -8.74 -2.66
N ILE A 32 -7.92 -7.67 -2.06
CA ILE A 32 -6.57 -7.20 -2.35
C ILE A 32 -5.54 -8.27 -2.02
N LYS A 33 -5.79 -9.01 -0.94
CA LYS A 33 -4.88 -10.07 -0.51
C LYS A 33 -4.95 -11.27 -1.46
N SER A 34 -6.13 -11.48 -2.05
CA SER A 34 -6.32 -12.59 -2.97
C SER A 34 -5.59 -12.34 -4.28
N LEU A 35 -5.69 -11.12 -4.79
CA LEU A 35 -5.03 -10.76 -6.04
C LEU A 35 -3.53 -10.60 -5.85
N LEU A 36 -3.14 -9.97 -4.73
CA LEU A 36 -1.73 -9.76 -4.44
C LEU A 36 -1.01 -11.09 -4.23
N ALA A 37 -1.75 -12.10 -3.80
CA ALA A 37 -1.18 -13.42 -3.57
C ALA A 37 -0.48 -13.95 -4.81
N TYR A 38 -0.97 -13.55 -5.98
CA TYR A 38 -0.39 -13.99 -7.25
C TYR A 38 0.94 -13.30 -7.49
N ASP A 39 1.08 -12.08 -7.00
CA ASP A 39 2.31 -11.32 -7.17
C ASP A 39 3.29 -11.59 -6.02
N LEU A 40 2.86 -11.29 -4.81
CA LEU A 40 3.69 -11.51 -3.62
C LEU A 40 3.91 -12.99 -3.39
N GLY A 41 2.88 -13.79 -3.64
CA GLY A 41 2.99 -15.22 -3.44
C GLY A 41 2.46 -15.66 -2.09
N LEU A 42 1.17 -15.43 -1.86
CA LEU A 42 0.54 -15.81 -0.59
C LEU A 42 -0.62 -16.77 -0.84
N THR A 43 -1.30 -17.15 0.25
CA THR A 43 -2.43 -18.07 0.15
C THR A 43 -3.39 -17.87 1.33
N THR A 44 -4.47 -18.65 1.33
CA THR A 44 -5.46 -18.56 2.39
C THR A 44 -4.85 -18.92 3.75
N LYS A 45 -3.75 -19.66 3.73
CA LYS A 45 -3.08 -20.07 4.95
C LYS A 45 -2.21 -18.94 5.50
N MET A 46 -1.73 -18.09 4.61
CA MET A 46 -0.88 -16.97 5.01
C MET A 46 -1.69 -15.67 5.11
N GLN A 47 -2.74 -15.58 4.31
CA GLN A 47 -3.59 -14.39 4.31
C GLN A 47 -4.22 -14.17 5.68
N GLU A 48 -4.45 -15.26 6.41
CA GLU A 48 -5.04 -15.19 7.74
C GLU A 48 -3.96 -14.99 8.80
N GLU A 49 -2.77 -15.51 8.55
CA GLU A 49 -1.66 -15.39 9.49
C GLU A 49 -0.98 -14.04 9.36
N TYR A 50 -0.96 -13.51 8.14
CA TYR A 50 -0.34 -12.21 7.87
C TYR A 50 -1.19 -11.08 8.42
N ASN A 51 -0.56 -9.95 8.70
CA ASN A 51 -1.27 -8.79 9.23
C ASN A 51 -1.31 -7.66 8.20
N ARG A 52 -1.93 -6.55 8.57
CA ARG A 52 -2.03 -5.40 7.67
C ARG A 52 -0.66 -4.85 7.32
N ILE A 53 0.16 -4.57 8.34
CA ILE A 53 1.49 -4.04 8.13
C ILE A 53 2.38 -5.05 7.40
N LYS A 54 2.09 -6.33 7.61
CA LYS A 54 2.86 -7.40 6.97
C LYS A 54 2.81 -7.28 5.45
N ILE A 55 1.61 -7.06 4.92
CA ILE A 55 1.41 -6.92 3.49
C ILE A 55 2.10 -5.67 2.95
N THR A 56 2.08 -4.60 3.75
CA THR A 56 2.70 -3.34 3.36
C THR A 56 4.22 -3.49 3.27
N ASP A 57 4.78 -4.36 4.10
CA ASP A 57 6.22 -4.60 4.11
C ASP A 57 6.66 -5.30 2.83
N LEU A 58 5.80 -6.16 2.30
CA LEU A 58 6.10 -6.90 1.09
C LEU A 58 5.84 -6.05 -0.15
N MET A 59 4.80 -5.22 -0.07
CA MET A 59 4.44 -4.35 -1.19
C MET A 59 5.59 -3.40 -1.53
N GLU A 60 6.24 -2.88 -0.51
CA GLU A 60 7.36 -1.96 -0.70
C GLU A 60 8.55 -2.66 -1.34
N LYS A 61 8.90 -3.83 -0.80
CA LYS A 61 10.01 -4.61 -1.33
C LYS A 61 9.75 -5.02 -2.77
N LYS A 62 8.67 -5.76 -2.98
CA LYS A 62 8.30 -6.22 -4.32
C LYS A 62 8.09 -5.05 -5.26
N PHE A 63 7.59 -3.94 -4.72
CA PHE A 63 7.33 -2.75 -5.52
C PHE A 63 7.84 -1.49 -4.80
N GLN A 64 9.12 -1.18 -5.00
CA GLN A 64 9.72 -0.02 -4.38
C GLN A 64 9.32 1.26 -5.10
N GLY A 65 9.03 2.29 -4.33
CA GLY A 65 8.63 3.56 -4.91
C GLY A 65 7.13 3.67 -5.07
N VAL A 66 6.71 4.51 -6.01
CA VAL A 66 5.28 4.71 -6.27
C VAL A 66 4.60 3.42 -6.71
N ALA A 67 5.41 2.45 -7.16
CA ALA A 67 4.88 1.16 -7.60
C ALA A 67 3.98 0.53 -6.54
N CYS A 68 4.38 0.65 -5.27
CA CYS A 68 3.61 0.10 -4.18
C CYS A 68 2.21 0.70 -4.12
N LEU A 69 2.12 1.98 -4.44
CA LEU A 69 0.84 2.68 -4.42
C LEU A 69 0.00 2.32 -5.65
N ASP A 70 0.65 2.33 -6.82
CA ASP A 70 -0.03 2.00 -8.06
C ASP A 70 -0.62 0.59 -8.01
N LYS A 71 0.04 -0.29 -7.27
CA LYS A 71 -0.42 -1.67 -7.13
C LYS A 71 -1.76 -1.73 -6.40
N LEU A 72 -1.84 -1.03 -5.28
CA LEU A 72 -3.07 -1.00 -4.48
C LEU A 72 -4.19 -0.31 -5.25
N ILE A 73 -3.86 0.80 -5.91
CA ILE A 73 -4.85 1.55 -6.67
C ILE A 73 -5.34 0.74 -7.86
N GLU A 74 -4.43 0.08 -8.55
CA GLU A 74 -4.78 -0.74 -9.71
C GLU A 74 -5.72 -1.87 -9.31
N LEU A 75 -5.39 -2.53 -8.20
CA LEU A 75 -6.21 -3.64 -7.70
C LEU A 75 -7.54 -3.14 -7.17
N ALA A 76 -7.50 -2.01 -6.47
CA ALA A 76 -8.71 -1.42 -5.89
C ALA A 76 -9.23 -0.28 -6.76
N LYS A 77 -8.97 -0.35 -8.06
CA LYS A 77 -9.40 0.68 -8.99
C LYS A 77 -10.87 0.50 -9.34
N ASP A 78 -11.33 -0.75 -9.34
CA ASP A 78 -12.72 -1.05 -9.66
C ASP A 78 -13.54 -1.24 -8.39
N MET A 79 -13.21 -0.46 -7.36
CA MET A 79 -13.92 -0.54 -6.09
C MET A 79 -14.54 0.82 -5.74
N PRO A 80 -15.87 0.95 -5.88
CA PRO A 80 -16.58 2.20 -5.57
C PRO A 80 -16.53 2.53 -4.08
N SER A 81 -16.39 1.50 -3.25
CA SER A 81 -16.34 1.69 -1.80
C SER A 81 -15.05 2.41 -1.40
N LEU A 82 -13.99 2.18 -2.16
CA LEU A 82 -12.70 2.81 -1.88
C LEU A 82 -12.46 4.00 -2.80
N LYS A 83 -13.53 4.75 -3.07
CA LYS A 83 -13.44 5.92 -3.94
C LYS A 83 -12.58 7.01 -3.30
N ASN A 84 -12.61 7.06 -1.98
CA ASN A 84 -11.83 8.06 -1.23
C ASN A 84 -10.38 7.62 -1.07
N LEU A 85 -10.18 6.31 -0.99
CA LEU A 85 -8.84 5.75 -0.83
C LEU A 85 -8.04 5.88 -2.12
N VAL A 86 -8.70 5.64 -3.25
CA VAL A 86 -8.06 5.73 -4.55
C VAL A 86 -7.62 7.16 -4.85
N ASN A 87 -8.43 8.13 -4.43
CA ASN A 87 -8.13 9.53 -4.66
C ASN A 87 -7.03 10.01 -3.70
N ASN A 88 -6.98 9.42 -2.52
CA ASN A 88 -5.98 9.78 -1.52
C ASN A 88 -4.63 9.17 -1.86
N LEU A 89 -4.65 8.01 -2.49
CA LEU A 89 -3.42 7.32 -2.88
C LEU A 89 -2.86 7.89 -4.18
N ARG A 90 -3.74 8.26 -5.09
CA ARG A 90 -3.34 8.81 -6.38
C ARG A 90 -2.81 10.24 -6.20
N LYS A 91 -3.42 10.99 -5.31
CA LYS A 91 -3.01 12.36 -5.05
C LYS A 91 -1.77 12.42 -4.18
N GLU A 92 -1.69 11.49 -3.22
CA GLU A 92 -0.56 11.44 -2.30
C GLU A 92 0.72 11.08 -3.06
N LYS A 93 0.58 10.30 -4.12
CA LYS A 93 1.72 9.89 -4.93
C LYS A 93 2.47 11.09 -5.49
N SER A 94 1.80 11.82 -6.38
CA SER A 94 2.40 13.01 -6.99
C SER A 94 2.73 14.06 -5.95
N LYS A 95 2.00 14.05 -4.84
CA LYS A 95 2.22 15.00 -3.76
C LYS A 95 3.64 14.92 -3.25
N VAL A 96 4.13 13.71 -3.03
CA VAL A 96 5.49 13.50 -2.54
C VAL A 96 6.45 13.18 -3.68
N ALA A 97 6.18 13.75 -4.84
CA ALA A 97 7.02 13.53 -6.02
C ALA A 97 7.41 14.85 -6.67
N SER A 98 8.69 15.18 -6.60
CA SER A 98 9.20 16.41 -7.18
C SER A 98 9.43 16.26 -8.68
N GLY A 99 9.55 17.38 -9.38
CA GLY A 99 9.77 17.34 -10.82
C GLY A 99 8.52 16.92 -11.58
N PRO A 100 7.44 17.72 -11.50
CA PRO A 100 6.19 17.42 -12.20
C PRO A 100 6.32 17.57 -13.71
N SER A 101 5.66 16.68 -14.45
CA SER A 101 5.69 16.72 -15.90
C SER A 101 4.47 16.04 -16.50
N SER A 102 4.38 14.72 -16.34
CA SER A 102 3.26 13.95 -16.85
C SER A 102 2.27 13.61 -15.75
N GLY A 103 2.80 13.39 -14.54
CA GLY A 103 1.94 13.06 -13.42
C GLY A 103 1.59 14.27 -12.57
N GLY A 1 11.84 20.82 11.75
CA GLY A 1 10.68 20.52 12.65
C GLY A 1 9.82 21.74 12.91
N SER A 2 8.56 21.67 12.49
CA SER A 2 7.62 22.77 12.67
C SER A 2 6.21 22.25 12.88
N SER A 3 5.77 21.38 11.97
CA SER A 3 4.43 20.81 12.06
C SER A 3 4.23 19.75 10.98
N GLY A 4 4.70 20.03 9.77
CA GLY A 4 4.56 19.09 8.67
C GLY A 4 5.89 18.52 8.24
N SER A 5 6.58 17.85 9.16
CA SER A 5 7.88 17.25 8.87
C SER A 5 7.97 15.85 9.45
N SER A 6 7.87 14.85 8.59
CA SER A 6 7.95 13.46 9.02
C SER A 6 8.25 12.53 7.85
N GLY A 7 8.92 11.43 8.12
CA GLY A 7 9.26 10.48 7.08
C GLY A 7 10.76 10.38 6.85
N MET A 8 11.38 9.36 7.46
CA MET A 8 12.82 9.16 7.33
C MET A 8 13.11 7.89 6.53
N VAL A 9 12.27 6.88 6.71
CA VAL A 9 12.44 5.61 6.00
C VAL A 9 11.30 5.36 5.04
N ASN A 10 11.43 5.89 3.83
CA ASN A 10 10.39 5.73 2.80
C ASN A 10 9.08 6.36 3.24
N GLU A 11 8.63 7.36 2.50
CA GLU A 11 7.38 8.05 2.82
C GLU A 11 6.20 7.40 2.09
N TYR A 12 6.47 6.86 0.91
CA TYR A 12 5.42 6.21 0.12
C TYR A 12 4.88 4.99 0.84
N LYS A 13 5.74 4.31 1.58
CA LYS A 13 5.35 3.12 2.33
C LYS A 13 4.39 3.48 3.46
N LYS A 14 4.64 4.61 4.10
CA LYS A 14 3.80 5.07 5.20
C LYS A 14 2.37 5.35 4.72
N ILE A 15 2.26 5.81 3.47
CA ILE A 15 0.95 6.13 2.89
C ILE A 15 0.20 4.85 2.54
N LEU A 16 0.93 3.80 2.19
CA LEU A 16 0.33 2.53 1.83
C LEU A 16 -0.24 1.83 3.06
N LEU A 17 0.35 2.11 4.22
CA LEU A 17 -0.10 1.49 5.47
C LEU A 17 -1.26 2.29 6.07
N LEU A 18 -0.97 3.49 6.54
CA LEU A 18 -1.99 4.35 7.13
C LEU A 18 -3.07 4.70 6.12
N LYS A 19 -2.65 5.27 4.98
CA LYS A 19 -3.58 5.66 3.94
C LYS A 19 -3.74 4.54 2.92
N GLY A 20 -3.95 3.32 3.40
CA GLY A 20 -4.12 2.18 2.51
C GLY A 20 -4.84 1.03 3.18
N PHE A 21 -4.09 0.03 3.61
CA PHE A 21 -4.66 -1.14 4.27
C PHE A 21 -5.34 -0.74 5.58
N GLU A 22 -4.76 0.24 6.27
CA GLU A 22 -5.31 0.71 7.53
C GLU A 22 -6.71 1.25 7.35
N LEU A 23 -6.97 1.82 6.18
CA LEU A 23 -8.28 2.39 5.88
C LEU A 23 -9.04 1.51 4.88
N MET A 24 -8.97 0.20 5.09
CA MET A 24 -9.65 -0.75 4.22
C MET A 24 -10.62 -1.62 5.02
N ASP A 25 -11.62 -2.16 4.32
CA ASP A 25 -12.62 -3.01 4.96
C ASP A 25 -12.48 -4.46 4.51
N ASP A 26 -13.12 -5.37 5.23
CA ASP A 26 -13.07 -6.79 4.91
C ASP A 26 -13.59 -7.04 3.51
N TYR A 27 -14.51 -6.19 3.05
CA TYR A 27 -15.10 -6.33 1.73
C TYR A 27 -14.02 -6.30 0.65
N HIS A 28 -12.95 -5.56 0.91
CA HIS A 28 -11.84 -5.45 -0.04
C HIS A 28 -10.60 -6.16 0.49
N PHE A 29 -10.44 -6.19 1.81
CA PHE A 29 -9.30 -6.84 2.43
C PHE A 29 -9.15 -8.28 1.95
N THR A 30 -10.26 -8.90 1.59
CA THR A 30 -10.26 -10.28 1.12
C THR A 30 -9.93 -10.34 -0.37
N SER A 31 -10.29 -9.28 -1.09
CA SER A 31 -10.03 -9.23 -2.53
C SER A 31 -8.59 -8.87 -2.81
N ILE A 32 -8.07 -7.87 -2.10
CA ILE A 32 -6.69 -7.43 -2.28
C ILE A 32 -5.71 -8.54 -1.89
N LYS A 33 -5.90 -9.10 -0.71
CA LYS A 33 -5.03 -10.18 -0.22
C LYS A 33 -5.05 -11.37 -1.18
N SER A 34 -6.20 -11.57 -1.84
CA SER A 34 -6.35 -12.67 -2.78
C SER A 34 -5.49 -12.45 -4.02
N LEU A 35 -5.75 -11.35 -4.71
CA LEU A 35 -5.01 -11.01 -5.92
C LEU A 35 -3.52 -10.83 -5.62
N LEU A 36 -3.22 -10.17 -4.51
CA LEU A 36 -1.84 -9.93 -4.11
C LEU A 36 -1.12 -11.25 -3.82
N ALA A 37 -1.88 -12.26 -3.41
CA ALA A 37 -1.31 -13.57 -3.10
C ALA A 37 -0.57 -14.14 -4.31
N TYR A 38 -1.04 -13.79 -5.50
CA TYR A 38 -0.43 -14.27 -6.74
C TYR A 38 0.88 -13.55 -7.01
N ASP A 39 0.94 -12.29 -6.61
CA ASP A 39 2.16 -11.49 -6.81
C ASP A 39 3.13 -11.66 -5.64
N LEU A 40 2.65 -11.34 -4.44
CA LEU A 40 3.48 -11.46 -3.24
C LEU A 40 3.86 -12.92 -2.98
N GLY A 41 2.91 -13.82 -3.22
CA GLY A 41 3.17 -15.23 -3.01
C GLY A 41 2.55 -15.74 -1.72
N LEU A 42 1.46 -15.11 -1.29
CA LEU A 42 0.77 -15.51 -0.08
C LEU A 42 -0.17 -16.68 -0.33
N THR A 43 -0.83 -17.15 0.72
CA THR A 43 -1.76 -18.26 0.61
C THR A 43 -2.99 -18.05 1.49
N THR A 44 -3.81 -19.08 1.61
CA THR A 44 -5.03 -19.00 2.41
C THR A 44 -4.69 -18.96 3.90
N LYS A 45 -3.57 -19.58 4.26
CA LYS A 45 -3.13 -19.61 5.65
C LYS A 45 -2.41 -18.32 6.04
N MET A 46 -1.45 -17.92 5.23
CA MET A 46 -0.69 -16.71 5.48
C MET A 46 -1.60 -15.48 5.46
N GLN A 47 -2.64 -15.54 4.63
CA GLN A 47 -3.59 -14.43 4.52
C GLN A 47 -4.23 -14.12 5.87
N GLU A 48 -4.36 -15.14 6.71
CA GLU A 48 -4.95 -14.96 8.04
C GLU A 48 -3.87 -14.74 9.09
N GLU A 49 -2.71 -15.35 8.87
CA GLU A 49 -1.60 -15.22 9.81
C GLU A 49 -0.93 -13.86 9.68
N TYR A 50 -0.87 -13.34 8.46
CA TYR A 50 -0.25 -12.05 8.19
C TYR A 50 -1.15 -10.92 8.67
N ASN A 51 -0.55 -9.73 8.83
CA ASN A 51 -1.30 -8.57 9.28
C ASN A 51 -1.30 -7.47 8.21
N ARG A 52 -2.08 -6.42 8.45
CA ARG A 52 -2.17 -5.31 7.50
C ARG A 52 -0.81 -4.68 7.27
N ILE A 53 0.05 -4.73 8.28
CA ILE A 53 1.39 -4.17 8.19
C ILE A 53 2.34 -5.12 7.47
N LYS A 54 2.07 -6.42 7.61
CA LYS A 54 2.91 -7.44 6.98
C LYS A 54 2.77 -7.40 5.46
N ILE A 55 1.53 -7.26 4.99
CA ILE A 55 1.27 -7.21 3.55
C ILE A 55 1.89 -5.98 2.92
N THR A 56 1.99 -4.90 3.70
CA THR A 56 2.57 -3.65 3.21
C THR A 56 4.07 -3.78 3.06
N ASP A 57 4.71 -4.46 4.00
CA ASP A 57 6.16 -4.65 3.97
C ASP A 57 6.58 -5.40 2.71
N LEU A 58 5.70 -6.26 2.22
CA LEU A 58 5.99 -7.04 1.01
C LEU A 58 5.73 -6.21 -0.25
N MET A 59 4.68 -5.40 -0.21
CA MET A 59 4.33 -4.55 -1.35
C MET A 59 5.46 -3.59 -1.67
N GLU A 60 6.09 -3.05 -0.64
CA GLU A 60 7.20 -2.10 -0.81
C GLU A 60 8.36 -2.76 -1.55
N LYS A 61 8.82 -3.89 -1.03
CA LYS A 61 9.94 -4.62 -1.64
C LYS A 61 9.59 -5.03 -3.06
N LYS A 62 8.45 -5.71 -3.22
CA LYS A 62 8.02 -6.16 -4.53
C LYS A 62 7.85 -4.99 -5.50
N PHE A 63 7.28 -3.90 -5.00
CA PHE A 63 7.06 -2.71 -5.81
C PHE A 63 7.64 -1.47 -5.14
N GLN A 64 8.96 -1.32 -5.21
CA GLN A 64 9.63 -0.17 -4.61
C GLN A 64 9.19 1.13 -5.27
N GLY A 65 9.22 2.22 -4.50
CA GLY A 65 8.82 3.51 -5.03
C GLY A 65 7.32 3.68 -5.09
N VAL A 66 6.86 4.53 -6.00
CA VAL A 66 5.43 4.78 -6.16
C VAL A 66 4.70 3.53 -6.65
N ALA A 67 5.45 2.56 -7.16
CA ALA A 67 4.87 1.33 -7.67
C ALA A 67 3.97 0.67 -6.62
N CYS A 68 4.38 0.76 -5.36
CA CYS A 68 3.62 0.17 -4.26
C CYS A 68 2.25 0.82 -4.15
N LEU A 69 2.18 2.12 -4.45
CA LEU A 69 0.93 2.86 -4.38
C LEU A 69 0.10 2.65 -5.64
N ASP A 70 0.75 2.74 -6.80
CA ASP A 70 0.07 2.56 -8.07
C ASP A 70 -0.55 1.17 -8.16
N LYS A 71 0.09 0.19 -7.55
CA LYS A 71 -0.40 -1.19 -7.56
C LYS A 71 -1.76 -1.28 -6.87
N LEU A 72 -1.87 -0.64 -5.72
CA LEU A 72 -3.11 -0.65 -4.96
C LEU A 72 -4.20 0.15 -5.68
N ILE A 73 -3.79 1.21 -6.36
CA ILE A 73 -4.72 2.05 -7.10
C ILE A 73 -5.17 1.37 -8.39
N GLU A 74 -4.28 0.59 -9.00
CA GLU A 74 -4.59 -0.12 -10.23
C GLU A 74 -5.46 -1.34 -9.95
N LEU A 75 -5.23 -1.98 -8.81
CA LEU A 75 -5.99 -3.16 -8.42
C LEU A 75 -7.39 -2.78 -7.93
N ALA A 76 -7.48 -1.62 -7.29
CA ALA A 76 -8.75 -1.13 -6.77
C ALA A 76 -9.31 0.00 -7.63
N LYS A 77 -8.98 -0.02 -8.92
CA LYS A 77 -9.45 1.00 -9.84
C LYS A 77 -10.95 0.89 -10.08
N ASP A 78 -11.45 -0.34 -10.13
CA ASP A 78 -12.87 -0.58 -10.35
C ASP A 78 -13.58 -0.89 -9.03
N MET A 79 -13.29 -0.09 -8.01
CA MET A 79 -13.90 -0.28 -6.70
C MET A 79 -14.50 1.03 -6.18
N PRO A 80 -15.74 1.35 -6.60
CA PRO A 80 -16.42 2.58 -6.18
C PRO A 80 -16.45 2.73 -4.67
N SER A 81 -16.46 1.59 -3.97
CA SER A 81 -16.49 1.60 -2.51
C SER A 81 -15.19 2.19 -1.94
N LEU A 82 -14.08 1.93 -2.62
CA LEU A 82 -12.78 2.43 -2.18
C LEU A 82 -12.40 3.69 -2.96
N LYS A 83 -13.40 4.46 -3.36
CA LYS A 83 -13.16 5.69 -4.11
C LYS A 83 -12.28 6.65 -3.31
N ASN A 84 -12.41 6.60 -1.98
CA ASN A 84 -11.61 7.47 -1.12
C ASN A 84 -10.19 6.93 -0.96
N LEU A 85 -10.04 5.61 -1.04
CA LEU A 85 -8.74 4.98 -0.91
C LEU A 85 -7.91 5.16 -2.18
N VAL A 86 -8.58 5.18 -3.32
CA VAL A 86 -7.92 5.36 -4.60
C VAL A 86 -7.57 6.82 -4.85
N ASN A 87 -8.49 7.71 -4.49
CA ASN A 87 -8.28 9.14 -4.67
C ASN A 87 -7.17 9.66 -3.76
N ASN A 88 -7.03 9.02 -2.59
CA ASN A 88 -6.02 9.42 -1.62
C ASN A 88 -4.66 8.86 -2.01
N LEU A 89 -4.64 7.59 -2.41
CA LEU A 89 -3.39 6.93 -2.80
C LEU A 89 -2.74 7.65 -3.98
N ARG A 90 -3.57 8.14 -4.90
CA ARG A 90 -3.07 8.84 -6.08
C ARG A 90 -2.66 10.27 -5.72
N LYS A 91 -3.47 10.92 -4.89
CA LYS A 91 -3.19 12.29 -4.47
C LYS A 91 -1.97 12.34 -3.55
N GLU A 92 -1.89 11.39 -2.63
CA GLU A 92 -0.78 11.32 -1.69
C GLU A 92 0.55 11.20 -2.42
N LYS A 93 0.52 10.58 -3.60
CA LYS A 93 1.73 10.41 -4.40
C LYS A 93 2.14 11.71 -5.07
N SER A 94 1.16 12.55 -5.38
CA SER A 94 1.43 13.83 -6.03
C SER A 94 1.89 14.87 -5.00
N LYS A 95 1.31 14.83 -3.81
CA LYS A 95 1.66 15.77 -2.76
C LYS A 95 3.07 15.51 -2.25
N VAL A 96 3.44 14.23 -2.16
CA VAL A 96 4.77 13.85 -1.69
C VAL A 96 5.84 14.23 -2.70
N ALA A 97 5.45 14.29 -3.97
CA ALA A 97 6.39 14.64 -5.02
C ALA A 97 7.52 13.62 -5.12
N SER A 98 8.38 13.78 -6.13
CA SER A 98 9.50 12.86 -6.33
C SER A 98 10.73 13.61 -6.82
N GLY A 99 11.78 13.60 -6.00
CA GLY A 99 13.01 14.28 -6.38
C GLY A 99 14.06 14.23 -5.28
N PRO A 100 14.52 13.03 -4.91
CA PRO A 100 15.54 12.85 -3.86
C PRO A 100 16.87 13.51 -4.23
N SER A 101 17.50 13.00 -5.29
CA SER A 101 18.78 13.54 -5.74
C SER A 101 18.57 14.82 -6.55
N SER A 102 18.82 15.96 -5.92
CA SER A 102 18.67 17.25 -6.59
C SER A 102 19.98 18.03 -6.58
N GLY A 103 20.68 18.00 -5.45
CA GLY A 103 21.94 18.69 -5.34
C GLY A 103 22.16 19.29 -3.97
N GLY A 1 8.30 7.47 16.58
CA GLY A 1 7.06 7.70 15.78
C GLY A 1 6.33 8.96 16.20
N SER A 2 5.30 8.80 17.02
CA SER A 2 4.51 9.93 17.50
C SER A 2 4.92 10.31 18.92
N SER A 3 6.19 10.10 19.25
CA SER A 3 6.70 10.42 20.57
C SER A 3 7.61 11.65 20.52
N GLY A 4 8.62 11.59 19.67
CA GLY A 4 9.54 12.70 19.54
C GLY A 4 10.74 12.37 18.66
N SER A 5 10.46 11.83 17.47
CA SER A 5 11.51 11.46 16.53
C SER A 5 11.09 11.78 15.10
N SER A 6 12.05 11.70 14.19
CA SER A 6 11.79 11.98 12.78
C SER A 6 12.46 10.96 11.88
N GLY A 7 11.73 9.87 11.59
CA GLY A 7 12.28 8.83 10.74
C GLY A 7 12.28 9.21 9.28
N MET A 8 13.15 8.57 8.50
CA MET A 8 13.26 8.86 7.07
C MET A 8 13.84 7.67 6.33
N VAL A 9 13.09 7.15 5.36
CA VAL A 9 13.54 6.01 4.57
C VAL A 9 12.55 5.69 3.45
N ASN A 10 11.26 5.75 3.78
CA ASN A 10 10.21 5.47 2.81
C ASN A 10 9.00 6.37 3.04
N GLU A 11 8.77 7.29 2.11
CA GLU A 11 7.65 8.22 2.21
C GLU A 11 6.38 7.59 1.67
N TYR A 12 6.52 6.81 0.59
CA TYR A 12 5.37 6.14 -0.03
C TYR A 12 4.86 5.02 0.86
N LYS A 13 5.77 4.30 1.51
CA LYS A 13 5.40 3.19 2.38
C LYS A 13 4.55 3.70 3.54
N LYS A 14 4.79 4.93 3.96
CA LYS A 14 4.03 5.51 5.07
C LYS A 14 2.58 5.77 4.67
N ILE A 15 2.38 6.16 3.42
CA ILE A 15 1.04 6.43 2.91
C ILE A 15 0.28 5.14 2.64
N LEU A 16 0.99 4.14 2.12
CA LEU A 16 0.39 2.85 1.82
C LEU A 16 -0.15 2.18 3.08
N LEU A 17 0.50 2.46 4.21
CA LEU A 17 0.10 1.88 5.48
C LEU A 17 -0.99 2.74 6.15
N LEU A 18 -0.62 3.96 6.52
CA LEU A 18 -1.56 4.87 7.17
C LEU A 18 -2.76 5.13 6.28
N LYS A 19 -2.50 5.59 5.05
CA LYS A 19 -3.57 5.88 4.10
C LYS A 19 -3.69 4.78 3.06
N GLY A 20 -3.96 3.55 3.53
CA GLY A 20 -4.10 2.43 2.62
C GLY A 20 -4.79 1.25 3.26
N PHE A 21 -4.02 0.24 3.65
CA PHE A 21 -4.58 -0.95 4.28
C PHE A 21 -5.27 -0.61 5.60
N GLU A 22 -4.76 0.41 6.27
CA GLU A 22 -5.32 0.86 7.55
C GLU A 22 -6.78 1.26 7.39
N LEU A 23 -7.13 1.77 6.20
CA LEU A 23 -8.49 2.18 5.93
C LEU A 23 -9.16 1.24 4.92
N MET A 24 -8.98 -0.05 5.13
CA MET A 24 -9.57 -1.06 4.25
C MET A 24 -10.45 -2.03 5.04
N ASP A 25 -11.57 -2.41 4.43
CA ASP A 25 -12.50 -3.33 5.08
C ASP A 25 -12.30 -4.76 4.58
N ASP A 26 -12.93 -5.71 5.25
CA ASP A 26 -12.82 -7.11 4.86
C ASP A 26 -13.35 -7.34 3.45
N TYR A 27 -14.30 -6.52 3.03
CA TYR A 27 -14.88 -6.63 1.71
C TYR A 27 -13.82 -6.54 0.63
N HIS A 28 -12.78 -5.75 0.89
CA HIS A 28 -11.68 -5.58 -0.07
C HIS A 28 -10.40 -6.22 0.46
N PHE A 29 -10.26 -6.27 1.77
CA PHE A 29 -9.08 -6.86 2.40
C PHE A 29 -8.84 -8.27 1.89
N THR A 30 -9.92 -8.97 1.53
CA THR A 30 -9.82 -10.33 1.02
C THR A 30 -9.62 -10.34 -0.49
N SER A 31 -10.16 -9.32 -1.16
CA SER A 31 -10.04 -9.22 -2.61
C SER A 31 -8.62 -8.79 -3.01
N ILE A 32 -8.10 -7.77 -2.33
CA ILE A 32 -6.77 -7.27 -2.61
C ILE A 32 -5.70 -8.30 -2.24
N LYS A 33 -5.88 -8.94 -1.10
CA LYS A 33 -4.93 -9.95 -0.64
C LYS A 33 -4.94 -11.16 -1.56
N SER A 34 -6.12 -11.51 -2.06
CA SER A 34 -6.26 -12.65 -2.95
C SER A 34 -5.51 -12.43 -4.26
N LEU A 35 -5.52 -11.19 -4.72
CA LEU A 35 -4.83 -10.83 -5.97
C LEU A 35 -3.34 -10.63 -5.72
N LEU A 36 -3.01 -10.02 -4.59
CA LEU A 36 -1.61 -9.77 -4.25
C LEU A 36 -0.87 -11.07 -4.00
N ALA A 37 -1.60 -12.10 -3.56
CA ALA A 37 -1.00 -13.39 -3.28
C ALA A 37 -0.29 -13.96 -4.52
N TYR A 38 -0.80 -13.60 -5.70
CA TYR A 38 -0.22 -14.06 -6.95
C TYR A 38 1.15 -13.42 -7.17
N ASP A 39 1.29 -12.17 -6.76
CA ASP A 39 2.55 -11.45 -6.92
C ASP A 39 3.50 -11.75 -5.77
N LEU A 40 3.10 -11.36 -4.56
CA LEU A 40 3.92 -11.58 -3.38
C LEU A 40 4.15 -13.08 -3.15
N GLY A 41 3.13 -13.88 -3.49
CA GLY A 41 3.24 -15.32 -3.32
C GLY A 41 2.68 -15.78 -1.99
N LEU A 42 1.41 -15.45 -1.74
CA LEU A 42 0.75 -15.83 -0.50
C LEU A 42 -0.35 -16.86 -0.76
N THR A 43 -0.72 -17.61 0.27
CA THR A 43 -1.76 -18.62 0.16
C THR A 43 -2.97 -18.26 1.01
N THR A 44 -3.96 -19.14 1.00
CA THR A 44 -5.18 -18.91 1.78
C THR A 44 -4.90 -18.96 3.27
N LYS A 45 -3.88 -19.73 3.65
CA LYS A 45 -3.50 -19.87 5.06
C LYS A 45 -2.72 -18.65 5.53
N MET A 46 -1.86 -18.13 4.66
CA MET A 46 -1.05 -16.96 4.99
C MET A 46 -1.92 -15.71 5.06
N GLN A 47 -2.95 -15.65 4.22
CA GLN A 47 -3.85 -14.50 4.19
C GLN A 47 -4.54 -14.31 5.55
N GLU A 48 -4.77 -15.41 6.25
CA GLU A 48 -5.42 -15.35 7.56
C GLU A 48 -4.42 -15.03 8.65
N GLU A 49 -3.21 -15.58 8.52
CA GLU A 49 -2.15 -15.35 9.51
C GLU A 49 -1.55 -13.95 9.34
N TYR A 50 -1.47 -13.50 8.10
CA TYR A 50 -0.91 -12.19 7.80
C TYR A 50 -1.87 -11.08 8.20
N ASN A 51 -1.39 -9.84 8.20
CA ASN A 51 -2.21 -8.70 8.56
C ASN A 51 -1.96 -7.53 7.61
N ARG A 52 -2.59 -6.39 7.88
CA ARG A 52 -2.45 -5.21 7.04
C ARG A 52 -0.99 -4.77 6.97
N ILE A 53 -0.42 -4.40 8.11
CA ILE A 53 0.97 -3.96 8.16
C ILE A 53 1.91 -4.99 7.54
N LYS A 54 1.54 -6.26 7.63
CA LYS A 54 2.35 -7.33 7.07
C LYS A 54 2.49 -7.20 5.56
N ILE A 55 1.36 -7.11 4.87
CA ILE A 55 1.35 -6.98 3.42
C ILE A 55 2.06 -5.69 2.99
N THR A 56 1.98 -4.67 3.83
CA THR A 56 2.62 -3.39 3.54
C THR A 56 4.13 -3.55 3.40
N ASP A 57 4.70 -4.47 4.18
CA ASP A 57 6.13 -4.72 4.14
C ASP A 57 6.52 -5.51 2.90
N LEU A 58 5.61 -6.39 2.46
CA LEU A 58 5.86 -7.21 1.28
C LEU A 58 5.59 -6.42 0.00
N MET A 59 4.70 -5.44 0.10
CA MET A 59 4.35 -4.61 -1.05
C MET A 59 5.47 -3.63 -1.39
N GLU A 60 6.20 -3.22 -0.35
CA GLU A 60 7.31 -2.27 -0.53
C GLU A 60 8.56 -2.99 -1.01
N LYS A 61 8.90 -4.09 -0.33
CA LYS A 61 10.08 -4.87 -0.68
C LYS A 61 10.01 -5.36 -2.12
N LYS A 62 8.80 -5.73 -2.55
CA LYS A 62 8.59 -6.21 -3.91
C LYS A 62 8.48 -5.04 -4.89
N PHE A 63 7.86 -3.96 -4.44
CA PHE A 63 7.69 -2.77 -5.27
C PHE A 63 8.25 -1.54 -4.58
N GLN A 64 9.29 -0.95 -5.17
CA GLN A 64 9.93 0.23 -4.62
C GLN A 64 9.54 1.49 -5.41
N GLY A 65 9.32 2.58 -4.70
CA GLY A 65 8.94 3.82 -5.36
C GLY A 65 7.45 4.05 -5.38
N VAL A 66 6.92 4.41 -6.54
CA VAL A 66 5.49 4.66 -6.70
C VAL A 66 4.75 3.38 -7.06
N ALA A 67 5.46 2.41 -7.61
CA ALA A 67 4.86 1.13 -8.00
C ALA A 67 4.11 0.49 -6.83
N CYS A 68 4.63 0.69 -5.62
CA CYS A 68 4.01 0.14 -4.42
C CYS A 68 2.61 0.68 -4.24
N LEU A 69 2.44 1.97 -4.50
CA LEU A 69 1.14 2.62 -4.36
C LEU A 69 0.25 2.33 -5.57
N ASP A 70 0.86 2.32 -6.75
CA ASP A 70 0.13 2.05 -7.99
C ASP A 70 -0.53 0.67 -7.94
N LYS A 71 0.10 -0.25 -7.23
CA LYS A 71 -0.44 -1.61 -7.10
C LYS A 71 -1.73 -1.60 -6.29
N LEU A 72 -1.74 -0.86 -5.20
CA LEU A 72 -2.92 -0.77 -4.33
C LEU A 72 -4.06 -0.07 -5.06
N ILE A 73 -3.73 0.95 -5.84
CA ILE A 73 -4.73 1.71 -6.58
C ILE A 73 -5.27 0.88 -7.75
N GLU A 74 -4.40 0.12 -8.38
CA GLU A 74 -4.78 -0.71 -9.52
C GLU A 74 -5.66 -1.87 -9.06
N LEU A 75 -5.36 -2.41 -7.87
CA LEU A 75 -6.13 -3.52 -7.33
C LEU A 75 -7.47 -3.05 -6.78
N ALA A 76 -7.47 -1.86 -6.17
CA ALA A 76 -8.68 -1.29 -5.60
C ALA A 76 -9.24 -0.18 -6.49
N LYS A 77 -9.00 -0.29 -7.79
CA LYS A 77 -9.47 0.70 -8.74
C LYS A 77 -10.98 0.59 -8.93
N ASP A 78 -11.45 -0.58 -9.30
CA ASP A 78 -12.87 -0.82 -9.53
C ASP A 78 -13.59 -1.10 -8.20
N MET A 79 -13.51 -0.13 -7.29
CA MET A 79 -14.15 -0.28 -5.97
C MET A 79 -14.73 1.06 -5.51
N PRO A 80 -16.06 1.25 -5.62
CA PRO A 80 -16.72 2.48 -5.20
C PRO A 80 -16.64 2.70 -3.69
N SER A 81 -16.49 1.62 -2.95
CA SER A 81 -16.40 1.69 -1.49
C SER A 81 -15.04 2.24 -1.06
N LEU A 82 -14.02 1.98 -1.87
CA LEU A 82 -12.68 2.46 -1.57
C LEU A 82 -12.34 3.71 -2.38
N LYS A 83 -13.37 4.49 -2.70
CA LYS A 83 -13.19 5.72 -3.46
C LYS A 83 -12.36 6.73 -2.68
N ASN A 84 -12.48 6.68 -1.35
CA ASN A 84 -11.74 7.60 -0.49
C ASN A 84 -10.27 7.19 -0.38
N LEU A 85 -10.01 5.89 -0.48
CA LEU A 85 -8.66 5.36 -0.39
C LEU A 85 -7.89 5.63 -1.68
N VAL A 86 -8.48 5.25 -2.80
CA VAL A 86 -7.84 5.44 -4.11
C VAL A 86 -7.57 6.92 -4.36
N ASN A 87 -8.52 7.77 -3.99
CA ASN A 87 -8.39 9.21 -4.18
C ASN A 87 -7.18 9.75 -3.43
N ASN A 88 -7.09 9.41 -2.15
CA ASN A 88 -5.98 9.87 -1.32
C ASN A 88 -4.65 9.32 -1.83
N LEU A 89 -4.63 8.02 -2.11
CA LEU A 89 -3.41 7.37 -2.60
C LEU A 89 -3.01 7.93 -3.97
N ARG A 90 -4.00 8.35 -4.75
CA ARG A 90 -3.75 8.91 -6.07
C ARG A 90 -3.30 10.36 -5.97
N LYS A 91 -3.88 11.09 -5.03
CA LYS A 91 -3.54 12.49 -4.84
C LYS A 91 -2.24 12.64 -4.05
N GLU A 92 -1.98 11.68 -3.16
CA GLU A 92 -0.76 11.70 -2.36
C GLU A 92 0.47 11.40 -3.20
N LYS A 93 0.37 10.35 -4.01
CA LYS A 93 1.47 9.95 -4.88
C LYS A 93 1.72 10.98 -5.96
N SER A 94 0.65 11.62 -6.42
CA SER A 94 0.76 12.64 -7.47
C SER A 94 1.43 13.89 -6.93
N LYS A 95 1.23 14.17 -5.65
CA LYS A 95 1.83 15.35 -5.01
C LYS A 95 3.15 14.98 -4.33
N VAL A 96 3.05 14.22 -3.24
CA VAL A 96 4.24 13.81 -2.50
C VAL A 96 5.09 15.01 -2.11
N ALA A 97 4.44 16.16 -1.94
CA ALA A 97 5.15 17.38 -1.56
C ALA A 97 4.17 18.54 -1.36
N SER A 98 4.71 19.72 -1.05
CA SER A 98 3.88 20.91 -0.84
C SER A 98 4.62 22.17 -1.28
N GLY A 99 3.88 23.10 -1.86
CA GLY A 99 4.49 24.33 -2.31
C GLY A 99 4.06 25.53 -1.47
N PRO A 100 4.93 26.55 -1.33
CA PRO A 100 4.62 27.74 -0.54
C PRO A 100 3.60 28.64 -1.23
N SER A 101 3.79 28.86 -2.52
CA SER A 101 2.89 29.70 -3.30
C SER A 101 3.01 29.41 -4.79
N SER A 102 2.30 30.18 -5.61
CA SER A 102 2.33 30.00 -7.05
C SER A 102 3.00 31.18 -7.73
N GLY A 103 4.00 31.74 -7.07
CA GLY A 103 4.72 32.88 -7.63
C GLY A 103 5.66 33.51 -6.63
N GLY A 1 9.45 -6.29 22.99
CA GLY A 1 9.62 -4.84 22.68
C GLY A 1 11.08 -4.44 22.58
N SER A 2 11.37 -3.49 21.70
CA SER A 2 12.73 -3.02 21.50
C SER A 2 12.78 -1.50 21.44
N SER A 3 12.05 -0.92 20.49
CA SER A 3 12.00 0.52 20.31
C SER A 3 10.63 1.08 20.71
N GLY A 4 9.57 0.41 20.26
CA GLY A 4 8.23 0.84 20.57
C GLY A 4 7.29 0.67 19.40
N SER A 5 7.32 1.62 18.46
CA SER A 5 6.45 1.57 17.29
C SER A 5 7.26 1.77 16.01
N SER A 6 6.56 1.89 14.90
CA SER A 6 7.21 2.08 13.60
C SER A 6 6.35 2.94 12.68
N GLY A 7 6.73 4.21 12.53
CA GLY A 7 5.98 5.11 11.68
C GLY A 7 6.85 6.17 11.05
N MET A 8 8.13 5.86 10.86
CA MET A 8 9.07 6.79 10.26
C MET A 8 10.24 6.06 9.61
N VAL A 9 10.13 5.80 8.31
CA VAL A 9 11.17 5.10 7.58
C VAL A 9 11.09 5.41 6.08
N ASN A 10 9.87 5.37 5.54
CA ASN A 10 9.67 5.65 4.13
C ASN A 10 8.52 6.64 3.93
N GLU A 11 8.47 7.24 2.75
CA GLU A 11 7.42 8.21 2.44
C GLU A 11 6.31 7.56 1.62
N TYR A 12 6.67 6.58 0.80
CA TYR A 12 5.71 5.88 -0.03
C TYR A 12 5.04 4.75 0.75
N LYS A 13 5.78 4.16 1.68
CA LYS A 13 5.27 3.06 2.49
C LYS A 13 4.34 3.59 3.60
N LYS A 14 4.62 4.80 4.07
CA LYS A 14 3.82 5.42 5.11
C LYS A 14 2.40 5.67 4.63
N ILE A 15 2.27 6.09 3.38
CA ILE A 15 0.97 6.36 2.80
C ILE A 15 0.24 5.07 2.45
N LEU A 16 1.00 4.05 2.08
CA LEU A 16 0.43 2.75 1.71
C LEU A 16 -0.07 2.01 2.95
N LEU A 17 0.52 2.30 4.10
CA LEU A 17 0.13 1.67 5.35
C LEU A 17 -1.03 2.41 6.00
N LEU A 18 -0.89 3.73 6.14
CA LEU A 18 -1.92 4.55 6.75
C LEU A 18 -3.09 4.74 5.80
N LYS A 19 -2.83 5.35 4.65
CA LYS A 19 -3.86 5.60 3.65
C LYS A 19 -3.92 4.46 2.63
N GLY A 20 -3.93 3.23 3.13
CA GLY A 20 -3.98 2.08 2.24
C GLY A 20 -4.70 0.90 2.87
N PHE A 21 -3.98 0.14 3.69
CA PHE A 21 -4.56 -1.03 4.34
C PHE A 21 -5.24 -0.62 5.65
N GLU A 22 -4.67 0.37 6.33
CA GLU A 22 -5.21 0.84 7.60
C GLU A 22 -6.63 1.38 7.41
N LEU A 23 -6.90 1.93 6.22
CA LEU A 23 -8.20 2.48 5.92
C LEU A 23 -8.99 1.56 4.99
N MET A 24 -8.80 0.26 5.16
CA MET A 24 -9.48 -0.73 4.33
C MET A 24 -10.37 -1.63 5.18
N ASP A 25 -11.29 -2.33 4.51
CA ASP A 25 -12.21 -3.22 5.20
C ASP A 25 -12.05 -4.66 4.71
N ASP A 26 -12.64 -5.60 5.43
CA ASP A 26 -12.57 -7.01 5.06
C ASP A 26 -13.12 -7.25 3.67
N TYR A 27 -14.07 -6.40 3.27
CA TYR A 27 -14.69 -6.52 1.95
C TYR A 27 -13.64 -6.44 0.84
N HIS A 28 -12.59 -5.67 1.10
CA HIS A 28 -11.51 -5.51 0.12
C HIS A 28 -10.23 -6.19 0.58
N PHE A 29 -10.06 -6.28 1.90
CA PHE A 29 -8.87 -6.91 2.48
C PHE A 29 -8.70 -8.32 1.96
N THR A 30 -9.81 -8.97 1.61
CA THR A 30 -9.77 -10.34 1.11
C THR A 30 -9.58 -10.35 -0.40
N SER A 31 -10.07 -9.31 -1.07
CA SER A 31 -9.95 -9.21 -2.52
C SER A 31 -8.53 -8.85 -2.93
N ILE A 32 -7.95 -7.86 -2.26
CA ILE A 32 -6.59 -7.43 -2.56
C ILE A 32 -5.57 -8.49 -2.14
N LYS A 33 -5.86 -9.19 -1.05
CA LYS A 33 -4.97 -10.23 -0.54
C LYS A 33 -4.96 -11.43 -1.48
N SER A 34 -6.09 -11.70 -2.12
CA SER A 34 -6.21 -12.81 -3.04
C SER A 34 -5.41 -12.57 -4.31
N LEU A 35 -5.29 -11.30 -4.70
CA LEU A 35 -4.55 -10.94 -5.89
C LEU A 35 -3.05 -10.87 -5.60
N LEU A 36 -2.69 -10.14 -4.55
CA LEU A 36 -1.30 -9.99 -4.16
C LEU A 36 -0.66 -11.35 -3.85
N ALA A 37 -1.49 -12.30 -3.42
CA ALA A 37 -1.02 -13.64 -3.08
C ALA A 37 -0.27 -14.26 -4.25
N TYR A 38 -0.67 -13.89 -5.47
CA TYR A 38 -0.03 -14.43 -6.67
C TYR A 38 1.36 -13.83 -6.86
N ASP A 39 1.50 -12.55 -6.54
CA ASP A 39 2.79 -11.87 -6.68
C ASP A 39 3.69 -12.17 -5.49
N LEU A 40 3.21 -11.86 -4.29
CA LEU A 40 3.98 -12.10 -3.08
C LEU A 40 4.09 -13.60 -2.78
N GLY A 41 3.06 -14.35 -3.18
CA GLY A 41 3.06 -15.78 -2.94
C GLY A 41 2.40 -16.15 -1.62
N LEU A 42 1.14 -15.77 -1.46
CA LEU A 42 0.41 -16.07 -0.24
C LEU A 42 -0.66 -17.13 -0.49
N THR A 43 -1.18 -17.71 0.59
CA THR A 43 -2.20 -18.74 0.48
C THR A 43 -3.38 -18.43 1.40
N THR A 44 -4.36 -19.33 1.42
CA THR A 44 -5.55 -19.15 2.25
C THR A 44 -5.17 -19.14 3.74
N LYS A 45 -4.07 -19.79 4.06
CA LYS A 45 -3.61 -19.86 5.45
C LYS A 45 -2.82 -18.61 5.83
N MET A 46 -1.90 -18.21 4.95
CA MET A 46 -1.08 -17.02 5.19
C MET A 46 -1.91 -15.76 5.09
N GLN A 47 -2.94 -15.80 4.25
CA GLN A 47 -3.81 -14.64 4.06
C GLN A 47 -4.47 -14.23 5.38
N GLU A 48 -4.72 -15.21 6.24
CA GLU A 48 -5.33 -14.95 7.54
C GLU A 48 -4.28 -14.76 8.62
N GLU A 49 -3.15 -15.45 8.46
CA GLU A 49 -2.06 -15.36 9.42
C GLU A 49 -1.37 -14.00 9.35
N TYR A 50 -1.14 -13.53 8.13
CA TYR A 50 -0.48 -12.25 7.92
C TYR A 50 -1.35 -11.11 8.45
N ASN A 51 -0.73 -9.95 8.67
CA ASN A 51 -1.44 -8.78 9.17
C ASN A 51 -1.35 -7.63 8.19
N ARG A 52 -1.94 -6.49 8.56
CA ARG A 52 -1.93 -5.31 7.70
C ARG A 52 -0.50 -4.86 7.39
N ILE A 53 0.26 -4.56 8.44
CA ILE A 53 1.65 -4.12 8.28
C ILE A 53 2.47 -5.15 7.51
N LYS A 54 2.06 -6.41 7.60
CA LYS A 54 2.77 -7.49 6.91
C LYS A 54 2.63 -7.35 5.39
N ILE A 55 1.39 -7.25 4.93
CA ILE A 55 1.13 -7.11 3.49
C ILE A 55 1.76 -5.85 2.93
N THR A 56 1.85 -4.81 3.76
CA THR A 56 2.44 -3.55 3.35
C THR A 56 3.95 -3.67 3.23
N ASP A 57 4.55 -4.52 4.06
CA ASP A 57 5.99 -4.73 4.05
C ASP A 57 6.42 -5.40 2.74
N LEU A 58 5.55 -6.24 2.19
CA LEU A 58 5.84 -6.94 0.95
C LEU A 58 5.48 -6.09 -0.27
N MET A 59 4.46 -5.25 -0.11
CA MET A 59 4.01 -4.39 -1.19
C MET A 59 5.08 -3.37 -1.55
N GLU A 60 5.83 -2.93 -0.55
CA GLU A 60 6.89 -1.95 -0.75
C GLU A 60 8.17 -2.62 -1.26
N LYS A 61 8.58 -3.68 -0.58
CA LYS A 61 9.79 -4.40 -0.96
C LYS A 61 9.66 -4.95 -2.37
N LYS A 62 8.46 -5.40 -2.73
CA LYS A 62 8.22 -5.94 -4.06
C LYS A 62 7.98 -4.83 -5.07
N PHE A 63 7.42 -3.72 -4.61
CA PHE A 63 7.15 -2.58 -5.48
C PHE A 63 7.67 -1.28 -4.85
N GLN A 64 8.89 -0.90 -5.23
CA GLN A 64 9.50 0.31 -4.72
C GLN A 64 9.02 1.54 -5.48
N GLY A 65 9.17 2.71 -4.87
CA GLY A 65 8.74 3.94 -5.51
C GLY A 65 7.24 4.13 -5.48
N VAL A 66 6.66 4.51 -6.61
CA VAL A 66 5.23 4.73 -6.71
C VAL A 66 4.49 3.44 -7.06
N ALA A 67 5.24 2.41 -7.45
CA ALA A 67 4.65 1.13 -7.81
C ALA A 67 3.78 0.58 -6.68
N CYS A 68 4.23 0.76 -5.45
CA CYS A 68 3.49 0.28 -4.28
C CYS A 68 2.10 0.92 -4.23
N LEU A 69 2.03 2.22 -4.49
CA LEU A 69 0.76 2.93 -4.47
C LEU A 69 -0.07 2.60 -5.70
N ASP A 70 0.59 2.56 -6.85
CA ASP A 70 -0.08 2.25 -8.11
C ASP A 70 -0.74 0.87 -8.05
N LYS A 71 -0.07 -0.07 -7.40
CA LYS A 71 -0.57 -1.43 -7.26
C LYS A 71 -1.89 -1.44 -6.50
N LEU A 72 -1.90 -0.78 -5.34
CA LEU A 72 -3.10 -0.72 -4.51
C LEU A 72 -4.23 0.01 -5.23
N ILE A 73 -3.88 1.10 -5.89
CA ILE A 73 -4.86 1.89 -6.63
C ILE A 73 -5.38 1.12 -7.84
N GLU A 74 -4.48 0.43 -8.53
CA GLU A 74 -4.84 -0.35 -9.71
C GLU A 74 -5.73 -1.53 -9.32
N LEU A 75 -5.44 -2.14 -8.17
CA LEU A 75 -6.21 -3.27 -7.68
C LEU A 75 -7.51 -2.81 -7.02
N ALA A 76 -7.45 -1.66 -6.36
CA ALA A 76 -8.62 -1.10 -5.69
C ALA A 76 -9.30 -0.04 -6.55
N LYS A 77 -9.18 -0.19 -7.87
CA LYS A 77 -9.77 0.76 -8.80
C LYS A 77 -11.24 0.42 -9.07
N ASP A 78 -11.57 -0.87 -8.95
CA ASP A 78 -12.93 -1.33 -9.17
C ASP A 78 -13.67 -1.49 -7.85
N MET A 79 -13.32 -0.67 -6.88
CA MET A 79 -13.96 -0.73 -5.56
C MET A 79 -14.64 0.60 -5.23
N PRO A 80 -15.90 0.79 -5.71
CA PRO A 80 -16.66 2.01 -5.46
C PRO A 80 -16.69 2.39 -3.98
N SER A 81 -16.56 1.39 -3.12
CA SER A 81 -16.57 1.61 -1.68
C SER A 81 -15.32 2.35 -1.23
N LEU A 82 -14.21 2.11 -1.92
CA LEU A 82 -12.95 2.75 -1.59
C LEU A 82 -12.66 3.90 -2.55
N LYS A 83 -13.70 4.63 -2.91
CA LYS A 83 -13.56 5.76 -3.83
C LYS A 83 -12.62 6.82 -3.25
N ASN A 84 -12.69 7.01 -1.93
CA ASN A 84 -11.85 7.99 -1.25
C ASN A 84 -10.43 7.48 -1.11
N LEU A 85 -10.28 6.17 -0.98
CA LEU A 85 -8.96 5.55 -0.84
C LEU A 85 -8.15 5.70 -2.12
N VAL A 86 -8.80 5.47 -3.25
CA VAL A 86 -8.12 5.58 -4.54
C VAL A 86 -7.70 7.01 -4.83
N ASN A 87 -8.46 7.96 -4.30
CA ASN A 87 -8.17 9.38 -4.50
C ASN A 87 -7.00 9.83 -3.62
N ASN A 88 -6.98 9.35 -2.38
CA ASN A 88 -5.93 9.69 -1.44
C ASN A 88 -4.59 9.11 -1.88
N LEU A 89 -4.57 7.80 -2.13
CA LEU A 89 -3.35 7.13 -2.55
C LEU A 89 -2.80 7.73 -3.84
N ARG A 90 -3.70 8.28 -4.67
CA ARG A 90 -3.30 8.90 -5.92
C ARG A 90 -2.80 10.32 -5.71
N LYS A 91 -3.51 11.08 -4.88
CA LYS A 91 -3.14 12.46 -4.60
C LYS A 91 -1.84 12.52 -3.80
N GLU A 92 -1.76 11.74 -2.74
CA GLU A 92 -0.57 11.70 -1.90
C GLU A 92 0.67 11.31 -2.71
N LYS A 93 0.46 10.45 -3.70
CA LYS A 93 1.56 9.98 -4.55
C LYS A 93 2.14 11.14 -5.35
N SER A 94 1.32 12.12 -5.67
CA SER A 94 1.76 13.28 -6.44
C SER A 94 2.34 14.36 -5.53
N LYS A 95 1.81 14.44 -4.31
CA LYS A 95 2.29 15.42 -3.34
C LYS A 95 3.71 15.10 -2.87
N VAL A 96 3.97 13.82 -2.64
CA VAL A 96 5.29 13.37 -2.20
C VAL A 96 6.33 13.59 -3.28
N ALA A 97 5.92 13.47 -4.53
CA ALA A 97 6.82 13.65 -5.66
C ALA A 97 6.21 14.55 -6.72
N SER A 98 6.88 15.67 -7.00
CA SER A 98 6.40 16.62 -8.00
C SER A 98 7.55 17.12 -8.88
N GLY A 99 7.51 16.75 -10.15
CA GLY A 99 8.56 17.17 -11.07
C GLY A 99 9.78 16.28 -11.00
N PRO A 100 10.99 16.83 -11.17
CA PRO A 100 12.23 16.06 -11.13
C PRO A 100 12.33 15.20 -9.88
N SER A 101 12.29 13.88 -10.07
CA SER A 101 12.37 12.94 -8.97
C SER A 101 13.72 12.24 -8.95
N SER A 102 14.17 11.79 -10.12
CA SER A 102 15.45 11.10 -10.24
C SER A 102 16.18 11.53 -11.51
N GLY A 103 17.46 11.17 -11.59
CA GLY A 103 18.25 11.52 -12.76
C GLY A 103 18.04 10.55 -13.91
N GLY A 1 28.55 1.62 13.79
CA GLY A 1 27.80 2.85 14.18
C GLY A 1 26.59 2.53 15.05
N SER A 2 25.72 3.52 15.23
CA SER A 2 24.53 3.34 16.04
C SER A 2 23.34 4.05 15.42
N SER A 3 23.35 4.16 14.10
CA SER A 3 22.26 4.82 13.38
C SER A 3 22.10 6.27 13.84
N GLY A 4 22.78 7.17 13.15
CA GLY A 4 22.71 8.58 13.51
C GLY A 4 23.18 9.49 12.40
N SER A 5 22.99 9.06 11.16
CA SER A 5 23.39 9.85 10.00
C SER A 5 22.26 9.96 8.98
N SER A 6 21.69 8.82 8.61
CA SER A 6 20.61 8.78 7.64
C SER A 6 19.27 8.48 8.34
N GLY A 7 18.22 9.12 7.88
CA GLY A 7 16.90 8.90 8.46
C GLY A 7 15.79 9.47 7.60
N MET A 8 15.89 9.28 6.29
CA MET A 8 14.88 9.76 5.37
C MET A 8 13.59 8.97 5.49
N VAL A 9 13.71 7.65 5.46
CA VAL A 9 12.54 6.77 5.56
C VAL A 9 11.60 6.96 4.38
N ASN A 10 11.07 5.86 3.87
CA ASN A 10 10.15 5.90 2.74
C ASN A 10 8.81 6.51 3.16
N GLU A 11 8.40 7.56 2.46
CA GLU A 11 7.13 8.24 2.75
C GLU A 11 5.99 7.59 1.99
N TYR A 12 6.29 7.07 0.81
CA TYR A 12 5.27 6.42 -0.03
C TYR A 12 4.68 5.22 0.68
N LYS A 13 5.50 4.56 1.50
CA LYS A 13 5.05 3.37 2.24
C LYS A 13 4.12 3.77 3.38
N LYS A 14 4.36 4.94 3.97
CA LYS A 14 3.55 5.43 5.08
C LYS A 14 2.09 5.58 4.65
N ILE A 15 1.89 6.07 3.43
CA ILE A 15 0.54 6.26 2.90
C ILE A 15 -0.11 4.93 2.54
N LEU A 16 0.72 3.98 2.12
CA LEU A 16 0.23 2.66 1.73
C LEU A 16 -0.19 1.86 2.96
N LEU A 17 0.46 2.12 4.09
CA LEU A 17 0.15 1.43 5.33
C LEU A 17 -1.05 2.06 6.03
N LEU A 18 -1.06 3.38 6.08
CA LEU A 18 -2.15 4.12 6.72
C LEU A 18 -3.35 4.23 5.80
N LYS A 19 -3.18 4.97 4.70
CA LYS A 19 -4.25 5.16 3.73
C LYS A 19 -4.13 4.15 2.59
N GLY A 20 -3.96 2.88 2.95
CA GLY A 20 -3.84 1.84 1.94
C GLY A 20 -4.30 0.49 2.45
N PHE A 21 -3.74 0.06 3.58
CA PHE A 21 -4.12 -1.22 4.16
C PHE A 21 -4.87 -1.03 5.48
N GLU A 22 -4.48 -0.01 6.23
CA GLU A 22 -5.11 0.28 7.51
C GLU A 22 -6.57 0.70 7.31
N LEU A 23 -6.84 1.35 6.17
CA LEU A 23 -8.18 1.82 5.86
C LEU A 23 -8.87 0.86 4.89
N MET A 24 -8.58 -0.44 5.04
CA MET A 24 -9.17 -1.46 4.18
C MET A 24 -10.36 -2.12 4.86
N ASP A 25 -11.36 -2.48 4.07
CA ASP A 25 -12.56 -3.14 4.59
C ASP A 25 -12.48 -4.65 4.40
N ASP A 26 -13.41 -5.37 5.03
CA ASP A 26 -13.44 -6.82 4.93
C ASP A 26 -13.73 -7.27 3.50
N TYR A 27 -14.47 -6.44 2.76
CA TYR A 27 -14.82 -6.74 1.37
C TYR A 27 -13.59 -6.70 0.48
N HIS A 28 -12.60 -5.88 0.86
CA HIS A 28 -11.37 -5.74 0.09
C HIS A 28 -10.23 -6.51 0.75
N PHE A 29 -10.32 -6.68 2.07
CA PHE A 29 -9.28 -7.39 2.81
C PHE A 29 -9.03 -8.78 2.24
N THR A 30 -10.06 -9.34 1.59
CA THR A 30 -9.95 -10.67 1.00
C THR A 30 -9.76 -10.59 -0.51
N SER A 31 -10.37 -9.58 -1.13
CA SER A 31 -10.27 -9.39 -2.57
C SER A 31 -8.88 -8.89 -2.96
N ILE A 32 -8.44 -7.82 -2.31
CA ILE A 32 -7.13 -7.24 -2.59
C ILE A 32 -6.01 -8.22 -2.23
N LYS A 33 -6.14 -8.87 -1.08
CA LYS A 33 -5.13 -9.84 -0.63
C LYS A 33 -5.08 -11.03 -1.57
N SER A 34 -6.23 -11.44 -2.08
CA SER A 34 -6.31 -12.58 -2.99
C SER A 34 -5.49 -12.32 -4.25
N LEU A 35 -5.60 -11.12 -4.79
CA LEU A 35 -4.87 -10.75 -6.00
C LEU A 35 -3.38 -10.57 -5.70
N LEU A 36 -3.08 -10.11 -4.49
CA LEU A 36 -1.70 -9.90 -4.09
C LEU A 36 -1.01 -11.22 -3.77
N ALA A 37 -1.80 -12.21 -3.33
CA ALA A 37 -1.26 -13.52 -2.99
C ALA A 37 -0.53 -14.14 -4.18
N TYR A 38 -0.97 -13.80 -5.39
CA TYR A 38 -0.36 -14.32 -6.60
C TYR A 38 0.99 -13.66 -6.85
N ASP A 39 1.13 -12.40 -6.44
CA ASP A 39 2.37 -11.67 -6.62
C ASP A 39 3.33 -11.93 -5.47
N LEU A 40 2.98 -11.46 -4.28
CA LEU A 40 3.81 -11.65 -3.10
C LEU A 40 4.00 -13.13 -2.80
N GLY A 41 2.97 -13.92 -3.09
CA GLY A 41 3.04 -15.35 -2.84
C GLY A 41 2.42 -15.74 -1.51
N LEU A 42 1.14 -15.45 -1.35
CA LEU A 42 0.43 -15.78 -0.12
C LEU A 42 -0.69 -16.78 -0.38
N THR A 43 -1.22 -17.36 0.69
CA THR A 43 -2.30 -18.34 0.58
C THR A 43 -3.46 -17.98 1.49
N THR A 44 -4.43 -18.88 1.59
CA THR A 44 -5.60 -18.66 2.43
C THR A 44 -5.22 -18.68 3.91
N LYS A 45 -4.17 -19.41 4.24
CA LYS A 45 -3.70 -19.52 5.63
C LYS A 45 -2.88 -18.30 6.00
N MET A 46 -2.06 -17.82 5.08
CA MET A 46 -1.21 -16.67 5.32
C MET A 46 -2.03 -15.38 5.30
N GLN A 47 -3.09 -15.37 4.49
CA GLN A 47 -3.95 -14.20 4.39
C GLN A 47 -4.58 -13.85 5.73
N GLU A 48 -4.79 -14.88 6.55
CA GLU A 48 -5.39 -14.68 7.87
C GLU A 48 -4.31 -14.54 8.93
N GLU A 49 -3.18 -15.20 8.72
CA GLU A 49 -2.07 -15.15 9.66
C GLU A 49 -1.33 -13.82 9.55
N TYR A 50 -1.18 -13.33 8.33
CA TYR A 50 -0.50 -12.06 8.10
C TYR A 50 -1.37 -10.87 8.49
N ASN A 51 -0.80 -9.67 8.43
CA ASN A 51 -1.53 -8.46 8.77
C ASN A 51 -1.21 -7.34 7.79
N ARG A 52 -1.77 -6.16 8.04
CA ARG A 52 -1.55 -5.00 7.19
C ARG A 52 -0.06 -4.67 7.08
N ILE A 53 0.57 -4.43 8.23
CA ILE A 53 1.99 -4.10 8.27
C ILE A 53 2.83 -5.19 7.61
N LYS A 54 2.34 -6.42 7.67
CA LYS A 54 3.05 -7.55 7.07
C LYS A 54 3.05 -7.46 5.55
N ILE A 55 1.86 -7.30 4.97
CA ILE A 55 1.71 -7.20 3.53
C ILE A 55 2.38 -5.95 2.99
N THR A 56 2.38 -4.89 3.81
CA THR A 56 2.99 -3.63 3.42
C THR A 56 4.50 -3.76 3.30
N ASP A 57 5.08 -4.63 4.12
CA ASP A 57 6.53 -4.86 4.10
C ASP A 57 6.95 -5.56 2.81
N LEU A 58 6.08 -6.39 2.27
CA LEU A 58 6.36 -7.12 1.05
C LEU A 58 6.06 -6.26 -0.17
N MET A 59 5.06 -5.40 -0.06
CA MET A 59 4.67 -4.52 -1.15
C MET A 59 5.79 -3.53 -1.47
N GLU A 60 6.31 -2.89 -0.44
CA GLU A 60 7.38 -1.91 -0.61
C GLU A 60 8.62 -2.57 -1.21
N LYS A 61 9.00 -3.71 -0.65
CA LYS A 61 10.17 -4.45 -1.13
C LYS A 61 9.96 -4.94 -2.55
N LYS A 62 8.87 -5.66 -2.77
CA LYS A 62 8.55 -6.19 -4.09
C LYS A 62 8.34 -5.07 -5.10
N PHE A 63 7.80 -3.95 -4.62
CA PHE A 63 7.56 -2.79 -5.48
C PHE A 63 8.06 -1.51 -4.83
N GLN A 64 9.27 -1.10 -5.19
CA GLN A 64 9.87 0.11 -4.64
C GLN A 64 9.43 1.33 -5.42
N GLY A 65 9.26 2.45 -4.73
CA GLY A 65 8.85 3.68 -5.37
C GLY A 65 7.34 3.84 -5.40
N VAL A 66 6.83 4.47 -6.45
CA VAL A 66 5.39 4.69 -6.59
C VAL A 66 4.67 3.41 -7.00
N ALA A 67 5.43 2.43 -7.50
CA ALA A 67 4.86 1.16 -7.92
C ALA A 67 4.03 0.52 -6.82
N CYS A 68 4.39 0.80 -5.57
CA CYS A 68 3.68 0.26 -4.42
C CYS A 68 2.29 0.89 -4.30
N LEU A 69 2.18 2.15 -4.69
CA LEU A 69 0.92 2.87 -4.61
C LEU A 69 0.03 2.51 -5.80
N ASP A 70 0.61 2.50 -7.00
CA ASP A 70 -0.14 2.18 -8.21
C ASP A 70 -0.73 0.77 -8.11
N LYS A 71 -0.03 -0.12 -7.41
CA LYS A 71 -0.49 -1.49 -7.25
C LYS A 71 -1.84 -1.53 -6.54
N LEU A 72 -1.97 -0.77 -5.48
CA LEU A 72 -3.21 -0.72 -4.70
C LEU A 72 -4.32 -0.03 -5.51
N ILE A 73 -3.94 1.00 -6.25
CA ILE A 73 -4.89 1.75 -7.06
C ILE A 73 -5.34 0.92 -8.27
N GLU A 74 -4.40 0.20 -8.87
CA GLU A 74 -4.71 -0.62 -10.04
C GLU A 74 -5.69 -1.74 -9.68
N LEU A 75 -5.53 -2.29 -8.47
CA LEU A 75 -6.40 -3.36 -8.00
C LEU A 75 -7.69 -2.79 -7.41
N ALA A 76 -7.61 -1.60 -6.84
CA ALA A 76 -8.77 -0.96 -6.24
C ALA A 76 -9.30 0.16 -7.13
N LYS A 77 -9.12 0.00 -8.44
CA LYS A 77 -9.58 1.00 -9.39
C LYS A 77 -11.07 0.85 -9.68
N ASP A 78 -11.52 -0.40 -9.70
CA ASP A 78 -12.93 -0.69 -9.96
C ASP A 78 -13.68 -0.96 -8.66
N MET A 79 -13.26 -0.29 -7.60
CA MET A 79 -13.89 -0.46 -6.29
C MET A 79 -14.49 0.87 -5.80
N PRO A 80 -15.82 1.03 -5.92
CA PRO A 80 -16.49 2.26 -5.49
C PRO A 80 -16.41 2.46 -3.98
N SER A 81 -16.25 1.36 -3.25
CA SER A 81 -16.16 1.42 -1.79
C SER A 81 -14.84 2.04 -1.36
N LEU A 82 -13.80 1.86 -2.17
CA LEU A 82 -12.48 2.41 -1.87
C LEU A 82 -12.26 3.71 -2.63
N LYS A 83 -13.33 4.43 -2.90
CA LYS A 83 -13.24 5.70 -3.62
C LYS A 83 -12.39 6.71 -2.85
N ASN A 84 -12.41 6.59 -1.52
CA ASN A 84 -11.65 7.49 -0.67
C ASN A 84 -10.18 7.09 -0.64
N LEU A 85 -9.92 5.80 -0.79
CA LEU A 85 -8.56 5.29 -0.78
C LEU A 85 -7.83 5.62 -2.08
N VAL A 86 -8.52 5.41 -3.19
CA VAL A 86 -7.95 5.69 -4.51
C VAL A 86 -7.55 7.15 -4.63
N ASN A 87 -8.48 8.04 -4.30
CA ASN A 87 -8.22 9.48 -4.38
C ASN A 87 -7.04 9.87 -3.50
N ASN A 88 -7.00 9.33 -2.29
CA ASN A 88 -5.92 9.64 -1.35
C ASN A 88 -4.59 9.10 -1.86
N LEU A 89 -4.58 7.84 -2.26
CA LEU A 89 -3.36 7.21 -2.78
C LEU A 89 -2.83 7.97 -4.00
N ARG A 90 -3.73 8.57 -4.76
CA ARG A 90 -3.35 9.32 -5.94
C ARG A 90 -2.86 10.72 -5.58
N LYS A 91 -3.72 11.48 -4.89
CA LYS A 91 -3.38 12.84 -4.48
C LYS A 91 -2.15 12.84 -3.58
N GLU A 92 -1.99 11.78 -2.80
CA GLU A 92 -0.85 11.66 -1.89
C GLU A 92 0.41 11.25 -2.64
N LYS A 93 0.23 10.53 -3.75
CA LYS A 93 1.36 10.08 -4.55
C LYS A 93 2.20 11.25 -5.03
N SER A 94 1.53 12.30 -5.50
CA SER A 94 2.23 13.49 -5.99
C SER A 94 2.57 14.44 -4.84
N LYS A 95 1.75 14.40 -3.80
CA LYS A 95 1.96 15.27 -2.64
C LYS A 95 3.32 15.01 -2.01
N VAL A 96 3.83 13.80 -2.18
CA VAL A 96 5.13 13.42 -1.62
C VAL A 96 6.22 14.37 -2.10
N ALA A 97 6.10 14.83 -3.34
CA ALA A 97 7.07 15.75 -3.92
C ALA A 97 8.44 15.09 -4.04
N SER A 98 9.00 15.10 -5.25
CA SER A 98 10.30 14.50 -5.50
C SER A 98 11.42 15.50 -5.20
N GLY A 99 11.21 16.75 -5.56
CA GLY A 99 12.21 17.78 -5.33
C GLY A 99 11.63 19.19 -5.39
N PRO A 100 12.32 20.18 -4.80
CA PRO A 100 11.85 21.57 -4.81
C PRO A 100 11.92 22.20 -6.19
N SER A 101 11.16 23.27 -6.39
CA SER A 101 11.12 23.97 -7.66
C SER A 101 11.95 25.25 -7.60
N SER A 102 11.98 25.87 -6.42
CA SER A 102 12.73 27.10 -6.23
C SER A 102 14.21 26.81 -5.96
N GLY A 103 14.98 27.85 -5.70
CA GLY A 103 16.40 27.68 -5.43
C GLY A 103 17.15 29.00 -5.45
N GLY A 1 14.81 4.61 14.57
CA GLY A 1 16.23 4.49 14.16
C GLY A 1 17.14 5.42 14.93
N SER A 2 18.12 5.99 14.23
CA SER A 2 19.07 6.92 14.86
C SER A 2 19.95 7.58 13.81
N SER A 3 19.85 8.90 13.70
CA SER A 3 20.64 9.66 12.74
C SER A 3 20.34 9.21 11.31
N GLY A 4 19.42 9.92 10.66
CA GLY A 4 19.06 9.57 9.29
C GLY A 4 17.77 8.76 9.23
N SER A 5 16.80 9.28 8.49
CA SER A 5 15.51 8.61 8.34
C SER A 5 15.32 8.12 6.91
N SER A 6 16.41 7.71 6.27
CA SER A 6 16.35 7.23 4.89
C SER A 6 17.38 6.12 4.66
N GLY A 7 16.89 4.93 4.34
CA GLY A 7 17.78 3.81 4.10
C GLY A 7 17.06 2.60 3.54
N MET A 8 15.86 2.34 4.07
CA MET A 8 15.07 1.20 3.62
C MET A 8 13.60 1.60 3.46
N VAL A 9 13.05 2.25 4.47
CA VAL A 9 11.66 2.69 4.44
C VAL A 9 11.51 3.98 3.65
N ASN A 10 10.47 4.04 2.83
CA ASN A 10 10.20 5.22 2.00
C ASN A 10 8.87 5.86 2.39
N GLU A 11 8.68 7.10 1.96
CA GLU A 11 7.46 7.84 2.26
C GLU A 11 6.25 7.14 1.67
N TYR A 12 6.42 6.55 0.48
CA TYR A 12 5.35 5.85 -0.19
C TYR A 12 4.79 4.71 0.68
N LYS A 13 5.66 4.16 1.52
CA LYS A 13 5.27 3.07 2.41
C LYS A 13 4.38 3.58 3.53
N LYS A 14 4.62 4.81 3.96
CA LYS A 14 3.84 5.42 5.03
C LYS A 14 2.36 5.55 4.63
N ILE A 15 2.14 5.95 3.38
CA ILE A 15 0.78 6.12 2.87
C ILE A 15 0.10 4.76 2.68
N LEU A 16 0.86 3.79 2.17
CA LEU A 16 0.32 2.45 1.94
C LEU A 16 -0.15 1.81 3.24
N LEU A 17 0.47 2.21 4.35
CA LEU A 17 0.12 1.68 5.66
C LEU A 17 -1.00 2.51 6.30
N LEU A 18 -0.81 3.83 6.35
CA LEU A 18 -1.79 4.72 6.94
C LEU A 18 -3.02 4.86 6.03
N LYS A 19 -2.79 5.33 4.81
CA LYS A 19 -3.88 5.51 3.86
C LYS A 19 -3.81 4.45 2.75
N GLY A 20 -3.80 3.18 3.17
CA GLY A 20 -3.74 2.10 2.20
C GLY A 20 -4.44 0.85 2.68
N PHE A 21 -3.98 0.30 3.79
CA PHE A 21 -4.57 -0.90 4.36
C PHE A 21 -5.31 -0.59 5.66
N GLU A 22 -4.82 0.41 6.39
CA GLU A 22 -5.43 0.81 7.64
C GLU A 22 -6.87 1.26 7.43
N LEU A 23 -7.14 1.82 6.25
CA LEU A 23 -8.48 2.29 5.92
C LEU A 23 -9.13 1.40 4.87
N MET A 24 -8.88 0.10 4.97
CA MET A 24 -9.44 -0.86 4.03
C MET A 24 -10.58 -1.65 4.66
N ASP A 25 -11.51 -2.10 3.83
CA ASP A 25 -12.65 -2.87 4.31
C ASP A 25 -12.43 -4.36 4.09
N ASP A 26 -13.24 -5.19 4.75
CA ASP A 26 -13.14 -6.64 4.64
C ASP A 26 -13.40 -7.07 3.20
N TYR A 27 -14.26 -6.33 2.50
CA TYR A 27 -14.60 -6.65 1.13
C TYR A 27 -13.37 -6.61 0.23
N HIS A 28 -12.42 -5.76 0.59
CA HIS A 28 -11.18 -5.62 -0.18
C HIS A 28 -10.02 -6.29 0.53
N PHE A 29 -10.08 -6.32 1.85
CA PHE A 29 -9.03 -6.93 2.66
C PHE A 29 -8.77 -8.37 2.24
N THR A 30 -9.80 -9.01 1.68
CA THR A 30 -9.68 -10.40 1.23
C THR A 30 -9.47 -10.46 -0.28
N SER A 31 -10.00 -9.46 -0.99
CA SER A 31 -9.87 -9.42 -2.44
C SER A 31 -8.46 -8.97 -2.86
N ILE A 32 -8.02 -7.85 -2.30
CA ILE A 32 -6.69 -7.33 -2.61
C ILE A 32 -5.60 -8.33 -2.27
N LYS A 33 -5.69 -8.90 -1.07
CA LYS A 33 -4.71 -9.88 -0.61
C LYS A 33 -4.68 -11.09 -1.54
N SER A 34 -5.84 -11.45 -2.08
CA SER A 34 -5.94 -12.59 -2.98
C SER A 34 -5.10 -12.36 -4.24
N LEU A 35 -5.41 -11.30 -4.97
CA LEU A 35 -4.69 -10.98 -6.20
C LEU A 35 -3.21 -10.74 -5.91
N LEU A 36 -2.93 -10.09 -4.79
CA LEU A 36 -1.56 -9.81 -4.40
C LEU A 36 -0.81 -11.08 -4.01
N ALA A 37 -1.57 -12.08 -3.54
CA ALA A 37 -0.99 -13.34 -3.13
C ALA A 37 -0.19 -13.98 -4.26
N TYR A 38 -0.62 -13.71 -5.50
CA TYR A 38 0.06 -14.27 -6.67
C TYR A 38 1.41 -13.59 -6.89
N ASP A 39 1.48 -12.31 -6.53
CA ASP A 39 2.73 -11.55 -6.70
C ASP A 39 3.59 -11.66 -5.45
N LEU A 40 3.06 -11.16 -4.32
CA LEU A 40 3.79 -11.20 -3.07
C LEU A 40 4.12 -12.63 -2.66
N GLY A 41 3.26 -13.56 -3.07
CA GLY A 41 3.48 -14.96 -2.74
C GLY A 41 2.80 -15.36 -1.44
N LEU A 42 1.51 -15.04 -1.32
CA LEU A 42 0.76 -15.37 -0.12
C LEU A 42 -0.25 -16.49 -0.41
N THR A 43 -0.98 -16.90 0.62
CA THR A 43 -1.98 -17.95 0.48
C THR A 43 -3.10 -17.77 1.48
N THR A 44 -4.00 -18.75 1.54
CA THR A 44 -5.14 -18.70 2.46
C THR A 44 -4.69 -18.85 3.90
N LYS A 45 -3.56 -19.54 4.11
CA LYS A 45 -3.02 -19.76 5.44
C LYS A 45 -2.25 -18.53 5.92
N MET A 46 -1.59 -17.85 4.99
CA MET A 46 -0.81 -16.66 5.33
C MET A 46 -1.72 -15.43 5.40
N GLN A 47 -2.78 -15.43 4.60
CA GLN A 47 -3.72 -14.32 4.59
C GLN A 47 -4.41 -14.15 5.95
N GLU A 48 -4.54 -15.26 6.67
CA GLU A 48 -5.19 -15.24 7.98
C GLU A 48 -4.17 -14.95 9.08
N GLU A 49 -2.92 -15.38 8.86
CA GLU A 49 -1.87 -15.17 9.83
C GLU A 49 -1.28 -13.76 9.70
N TYR A 50 -1.11 -13.31 8.46
CA TYR A 50 -0.55 -11.98 8.21
C TYR A 50 -1.53 -10.89 8.63
N ASN A 51 -1.00 -9.68 8.77
CA ASN A 51 -1.82 -8.53 9.18
C ASN A 51 -1.73 -7.41 8.15
N ARG A 52 -2.38 -6.30 8.45
CA ARG A 52 -2.37 -5.15 7.54
C ARG A 52 -0.95 -4.65 7.30
N ILE A 53 -0.27 -4.29 8.38
CA ILE A 53 1.11 -3.79 8.28
C ILE A 53 2.02 -4.80 7.59
N LYS A 54 1.69 -6.08 7.74
CA LYS A 54 2.48 -7.14 7.13
C LYS A 54 2.44 -7.05 5.60
N ILE A 55 1.23 -6.99 5.05
CA ILE A 55 1.06 -6.90 3.61
C ILE A 55 1.73 -5.65 3.05
N THR A 56 1.73 -4.58 3.85
CA THR A 56 2.33 -3.32 3.44
C THR A 56 3.84 -3.47 3.24
N ASP A 57 4.44 -4.35 4.04
CA ASP A 57 5.87 -4.59 3.96
C ASP A 57 6.23 -5.34 2.68
N LEU A 58 5.32 -6.18 2.22
CA LEU A 58 5.54 -6.96 1.00
C LEU A 58 5.29 -6.11 -0.23
N MET A 59 4.28 -5.24 -0.16
CA MET A 59 3.95 -4.35 -1.28
C MET A 59 5.11 -3.45 -1.62
N GLU A 60 5.86 -3.02 -0.59
CA GLU A 60 7.01 -2.14 -0.79
C GLU A 60 8.20 -2.93 -1.31
N LYS A 61 8.33 -4.18 -0.87
CA LYS A 61 9.43 -5.02 -1.28
C LYS A 61 9.28 -5.42 -2.75
N LYS A 62 8.08 -5.85 -3.12
CA LYS A 62 7.81 -6.25 -4.50
C LYS A 62 7.69 -5.04 -5.41
N PHE A 63 7.05 -3.99 -4.91
CA PHE A 63 6.87 -2.76 -5.68
C PHE A 63 7.58 -1.59 -5.00
N GLN A 64 8.82 -1.36 -5.39
CA GLN A 64 9.61 -0.27 -4.82
C GLN A 64 9.27 1.05 -5.50
N GLY A 65 9.21 2.12 -4.71
CA GLY A 65 8.90 3.43 -5.24
C GLY A 65 7.41 3.71 -5.25
N VAL A 66 6.91 4.22 -6.37
CA VAL A 66 5.49 4.53 -6.50
C VAL A 66 4.68 3.32 -6.92
N ALA A 67 5.37 2.30 -7.46
CA ALA A 67 4.70 1.08 -7.91
C ALA A 67 3.83 0.49 -6.80
N CYS A 68 4.22 0.71 -5.55
CA CYS A 68 3.47 0.20 -4.41
C CYS A 68 2.09 0.83 -4.35
N LEU A 69 2.02 2.12 -4.62
CA LEU A 69 0.75 2.84 -4.59
C LEU A 69 -0.08 2.54 -5.84
N ASP A 70 0.55 2.64 -7.00
CA ASP A 70 -0.13 2.37 -8.26
C ASP A 70 -0.69 0.96 -8.29
N LYS A 71 -0.05 0.05 -7.57
CA LYS A 71 -0.49 -1.34 -7.51
C LYS A 71 -1.80 -1.46 -6.76
N LEU A 72 -1.93 -0.69 -5.68
CA LEU A 72 -3.14 -0.71 -4.86
C LEU A 72 -4.28 0.03 -5.55
N ILE A 73 -3.93 1.05 -6.32
CA ILE A 73 -4.93 1.84 -7.04
C ILE A 73 -5.42 1.11 -8.28
N GLU A 74 -4.50 0.42 -8.96
CA GLU A 74 -4.84 -0.32 -10.17
C GLU A 74 -5.77 -1.49 -9.85
N LEU A 75 -5.50 -2.18 -8.75
CA LEU A 75 -6.31 -3.31 -8.33
C LEU A 75 -7.64 -2.84 -7.74
N ALA A 76 -7.62 -1.67 -7.11
CA ALA A 76 -8.82 -1.10 -6.51
C ALA A 76 -9.28 0.14 -7.26
N LYS A 77 -9.02 0.18 -8.55
CA LYS A 77 -9.40 1.32 -9.37
C LYS A 77 -10.92 1.35 -9.60
N ASP A 78 -11.47 0.18 -9.92
CA ASP A 78 -12.91 0.07 -10.15
C ASP A 78 -13.64 -0.33 -8.88
N MET A 79 -13.33 0.35 -7.78
CA MET A 79 -13.96 0.06 -6.50
C MET A 79 -14.60 1.32 -5.91
N PRO A 80 -15.94 1.43 -5.97
CA PRO A 80 -16.66 2.59 -5.43
C PRO A 80 -16.55 2.69 -3.92
N SER A 81 -16.35 1.55 -3.27
CA SER A 81 -16.24 1.52 -1.81
C SER A 81 -14.90 2.11 -1.36
N LEU A 82 -13.88 1.97 -2.20
CA LEU A 82 -12.56 2.49 -1.89
C LEU A 82 -12.32 3.82 -2.60
N LYS A 83 -13.38 4.60 -2.77
CA LYS A 83 -13.29 5.89 -3.44
C LYS A 83 -12.39 6.85 -2.66
N ASN A 84 -12.35 6.68 -1.35
CA ASN A 84 -11.52 7.52 -0.48
C ASN A 84 -10.07 7.04 -0.49
N LEU A 85 -9.87 5.73 -0.65
CA LEU A 85 -8.54 5.16 -0.67
C LEU A 85 -7.85 5.43 -2.01
N VAL A 86 -8.62 5.35 -3.09
CA VAL A 86 -8.07 5.58 -4.42
C VAL A 86 -7.63 7.04 -4.59
N ASN A 87 -8.48 7.97 -4.15
CA ASN A 87 -8.18 9.38 -4.24
C ASN A 87 -7.01 9.76 -3.33
N ASN A 88 -6.98 9.17 -2.15
CA ASN A 88 -5.93 9.45 -1.18
C ASN A 88 -4.59 8.89 -1.67
N LEU A 89 -4.61 7.64 -2.11
CA LEU A 89 -3.40 6.99 -2.60
C LEU A 89 -2.81 7.75 -3.79
N ARG A 90 -3.68 8.28 -4.64
CA ARG A 90 -3.26 9.03 -5.82
C ARG A 90 -2.73 10.41 -5.42
N LYS A 91 -3.51 11.12 -4.63
CA LYS A 91 -3.13 12.46 -4.18
C LYS A 91 -1.82 12.41 -3.39
N GLU A 92 -1.77 11.53 -2.40
CA GLU A 92 -0.57 11.39 -1.56
C GLU A 92 0.64 11.00 -2.41
N LYS A 93 0.39 10.20 -3.45
CA LYS A 93 1.47 9.75 -4.34
C LYS A 93 2.14 10.94 -5.01
N SER A 94 1.40 11.66 -5.84
CA SER A 94 1.93 12.82 -6.55
C SER A 94 2.45 13.86 -5.57
N LYS A 95 1.90 13.86 -4.36
CA LYS A 95 2.30 14.82 -3.34
C LYS A 95 3.81 14.76 -3.08
N VAL A 96 4.38 13.58 -3.29
CA VAL A 96 5.82 13.40 -3.09
C VAL A 96 6.57 13.53 -4.42
N ALA A 97 6.17 14.50 -5.23
CA ALA A 97 6.81 14.73 -6.51
C ALA A 97 6.32 16.03 -7.14
N SER A 98 7.18 17.05 -7.14
CA SER A 98 6.83 18.35 -7.70
C SER A 98 7.36 18.47 -9.13
N GLY A 99 8.51 17.87 -9.39
CA GLY A 99 9.10 17.92 -10.71
C GLY A 99 10.61 17.73 -10.69
N PRO A 100 11.37 18.77 -10.32
CA PRO A 100 12.83 18.69 -10.26
C PRO A 100 13.32 17.80 -9.12
N SER A 101 14.04 16.74 -9.47
CA SER A 101 14.56 15.80 -8.50
C SER A 101 16.06 15.57 -8.69
N SER A 102 16.87 16.21 -7.85
CA SER A 102 18.32 16.08 -7.95
C SER A 102 18.99 16.63 -6.69
N GLY A 103 20.14 16.06 -6.34
CA GLY A 103 20.87 16.52 -5.17
C GLY A 103 20.80 15.53 -4.03
N GLY A 1 9.09 -7.96 21.28
CA GLY A 1 9.21 -6.69 20.50
C GLY A 1 10.23 -6.78 19.39
N SER A 2 10.15 -5.87 18.43
CA SER A 2 11.08 -5.85 17.31
C SER A 2 12.09 -4.72 17.44
N SER A 3 13.12 -4.75 16.62
CA SER A 3 14.16 -3.73 16.65
C SER A 3 13.81 -2.57 15.72
N GLY A 4 13.90 -1.36 16.25
CA GLY A 4 13.58 -0.18 15.46
C GLY A 4 12.37 0.56 15.96
N SER A 5 12.11 1.74 15.41
CA SER A 5 10.97 2.55 15.81
C SER A 5 10.56 3.50 14.70
N SER A 6 10.69 3.06 13.46
CA SER A 6 10.34 3.87 12.30
C SER A 6 11.23 5.12 12.23
N GLY A 7 11.75 5.39 11.03
CA GLY A 7 12.60 6.54 10.84
C GLY A 7 13.13 6.63 9.42
N MET A 8 13.75 5.56 8.95
CA MET A 8 14.31 5.53 7.60
C MET A 8 13.36 4.80 6.64
N VAL A 9 12.07 4.96 6.87
CA VAL A 9 11.06 4.31 6.02
C VAL A 9 10.60 5.24 4.91
N ASN A 10 10.34 4.68 3.74
CA ASN A 10 9.89 5.46 2.59
C ASN A 10 8.54 6.12 2.88
N GLU A 11 8.39 7.37 2.45
CA GLU A 11 7.16 8.11 2.66
C GLU A 11 5.98 7.41 1.98
N TYR A 12 6.26 6.75 0.87
CA TYR A 12 5.23 6.03 0.12
C TYR A 12 4.57 4.95 0.98
N LYS A 13 5.40 4.18 1.67
CA LYS A 13 4.91 3.10 2.52
C LYS A 13 4.01 3.66 3.63
N LYS A 14 4.32 4.88 4.08
CA LYS A 14 3.54 5.52 5.13
C LYS A 14 2.09 5.71 4.70
N ILE A 15 1.90 6.13 3.45
CA ILE A 15 0.57 6.33 2.91
C ILE A 15 -0.12 5.01 2.58
N LEU A 16 0.68 4.02 2.20
CA LEU A 16 0.17 2.70 1.85
C LEU A 16 -0.32 1.96 3.10
N LEU A 17 0.31 2.25 4.23
CA LEU A 17 -0.05 1.61 5.48
C LEU A 17 -1.16 2.39 6.19
N LEU A 18 -1.00 3.71 6.27
CA LEU A 18 -1.98 4.56 6.92
C LEU A 18 -3.21 4.75 6.04
N LYS A 19 -3.01 5.35 4.87
CA LYS A 19 -4.11 5.59 3.94
C LYS A 19 -4.20 4.47 2.90
N GLY A 20 -4.10 3.23 3.38
CA GLY A 20 -4.18 2.09 2.49
C GLY A 20 -4.78 0.86 3.15
N PHE A 21 -4.03 0.26 4.06
CA PHE A 21 -4.49 -0.93 4.77
C PHE A 21 -5.17 -0.54 6.08
N GLU A 22 -4.60 0.45 6.76
CA GLU A 22 -5.15 0.91 8.03
C GLU A 22 -6.58 1.42 7.86
N LEU A 23 -6.87 1.97 6.68
CA LEU A 23 -8.20 2.48 6.40
C LEU A 23 -8.91 1.61 5.36
N MET A 24 -8.64 0.31 5.41
CA MET A 24 -9.26 -0.63 4.48
C MET A 24 -10.36 -1.43 5.16
N ASP A 25 -11.38 -1.77 4.39
CA ASP A 25 -12.51 -2.54 4.92
C ASP A 25 -12.33 -4.03 4.66
N ASP A 26 -13.08 -4.85 5.38
CA ASP A 26 -13.00 -6.30 5.23
C ASP A 26 -13.40 -6.72 3.82
N TYR A 27 -14.31 -5.96 3.22
CA TYR A 27 -14.77 -6.26 1.87
C TYR A 27 -13.62 -6.18 0.86
N HIS A 28 -12.65 -5.31 1.14
CA HIS A 28 -11.50 -5.14 0.26
C HIS A 28 -10.27 -5.85 0.84
N PHE A 29 -10.21 -5.93 2.16
CA PHE A 29 -9.08 -6.59 2.84
C PHE A 29 -8.85 -7.99 2.29
N THR A 30 -9.92 -8.61 1.80
CA THR A 30 -9.82 -9.95 1.24
C THR A 30 -9.53 -9.92 -0.26
N SER A 31 -9.97 -8.85 -0.91
CA SER A 31 -9.75 -8.69 -2.35
C SER A 31 -8.29 -8.42 -2.66
N ILE A 32 -7.66 -7.57 -1.84
CA ILE A 32 -6.26 -7.21 -2.03
C ILE A 32 -5.35 -8.41 -1.75
N LYS A 33 -5.58 -9.06 -0.60
CA LYS A 33 -4.77 -10.22 -0.22
C LYS A 33 -4.86 -11.31 -1.28
N SER A 34 -5.99 -11.38 -1.97
CA SER A 34 -6.19 -12.39 -3.00
C SER A 34 -5.38 -12.06 -4.25
N LEU A 35 -5.59 -10.86 -4.78
CA LEU A 35 -4.88 -10.42 -5.98
C LEU A 35 -3.37 -10.41 -5.74
N LEU A 36 -2.96 -9.88 -4.60
CA LEU A 36 -1.54 -9.80 -4.24
C LEU A 36 -0.96 -11.20 -4.05
N ALA A 37 -1.81 -12.16 -3.70
CA ALA A 37 -1.37 -13.54 -3.48
C ALA A 37 -0.64 -14.08 -4.71
N TYR A 38 -1.03 -13.60 -5.88
CA TYR A 38 -0.42 -14.04 -7.13
C TYR A 38 0.97 -13.44 -7.30
N ASP A 39 1.14 -12.20 -6.83
CA ASP A 39 2.41 -11.50 -6.93
C ASP A 39 3.32 -11.87 -5.77
N LEU A 40 2.95 -11.44 -4.57
CA LEU A 40 3.73 -11.72 -3.37
C LEU A 40 3.86 -13.22 -3.15
N GLY A 41 2.84 -13.97 -3.57
CA GLY A 41 2.86 -15.41 -3.40
C GLY A 41 2.34 -15.84 -2.05
N LEU A 42 1.07 -15.57 -1.78
CA LEU A 42 0.45 -15.93 -0.51
C LEU A 42 -0.61 -17.01 -0.71
N THR A 43 -1.08 -17.58 0.40
CA THR A 43 -2.10 -18.62 0.35
C THR A 43 -3.19 -18.38 1.39
N THR A 44 -4.20 -19.23 1.38
CA THR A 44 -5.31 -19.11 2.32
C THR A 44 -4.82 -19.21 3.76
N LYS A 45 -3.69 -19.88 3.96
CA LYS A 45 -3.12 -20.05 5.30
C LYS A 45 -2.37 -18.80 5.73
N MET A 46 -1.48 -18.32 4.87
CA MET A 46 -0.69 -17.13 5.16
C MET A 46 -1.59 -15.89 5.25
N GLN A 47 -2.61 -15.84 4.40
CA GLN A 47 -3.54 -14.72 4.39
C GLN A 47 -4.19 -14.51 5.76
N GLU A 48 -4.29 -15.60 6.53
CA GLU A 48 -4.89 -15.54 7.85
C GLU A 48 -3.83 -15.26 8.92
N GLU A 49 -2.67 -15.87 8.76
CA GLU A 49 -1.57 -15.69 9.71
C GLU A 49 -0.93 -14.32 9.55
N TYR A 50 -0.95 -13.79 8.33
CA TYR A 50 -0.37 -12.48 8.05
C TYR A 50 -1.22 -11.37 8.65
N ASN A 51 -0.68 -10.15 8.60
CA ASN A 51 -1.39 -8.99 9.14
C ASN A 51 -1.27 -7.79 8.20
N ARG A 52 -1.80 -6.66 8.62
CA ARG A 52 -1.76 -5.44 7.81
C ARG A 52 -0.32 -5.04 7.50
N ILE A 53 0.44 -4.74 8.53
CA ILE A 53 1.84 -4.32 8.36
C ILE A 53 2.63 -5.36 7.57
N LYS A 54 2.21 -6.62 7.64
CA LYS A 54 2.88 -7.69 6.93
C LYS A 54 2.74 -7.51 5.41
N ILE A 55 1.50 -7.40 4.94
CA ILE A 55 1.23 -7.23 3.52
C ILE A 55 1.89 -5.97 2.99
N THR A 56 1.93 -4.92 3.81
CA THR A 56 2.55 -3.66 3.43
C THR A 56 4.04 -3.82 3.23
N ASP A 57 4.65 -4.68 4.04
CA ASP A 57 6.09 -4.93 3.95
C ASP A 57 6.45 -5.65 2.65
N LEU A 58 5.52 -6.47 2.16
CA LEU A 58 5.73 -7.22 0.93
C LEU A 58 5.47 -6.34 -0.29
N MET A 59 4.48 -5.46 -0.18
CA MET A 59 4.12 -4.57 -1.28
C MET A 59 5.25 -3.59 -1.57
N GLU A 60 5.90 -3.11 -0.52
CA GLU A 60 7.00 -2.16 -0.66
C GLU A 60 8.22 -2.85 -1.27
N LYS A 61 8.59 -4.00 -0.71
CA LYS A 61 9.74 -4.75 -1.20
C LYS A 61 9.52 -5.20 -2.64
N LYS A 62 8.36 -5.79 -2.90
CA LYS A 62 8.03 -6.26 -4.24
C LYS A 62 7.81 -5.10 -5.19
N PHE A 63 7.29 -4.00 -4.66
CA PHE A 63 7.03 -2.82 -5.47
C PHE A 63 7.55 -1.56 -4.77
N GLN A 64 8.83 -1.27 -4.96
CA GLN A 64 9.46 -0.10 -4.36
C GLN A 64 9.00 1.18 -5.05
N GLY A 65 9.24 2.31 -4.40
CA GLY A 65 8.84 3.58 -4.96
C GLY A 65 7.34 3.78 -4.96
N VAL A 66 6.82 4.34 -6.05
CA VAL A 66 5.39 4.57 -6.17
C VAL A 66 4.64 3.30 -6.58
N ALA A 67 5.38 2.32 -7.06
CA ALA A 67 4.78 1.05 -7.48
C ALA A 67 3.93 0.44 -6.38
N CYS A 68 4.33 0.67 -5.13
CA CYS A 68 3.61 0.14 -3.98
C CYS A 68 2.18 0.68 -3.95
N LEU A 69 2.02 1.96 -4.26
CA LEU A 69 0.71 2.60 -4.27
C LEU A 69 0.00 2.34 -5.59
N ASP A 70 0.75 2.38 -6.68
CA ASP A 70 0.20 2.15 -8.01
C ASP A 70 -0.46 0.78 -8.10
N LYS A 71 0.08 -0.19 -7.36
CA LYS A 71 -0.46 -1.54 -7.36
C LYS A 71 -1.81 -1.58 -6.67
N LEU A 72 -1.98 -0.75 -5.65
CA LEU A 72 -3.24 -0.70 -4.91
C LEU A 72 -4.28 0.13 -5.66
N ILE A 73 -3.82 1.15 -6.37
CA ILE A 73 -4.71 2.02 -7.13
C ILE A 73 -5.16 1.33 -8.42
N GLU A 74 -4.25 0.61 -9.05
CA GLU A 74 -4.56 -0.10 -10.29
C GLU A 74 -5.43 -1.31 -10.02
N LEU A 75 -5.25 -1.93 -8.86
CA LEU A 75 -6.01 -3.11 -8.48
C LEU A 75 -7.37 -2.71 -7.92
N ALA A 76 -7.44 -1.54 -7.29
CA ALA A 76 -8.68 -1.04 -6.72
C ALA A 76 -9.36 -0.04 -7.65
N LYS A 77 -9.17 -0.23 -8.95
CA LYS A 77 -9.75 0.65 -9.95
C LYS A 77 -11.24 0.33 -10.15
N ASP A 78 -11.58 -0.95 -10.05
CA ASP A 78 -12.96 -1.39 -10.21
C ASP A 78 -13.64 -1.56 -8.86
N MET A 79 -13.33 -0.67 -7.93
CA MET A 79 -13.91 -0.72 -6.59
C MET A 79 -14.60 0.60 -6.24
N PRO A 80 -15.94 0.66 -6.34
CA PRO A 80 -16.70 1.87 -6.03
C PRO A 80 -16.63 2.23 -4.55
N SER A 81 -16.39 1.23 -3.71
CA SER A 81 -16.29 1.45 -2.27
C SER A 81 -14.96 2.10 -1.91
N LEU A 82 -13.94 1.83 -2.71
CA LEU A 82 -12.61 2.38 -2.46
C LEU A 82 -12.39 3.64 -3.30
N LYS A 83 -13.41 4.48 -3.36
CA LYS A 83 -13.34 5.73 -4.13
C LYS A 83 -12.41 6.74 -3.44
N ASN A 84 -12.36 6.67 -2.12
CA ASN A 84 -11.52 7.58 -1.35
C ASN A 84 -10.06 7.12 -1.36
N LEU A 85 -9.85 5.82 -1.22
CA LEU A 85 -8.51 5.26 -1.21
C LEU A 85 -7.81 5.52 -2.54
N VAL A 86 -8.51 5.23 -3.64
CA VAL A 86 -7.95 5.44 -4.98
C VAL A 86 -7.63 6.91 -5.22
N ASN A 87 -8.40 7.80 -4.59
CA ASN A 87 -8.20 9.23 -4.73
C ASN A 87 -7.06 9.72 -3.83
N ASN A 88 -7.15 9.38 -2.54
CA ASN A 88 -6.13 9.78 -1.59
C ASN A 88 -4.76 9.22 -1.96
N LEU A 89 -4.73 7.92 -2.24
CA LEU A 89 -3.49 7.26 -2.62
C LEU A 89 -2.87 7.90 -3.87
N ARG A 90 -3.72 8.23 -4.84
CA ARG A 90 -3.27 8.84 -6.07
C ARG A 90 -2.82 10.27 -5.84
N LYS A 91 -3.67 11.05 -5.17
CA LYS A 91 -3.36 12.45 -4.88
C LYS A 91 -2.12 12.56 -3.98
N GLU A 92 -2.06 11.71 -2.96
CA GLU A 92 -0.94 11.72 -2.03
C GLU A 92 0.35 11.37 -2.75
N LYS A 93 0.28 10.40 -3.65
CA LYS A 93 1.46 9.96 -4.40
C LYS A 93 2.03 11.11 -5.23
N SER A 94 1.14 11.92 -5.80
CA SER A 94 1.55 13.06 -6.61
C SER A 94 2.29 14.11 -5.77
N LYS A 95 1.90 14.20 -4.50
CA LYS A 95 2.53 15.15 -3.59
C LYS A 95 3.94 14.72 -3.22
N VAL A 96 4.05 13.54 -2.62
CA VAL A 96 5.35 13.00 -2.22
C VAL A 96 6.20 12.65 -3.43
N ALA A 97 6.73 13.69 -4.08
CA ALA A 97 7.57 13.49 -5.25
C ALA A 97 9.01 13.17 -4.86
N SER A 98 9.18 12.06 -4.17
CA SER A 98 10.51 11.63 -3.72
C SER A 98 10.82 10.22 -4.24
N GLY A 99 11.80 10.13 -5.14
CA GLY A 99 12.18 8.86 -5.70
C GLY A 99 13.68 8.73 -5.88
N PRO A 100 14.42 8.44 -4.79
CA PRO A 100 15.88 8.29 -4.85
C PRO A 100 16.32 7.31 -5.93
N SER A 101 16.77 7.84 -7.05
CA SER A 101 17.22 7.01 -8.17
C SER A 101 18.30 7.72 -8.97
N SER A 102 18.04 8.97 -9.33
CA SER A 102 18.99 9.76 -10.10
C SER A 102 19.98 10.47 -9.19
N GLY A 103 21.20 10.67 -9.69
CA GLY A 103 22.23 11.33 -8.90
C GLY A 103 22.59 10.56 -7.65
N GLY A 1 8.94 -10.36 17.84
CA GLY A 1 10.21 -9.63 17.56
C GLY A 1 9.98 -8.36 16.75
N SER A 2 8.93 -7.63 17.10
CA SER A 2 8.60 -6.39 16.41
C SER A 2 9.49 -5.25 16.89
N SER A 3 9.83 -4.34 15.98
CA SER A 3 10.68 -3.20 16.32
C SER A 3 9.91 -1.89 16.17
N GLY A 4 10.36 -0.86 16.89
CA GLY A 4 9.70 0.43 16.82
C GLY A 4 10.68 1.58 16.82
N SER A 5 11.52 1.65 15.79
CA SER A 5 12.51 2.71 15.68
C SER A 5 12.42 3.41 14.33
N SER A 6 12.62 4.71 14.33
CA SER A 6 12.56 5.50 13.10
C SER A 6 13.95 5.89 12.64
N GLY A 7 14.03 6.61 11.52
CA GLY A 7 15.30 7.04 10.99
C GLY A 7 15.24 7.40 9.52
N MET A 8 14.81 6.44 8.70
CA MET A 8 14.70 6.67 7.25
C MET A 8 13.97 5.51 6.59
N VAL A 9 12.69 5.75 6.24
CA VAL A 9 11.89 4.72 5.59
C VAL A 9 11.21 5.27 4.34
N ASN A 10 10.71 4.37 3.50
CA ASN A 10 10.03 4.77 2.27
C ASN A 10 8.76 5.55 2.56
N GLU A 11 8.69 6.77 2.06
CA GLU A 11 7.52 7.62 2.27
C GLU A 11 6.28 7.00 1.65
N TYR A 12 6.45 6.37 0.49
CA TYR A 12 5.34 5.73 -0.21
C TYR A 12 4.70 4.65 0.66
N LYS A 13 5.52 4.02 1.49
CA LYS A 13 5.03 2.95 2.37
C LYS A 13 4.09 3.51 3.43
N LYS A 14 4.45 4.66 3.99
CA LYS A 14 3.65 5.30 5.02
C LYS A 14 2.24 5.61 4.49
N ILE A 15 2.16 5.95 3.21
CA ILE A 15 0.88 6.26 2.59
C ILE A 15 0.10 4.99 2.26
N LEU A 16 0.82 3.91 1.95
CA LEU A 16 0.21 2.64 1.62
C LEU A 16 -0.37 1.97 2.87
N LEU A 17 0.23 2.25 4.02
CA LEU A 17 -0.23 1.67 5.28
C LEU A 17 -1.33 2.52 5.90
N LEU A 18 -1.00 3.75 6.24
CA LEU A 18 -1.96 4.67 6.84
C LEU A 18 -3.16 4.89 5.92
N LYS A 19 -2.88 5.29 4.69
CA LYS A 19 -3.93 5.53 3.72
C LYS A 19 -4.13 4.33 2.81
N GLY A 20 -4.29 3.15 3.41
CA GLY A 20 -4.48 1.94 2.65
C GLY A 20 -5.17 0.86 3.44
N PHE A 21 -4.41 -0.15 3.87
CA PHE A 21 -4.96 -1.25 4.64
C PHE A 21 -5.59 -0.75 5.95
N GLU A 22 -5.02 0.32 6.49
CA GLU A 22 -5.52 0.90 7.73
C GLU A 22 -6.97 1.34 7.58
N LEU A 23 -7.34 1.74 6.36
CA LEU A 23 -8.70 2.20 6.08
C LEU A 23 -9.40 1.24 5.12
N MET A 24 -9.14 -0.05 5.28
CA MET A 24 -9.74 -1.06 4.43
C MET A 24 -10.73 -1.91 5.22
N ASP A 25 -11.65 -2.57 4.50
CA ASP A 25 -12.65 -3.42 5.14
C ASP A 25 -12.47 -4.88 4.70
N ASP A 26 -13.23 -5.76 5.33
CA ASP A 26 -13.17 -7.19 5.01
C ASP A 26 -13.50 -7.44 3.55
N TYR A 27 -14.33 -6.57 2.98
CA TYR A 27 -14.74 -6.71 1.58
C TYR A 27 -13.52 -6.66 0.66
N HIS A 28 -12.50 -5.93 1.08
CA HIS A 28 -11.28 -5.79 0.28
C HIS A 28 -10.11 -6.52 0.95
N PHE A 29 -10.15 -6.61 2.27
CA PHE A 29 -9.10 -7.27 3.03
C PHE A 29 -8.92 -8.72 2.58
N THR A 30 -9.95 -9.29 1.98
CA THR A 30 -9.91 -10.67 1.51
C THR A 30 -9.71 -10.72 -0.01
N SER A 31 -10.14 -9.68 -0.70
CA SER A 31 -10.02 -9.61 -2.16
C SER A 31 -8.66 -9.07 -2.57
N ILE A 32 -8.32 -7.90 -2.06
CA ILE A 32 -7.05 -7.27 -2.38
C ILE A 32 -5.87 -8.15 -1.98
N LYS A 33 -6.06 -8.94 -0.93
CA LYS A 33 -5.01 -9.82 -0.45
C LYS A 33 -4.93 -11.09 -1.29
N SER A 34 -6.07 -11.54 -1.79
CA SER A 34 -6.14 -12.73 -2.62
C SER A 34 -5.45 -12.51 -3.96
N LEU A 35 -5.49 -11.27 -4.43
CA LEU A 35 -4.87 -10.91 -5.70
C LEU A 35 -3.39 -10.60 -5.53
N LEU A 36 -3.07 -9.85 -4.49
CA LEU A 36 -1.69 -9.47 -4.20
C LEU A 36 -0.84 -10.71 -3.89
N ALA A 37 -1.48 -11.74 -3.36
CA ALA A 37 -0.78 -12.98 -3.02
C ALA A 37 -0.08 -13.56 -4.23
N TYR A 38 -0.63 -13.32 -5.41
CA TYR A 38 -0.04 -13.82 -6.65
C TYR A 38 1.28 -13.12 -6.95
N ASP A 39 1.36 -11.85 -6.59
CA ASP A 39 2.57 -11.06 -6.82
C ASP A 39 3.53 -11.17 -5.65
N LEU A 40 3.06 -10.80 -4.46
CA LEU A 40 3.88 -10.87 -3.25
C LEU A 40 4.35 -12.30 -3.00
N GLY A 41 3.45 -13.26 -3.16
CA GLY A 41 3.79 -14.64 -2.94
C GLY A 41 3.18 -15.20 -1.67
N LEU A 42 1.87 -15.04 -1.52
CA LEU A 42 1.16 -15.52 -0.35
C LEU A 42 0.12 -16.56 -0.72
N THR A 43 -0.54 -17.12 0.28
CA THR A 43 -1.56 -18.14 0.05
C THR A 43 -2.85 -17.80 0.80
N THR A 44 -3.84 -18.68 0.70
CA THR A 44 -5.12 -18.47 1.37
C THR A 44 -4.98 -18.61 2.88
N LYS A 45 -3.98 -19.37 3.32
CA LYS A 45 -3.74 -19.58 4.74
C LYS A 45 -2.97 -18.41 5.34
N MET A 46 -1.86 -18.06 4.70
CA MET A 46 -1.03 -16.96 5.17
C MET A 46 -1.80 -15.64 5.15
N GLN A 47 -2.74 -15.54 4.22
CA GLN A 47 -3.56 -14.33 4.08
C GLN A 47 -4.37 -14.07 5.34
N GLU A 48 -4.72 -15.15 6.04
CA GLU A 48 -5.50 -15.04 7.27
C GLU A 48 -4.61 -14.79 8.48
N GLU A 49 -3.39 -15.32 8.42
CA GLU A 49 -2.44 -15.17 9.52
C GLU A 49 -1.68 -13.85 9.39
N TYR A 50 -1.44 -13.41 8.17
CA TYR A 50 -0.74 -12.17 7.92
C TYR A 50 -1.56 -10.97 8.38
N ASN A 51 -0.87 -9.86 8.65
CA ASN A 51 -1.54 -8.64 9.10
C ASN A 51 -1.32 -7.51 8.11
N ARG A 52 -1.83 -6.33 8.43
CA ARG A 52 -1.71 -5.16 7.57
C ARG A 52 -0.24 -4.82 7.33
N ILE A 53 0.49 -4.57 8.42
CA ILE A 53 1.90 -4.22 8.33
C ILE A 53 2.70 -5.32 7.62
N LYS A 54 2.22 -6.55 7.72
CA LYS A 54 2.89 -7.68 7.10
C LYS A 54 2.90 -7.53 5.58
N ILE A 55 1.74 -7.21 5.01
CA ILE A 55 1.62 -7.03 3.57
C ILE A 55 2.37 -5.79 3.09
N THR A 56 2.28 -4.72 3.88
CA THR A 56 2.94 -3.47 3.54
C THR A 56 4.46 -3.66 3.44
N ASP A 57 4.98 -4.60 4.23
CA ASP A 57 6.40 -4.88 4.24
C ASP A 57 6.83 -5.57 2.94
N LEU A 58 5.92 -6.35 2.36
CA LEU A 58 6.19 -7.07 1.13
C LEU A 58 5.86 -6.20 -0.09
N MET A 59 4.80 -5.41 0.04
CA MET A 59 4.38 -4.53 -1.04
C MET A 59 5.46 -3.51 -1.39
N GLU A 60 6.23 -3.13 -0.37
CA GLU A 60 7.31 -2.16 -0.56
C GLU A 60 8.54 -2.82 -1.18
N LYS A 61 8.88 -4.00 -0.67
CA LYS A 61 10.04 -4.74 -1.18
C LYS A 61 9.87 -5.06 -2.66
N LYS A 62 8.84 -5.82 -2.99
CA LYS A 62 8.56 -6.20 -4.37
C LYS A 62 8.34 -4.96 -5.23
N PHE A 63 7.58 -4.01 -4.71
CA PHE A 63 7.29 -2.78 -5.43
C PHE A 63 7.83 -1.57 -4.69
N GLN A 64 8.82 -0.91 -5.28
CA GLN A 64 9.44 0.26 -4.67
C GLN A 64 8.93 1.54 -5.32
N GLY A 65 8.99 2.64 -4.58
CA GLY A 65 8.53 3.91 -5.11
C GLY A 65 7.02 4.00 -5.19
N VAL A 66 6.52 4.39 -6.35
CA VAL A 66 5.08 4.52 -6.56
C VAL A 66 4.45 3.17 -6.92
N ALA A 67 5.28 2.23 -7.34
CA ALA A 67 4.80 0.90 -7.71
C ALA A 67 3.99 0.27 -6.59
N CYS A 68 4.36 0.57 -5.35
CA CYS A 68 3.67 0.03 -4.19
C CYS A 68 2.28 0.65 -4.05
N LEU A 69 2.19 1.95 -4.28
CA LEU A 69 0.92 2.65 -4.18
C LEU A 69 0.05 2.38 -5.40
N ASP A 70 0.66 2.43 -6.58
CA ASP A 70 -0.06 2.19 -7.83
C ASP A 70 -0.71 0.80 -7.83
N LYS A 71 -0.08 -0.14 -7.13
CA LYS A 71 -0.61 -1.49 -7.05
C LYS A 71 -1.92 -1.53 -6.30
N LEU A 72 -1.99 -0.82 -5.18
CA LEU A 72 -3.19 -0.77 -4.36
C LEU A 72 -4.30 -0.03 -5.09
N ILE A 73 -3.93 1.03 -5.81
CA ILE A 73 -4.90 1.82 -6.56
C ILE A 73 -5.36 1.09 -7.82
N GLU A 74 -4.42 0.39 -8.47
CA GLU A 74 -4.74 -0.35 -9.68
C GLU A 74 -5.69 -1.50 -9.38
N LEU A 75 -5.37 -2.28 -8.34
CA LEU A 75 -6.19 -3.41 -7.95
C LEU A 75 -7.53 -2.95 -7.39
N ALA A 76 -7.52 -1.78 -6.74
CA ALA A 76 -8.73 -1.21 -6.16
C ALA A 76 -9.23 -0.02 -6.97
N LYS A 77 -8.98 -0.05 -8.28
CA LYS A 77 -9.40 1.03 -9.15
C LYS A 77 -10.88 0.90 -9.50
N ASP A 78 -11.33 -0.33 -9.71
CA ASP A 78 -12.72 -0.59 -10.04
C ASP A 78 -13.53 -0.93 -8.79
N MET A 79 -13.30 -0.19 -7.71
CA MET A 79 -14.00 -0.42 -6.46
C MET A 79 -14.61 0.88 -5.93
N PRO A 80 -15.94 1.00 -5.95
CA PRO A 80 -16.63 2.20 -5.46
C PRO A 80 -16.48 2.39 -3.96
N SER A 81 -16.28 1.28 -3.24
CA SER A 81 -16.12 1.33 -1.80
C SER A 81 -14.85 2.06 -1.41
N LEU A 82 -13.80 1.89 -2.22
CA LEU A 82 -12.52 2.54 -1.96
C LEU A 82 -12.34 3.75 -2.85
N LYS A 83 -13.40 4.54 -3.00
CA LYS A 83 -13.36 5.75 -3.83
C LYS A 83 -12.40 6.78 -3.26
N ASN A 84 -12.40 6.89 -1.93
CA ASN A 84 -11.53 7.85 -1.24
C ASN A 84 -10.09 7.36 -1.22
N LEU A 85 -9.91 6.05 -1.09
CA LEU A 85 -8.58 5.45 -1.06
C LEU A 85 -7.83 5.72 -2.36
N VAL A 86 -8.56 5.62 -3.47
CA VAL A 86 -7.97 5.85 -4.79
C VAL A 86 -7.69 7.33 -5.02
N ASN A 87 -8.51 8.18 -4.43
CA ASN A 87 -8.36 9.62 -4.56
C ASN A 87 -7.30 10.15 -3.61
N ASN A 88 -7.15 9.50 -2.46
CA ASN A 88 -6.16 9.90 -1.47
C ASN A 88 -4.80 9.29 -1.77
N LEU A 89 -4.81 8.09 -2.36
CA LEU A 89 -3.57 7.40 -2.70
C LEU A 89 -2.95 7.99 -3.95
N ARG A 90 -3.78 8.49 -4.85
CA ARG A 90 -3.31 9.08 -6.10
C ARG A 90 -2.81 10.50 -5.89
N LYS A 91 -3.52 11.25 -5.04
CA LYS A 91 -3.15 12.63 -4.75
C LYS A 91 -1.84 12.69 -3.97
N GLU A 92 -1.72 11.85 -2.95
CA GLU A 92 -0.52 11.81 -2.13
C GLU A 92 0.70 11.44 -2.96
N LYS A 93 0.55 10.40 -3.78
CA LYS A 93 1.65 9.94 -4.64
C LYS A 93 2.12 11.06 -5.55
N SER A 94 1.21 11.95 -5.93
CA SER A 94 1.53 13.06 -6.81
C SER A 94 2.38 14.10 -6.08
N LYS A 95 2.19 14.21 -4.78
CA LYS A 95 2.94 15.16 -3.96
C LYS A 95 4.31 14.61 -3.59
N VAL A 96 4.33 13.44 -2.98
CA VAL A 96 5.58 12.80 -2.58
C VAL A 96 6.49 12.57 -3.78
N ALA A 97 5.89 12.35 -4.95
CA ALA A 97 6.65 12.11 -6.17
C ALA A 97 7.29 13.40 -6.67
N SER A 98 8.31 13.27 -7.52
CA SER A 98 9.00 14.41 -8.08
C SER A 98 9.12 14.29 -9.59
N GLY A 99 9.75 15.29 -10.21
CA GLY A 99 9.92 15.27 -11.65
C GLY A 99 8.97 16.22 -12.36
N PRO A 100 9.45 17.41 -12.77
CA PRO A 100 8.61 18.40 -13.47
C PRO A 100 8.18 17.92 -14.85
N SER A 101 7.00 18.36 -15.28
CA SER A 101 6.47 17.99 -16.58
C SER A 101 6.26 16.48 -16.67
N SER A 102 5.01 16.05 -16.60
CA SER A 102 4.67 14.62 -16.66
C SER A 102 5.31 13.87 -15.50
N GLY A 103 4.75 12.71 -15.18
CA GLY A 103 5.28 11.90 -14.09
C GLY A 103 6.14 10.77 -14.59
N GLY A 1 10.00 3.79 11.67
CA GLY A 1 11.31 3.74 10.96
C GLY A 1 12.49 4.03 11.89
N SER A 2 12.67 5.30 12.21
CA SER A 2 13.77 5.71 13.09
C SER A 2 13.69 7.20 13.39
N SER A 3 14.66 7.70 14.15
CA SER A 3 14.71 9.10 14.51
C SER A 3 16.13 9.64 14.41
N GLY A 4 16.41 10.33 13.31
CA GLY A 4 17.74 10.89 13.10
C GLY A 4 17.77 11.90 11.97
N SER A 5 18.97 12.33 11.60
CA SER A 5 19.14 13.30 10.53
C SER A 5 18.84 12.67 9.17
N SER A 6 18.59 13.52 8.17
CA SER A 6 18.29 13.05 6.83
C SER A 6 17.04 12.19 6.82
N GLY A 7 16.41 12.06 5.66
CA GLY A 7 15.22 11.26 5.54
C GLY A 7 15.48 9.78 5.78
N MET A 8 15.85 9.07 4.72
CA MET A 8 16.13 7.64 4.82
C MET A 8 14.89 6.86 5.22
N VAL A 9 13.73 7.36 4.81
CA VAL A 9 12.45 6.72 5.12
C VAL A 9 11.47 6.85 3.97
N ASN A 10 11.02 5.72 3.44
CA ASN A 10 10.06 5.72 2.32
C ASN A 10 8.73 6.31 2.76
N GLU A 11 8.36 7.43 2.14
CA GLU A 11 7.11 8.09 2.46
C GLU A 11 5.93 7.39 1.79
N TYR A 12 6.20 6.75 0.65
CA TYR A 12 5.16 6.04 -0.09
C TYR A 12 4.60 4.88 0.73
N LYS A 13 5.51 4.08 1.32
CA LYS A 13 5.11 2.94 2.12
C LYS A 13 4.25 3.38 3.30
N LYS A 14 4.61 4.51 3.91
CA LYS A 14 3.87 5.03 5.05
C LYS A 14 2.42 5.33 4.68
N ILE A 15 2.24 5.87 3.48
CA ILE A 15 0.90 6.20 2.99
C ILE A 15 0.12 4.95 2.63
N LEU A 16 0.83 3.93 2.15
CA LEU A 16 0.21 2.67 1.77
C LEU A 16 -0.32 1.92 2.99
N LEU A 17 0.28 2.19 4.15
CA LEU A 17 -0.13 1.53 5.38
C LEU A 17 -1.35 2.21 5.99
N LEU A 18 -1.15 3.43 6.50
CA LEU A 18 -2.23 4.19 7.10
C LEU A 18 -3.36 4.44 6.10
N LYS A 19 -2.99 4.99 4.94
CA LYS A 19 -3.97 5.29 3.90
C LYS A 19 -3.92 4.25 2.79
N GLY A 20 -4.16 2.99 3.14
CA GLY A 20 -4.14 1.93 2.17
C GLY A 20 -4.68 0.62 2.71
N PHE A 21 -4.10 0.15 3.80
CA PHE A 21 -4.53 -1.10 4.42
C PHE A 21 -5.25 -0.83 5.74
N GLU A 22 -4.75 0.14 6.50
CA GLU A 22 -5.34 0.50 7.79
C GLU A 22 -6.78 0.96 7.60
N LEU A 23 -7.05 1.58 6.45
CA LEU A 23 -8.38 2.09 6.15
C LEU A 23 -9.19 1.07 5.35
N MET A 24 -8.48 0.16 4.67
CA MET A 24 -9.13 -0.87 3.86
C MET A 24 -10.15 -1.65 4.68
N ASP A 25 -11.18 -2.17 4.02
CA ASP A 25 -12.21 -2.94 4.68
C ASP A 25 -12.07 -4.43 4.36
N ASP A 26 -12.92 -5.24 4.99
CA ASP A 26 -12.89 -6.68 4.77
C ASP A 26 -13.24 -7.02 3.32
N TYR A 27 -14.07 -6.19 2.70
CA TYR A 27 -14.46 -6.41 1.32
C TYR A 27 -13.25 -6.41 0.40
N HIS A 28 -12.23 -5.65 0.76
CA HIS A 28 -11.01 -5.56 -0.03
C HIS A 28 -9.88 -6.34 0.63
N PHE A 29 -9.90 -6.41 1.95
CA PHE A 29 -8.88 -7.13 2.70
C PHE A 29 -8.78 -8.58 2.26
N THR A 30 -9.89 -9.11 1.73
CA THR A 30 -9.93 -10.50 1.28
C THR A 30 -9.78 -10.57 -0.25
N SER A 31 -10.24 -9.53 -0.94
CA SER A 31 -10.17 -9.48 -2.38
C SER A 31 -8.77 -9.07 -2.85
N ILE A 32 -8.26 -7.99 -2.27
CA ILE A 32 -6.93 -7.49 -2.63
C ILE A 32 -5.85 -8.50 -2.25
N LYS A 33 -6.03 -9.16 -1.11
CA LYS A 33 -5.06 -10.15 -0.63
C LYS A 33 -5.04 -11.36 -1.56
N SER A 34 -6.21 -11.74 -2.06
CA SER A 34 -6.32 -12.89 -2.96
C SER A 34 -5.52 -12.66 -4.23
N LEU A 35 -5.49 -11.41 -4.70
CA LEU A 35 -4.77 -11.06 -5.91
C LEU A 35 -3.28 -10.86 -5.61
N LEU A 36 -2.99 -10.12 -4.55
CA LEU A 36 -1.61 -9.86 -4.16
C LEU A 36 -0.87 -11.16 -3.84
N ALA A 37 -1.62 -12.18 -3.44
CA ALA A 37 -1.02 -13.47 -3.11
C ALA A 37 -0.23 -14.03 -4.28
N TYR A 38 -0.66 -13.71 -5.49
CA TYR A 38 0.02 -14.17 -6.70
C TYR A 38 1.30 -13.38 -6.94
N ASP A 39 1.29 -12.12 -6.54
CA ASP A 39 2.45 -11.25 -6.72
C ASP A 39 3.41 -11.38 -5.54
N LEU A 40 2.92 -11.06 -4.35
CA LEU A 40 3.72 -11.14 -3.14
C LEU A 40 4.07 -12.59 -2.82
N GLY A 41 3.14 -13.49 -3.12
CA GLY A 41 3.37 -14.90 -2.85
C GLY A 41 2.76 -15.34 -1.53
N LEU A 42 1.44 -15.27 -1.45
CA LEU A 42 0.72 -15.66 -0.23
C LEU A 42 -0.12 -16.91 -0.48
N THR A 43 -0.88 -17.31 0.54
CA THR A 43 -1.72 -18.50 0.44
C THR A 43 -3.01 -18.32 1.25
N THR A 44 -3.80 -19.38 1.33
CA THR A 44 -5.05 -19.34 2.09
C THR A 44 -4.78 -19.26 3.58
N LYS A 45 -3.67 -19.84 4.02
CA LYS A 45 -3.30 -19.83 5.43
C LYS A 45 -2.58 -18.53 5.80
N MET A 46 -1.64 -18.13 4.95
CA MET A 46 -0.88 -16.90 5.18
C MET A 46 -1.78 -15.68 5.11
N GLN A 47 -2.79 -15.76 4.26
CA GLN A 47 -3.73 -14.65 4.09
C GLN A 47 -4.42 -14.31 5.42
N GLU A 48 -4.61 -15.32 6.26
CA GLU A 48 -5.25 -15.13 7.55
C GLU A 48 -4.21 -14.90 8.65
N GLU A 49 -3.04 -15.50 8.47
CA GLU A 49 -1.95 -15.35 9.45
C GLU A 49 -1.29 -13.99 9.32
N TYR A 50 -1.18 -13.49 8.10
CA TYR A 50 -0.56 -12.19 7.86
C TYR A 50 -1.47 -11.06 8.32
N ASN A 51 -0.87 -9.92 8.65
CA ASN A 51 -1.62 -8.76 9.11
C ASN A 51 -1.55 -7.63 8.09
N ARG A 52 -2.27 -6.55 8.38
CA ARG A 52 -2.28 -5.39 7.49
C ARG A 52 -0.88 -4.83 7.29
N ILE A 53 -0.17 -4.63 8.39
CA ILE A 53 1.18 -4.09 8.35
C ILE A 53 2.14 -5.08 7.69
N LYS A 54 1.84 -6.37 7.84
CA LYS A 54 2.68 -7.41 7.26
C LYS A 54 2.71 -7.31 5.74
N ILE A 55 1.53 -7.22 5.13
CA ILE A 55 1.42 -7.12 3.68
C ILE A 55 2.10 -5.84 3.17
N THR A 56 2.02 -4.78 3.95
CA THR A 56 2.63 -3.51 3.58
C THR A 56 4.15 -3.64 3.48
N ASP A 57 4.73 -4.44 4.36
CA ASP A 57 6.17 -4.66 4.36
C ASP A 57 6.62 -5.35 3.08
N LEU A 58 5.78 -6.23 2.56
CA LEU A 58 6.09 -6.96 1.34
C LEU A 58 5.79 -6.12 0.11
N MET A 59 4.79 -5.27 0.21
CA MET A 59 4.40 -4.40 -0.89
C MET A 59 5.51 -3.43 -1.24
N GLU A 60 6.27 -3.02 -0.23
CA GLU A 60 7.38 -2.09 -0.44
C GLU A 60 8.52 -2.75 -1.19
N LYS A 61 8.98 -3.90 -0.67
CA LYS A 61 10.07 -4.63 -1.30
C LYS A 61 9.70 -5.06 -2.72
N LYS A 62 8.58 -5.76 -2.85
CA LYS A 62 8.11 -6.23 -4.15
C LYS A 62 7.85 -5.05 -5.08
N PHE A 63 7.26 -3.99 -4.52
CA PHE A 63 6.93 -2.80 -5.31
C PHE A 63 7.62 -1.57 -4.73
N GLN A 64 8.76 -1.21 -5.31
CA GLN A 64 9.53 -0.05 -4.85
C GLN A 64 9.03 1.23 -5.52
N GLY A 65 9.01 2.31 -4.76
CA GLY A 65 8.56 3.59 -5.30
C GLY A 65 7.04 3.66 -5.42
N VAL A 66 6.56 4.42 -6.39
CA VAL A 66 5.13 4.59 -6.61
C VAL A 66 4.47 3.25 -6.95
N ALA A 67 5.27 2.27 -7.36
CA ALA A 67 4.76 0.95 -7.72
C ALA A 67 3.91 0.37 -6.60
N CYS A 68 4.28 0.67 -5.35
CA CYS A 68 3.55 0.17 -4.20
C CYS A 68 2.14 0.77 -4.14
N LEU A 69 2.04 2.06 -4.50
CA LEU A 69 0.77 2.74 -4.49
C LEU A 69 -0.05 2.41 -5.73
N ASP A 70 0.62 2.37 -6.87
CA ASP A 70 -0.04 2.06 -8.14
C ASP A 70 -0.70 0.69 -8.09
N LYS A 71 -0.10 -0.22 -7.32
CA LYS A 71 -0.63 -1.57 -7.19
C LYS A 71 -1.98 -1.57 -6.48
N LEU A 72 -2.04 -0.88 -5.33
CA LEU A 72 -3.27 -0.79 -4.56
C LEU A 72 -4.35 -0.07 -5.35
N ILE A 73 -3.96 0.97 -6.08
CA ILE A 73 -4.91 1.75 -6.87
C ILE A 73 -5.37 0.97 -8.09
N GLU A 74 -4.47 0.17 -8.66
CA GLU A 74 -4.78 -0.63 -9.84
C GLU A 74 -5.83 -1.70 -9.50
N LEU A 75 -5.69 -2.31 -8.32
CA LEU A 75 -6.62 -3.33 -7.89
C LEU A 75 -7.90 -2.71 -7.34
N ALA A 76 -7.77 -1.56 -6.69
CA ALA A 76 -8.91 -0.87 -6.12
C ALA A 76 -9.34 0.30 -7.01
N LYS A 77 -9.21 0.12 -8.32
CA LYS A 77 -9.59 1.15 -9.28
C LYS A 77 -11.09 1.12 -9.55
N ASP A 78 -11.63 -0.08 -9.75
CA ASP A 78 -13.06 -0.25 -10.02
C ASP A 78 -13.78 -0.79 -8.79
N MET A 79 -13.64 -0.09 -7.67
CA MET A 79 -14.28 -0.49 -6.43
C MET A 79 -14.78 0.72 -5.64
N PRO A 80 -16.11 0.89 -5.51
CA PRO A 80 -16.70 2.02 -4.79
C PRO A 80 -16.42 1.95 -3.29
N SER A 81 -16.17 0.74 -2.79
CA SER A 81 -15.89 0.55 -1.38
C SER A 81 -14.69 1.38 -0.94
N LEU A 82 -13.78 1.64 -1.87
CA LEU A 82 -12.59 2.43 -1.57
C LEU A 82 -12.43 3.57 -2.58
N LYS A 83 -13.30 4.57 -2.46
CA LYS A 83 -13.25 5.72 -3.36
C LYS A 83 -12.29 6.78 -2.84
N ASN A 84 -12.36 7.06 -1.54
CA ASN A 84 -11.48 8.05 -0.91
C ASN A 84 -10.04 7.59 -0.94
N LEU A 85 -9.83 6.29 -0.88
CA LEU A 85 -8.48 5.72 -0.89
C LEU A 85 -7.76 6.06 -2.19
N VAL A 86 -8.41 5.79 -3.31
CA VAL A 86 -7.83 6.06 -4.62
C VAL A 86 -7.51 7.55 -4.78
N ASN A 87 -8.30 8.39 -4.12
CA ASN A 87 -8.10 9.82 -4.19
C ASN A 87 -6.99 10.28 -3.24
N ASN A 88 -6.87 9.59 -2.12
CA ASN A 88 -5.86 9.92 -1.11
C ASN A 88 -4.49 9.40 -1.55
N LEU A 89 -4.48 8.24 -2.21
CA LEU A 89 -3.24 7.63 -2.67
C LEU A 89 -2.73 8.32 -3.93
N ARG A 90 -3.65 8.84 -4.73
CA ARG A 90 -3.30 9.51 -5.97
C ARG A 90 -2.78 10.93 -5.69
N LYS A 91 -3.48 11.65 -4.82
CA LYS A 91 -3.08 13.01 -4.46
C LYS A 91 -1.69 13.03 -3.86
N GLU A 92 -1.45 12.17 -2.89
CA GLU A 92 -0.15 12.08 -2.23
C GLU A 92 0.93 11.62 -3.21
N LYS A 93 0.57 10.69 -4.07
CA LYS A 93 1.50 10.16 -5.07
C LYS A 93 1.79 11.19 -6.15
N SER A 94 0.82 12.05 -6.41
CA SER A 94 0.97 13.09 -7.44
C SER A 94 2.05 14.09 -7.05
N LYS A 95 1.98 14.58 -5.81
CA LYS A 95 2.95 15.55 -5.32
C LYS A 95 3.25 15.32 -3.85
N VAL A 96 4.18 14.42 -3.57
CA VAL A 96 4.56 14.10 -2.20
C VAL A 96 5.32 15.26 -1.56
N ALA A 97 4.62 16.36 -1.33
CA ALA A 97 5.24 17.54 -0.73
C ALA A 97 4.68 17.79 0.66
N SER A 98 3.39 18.09 0.75
CA SER A 98 2.75 18.34 2.03
C SER A 98 2.28 17.04 2.68
N GLY A 99 2.81 16.77 3.87
CA GLY A 99 2.44 15.55 4.57
C GLY A 99 2.11 15.81 6.04
N PRO A 100 1.96 14.75 6.84
CA PRO A 100 1.64 14.88 8.27
C PRO A 100 2.60 15.82 8.99
N SER A 101 2.19 17.07 9.13
CA SER A 101 3.01 18.08 9.81
C SER A 101 2.18 18.85 10.82
N SER A 102 2.50 18.68 12.11
CA SER A 102 1.79 19.36 13.17
C SER A 102 2.70 19.60 14.37
N GLY A 103 3.96 19.88 14.10
CA GLY A 103 4.92 20.13 15.16
C GLY A 103 6.28 20.55 14.65
N GLY A 1 16.42 4.17 23.44
CA GLY A 1 17.45 4.82 24.29
C GLY A 1 18.54 5.49 23.48
N SER A 2 18.88 4.90 22.34
CA SER A 2 19.91 5.45 21.46
C SER A 2 19.90 4.76 20.11
N SER A 3 20.76 5.22 19.20
CA SER A 3 20.84 4.65 17.87
C SER A 3 19.51 4.78 17.13
N GLY A 4 19.41 5.78 16.26
CA GLY A 4 18.19 5.99 15.50
C GLY A 4 18.45 6.51 14.11
N SER A 5 17.43 6.46 13.25
CA SER A 5 17.56 6.94 11.88
C SER A 5 16.25 7.55 11.40
N SER A 6 16.33 8.79 10.91
CA SER A 6 15.14 9.48 10.41
C SER A 6 14.82 9.04 8.99
N GLY A 7 13.53 8.98 8.68
CA GLY A 7 13.10 8.57 7.36
C GLY A 7 11.87 7.68 7.40
N MET A 8 11.77 6.86 8.43
CA MET A 8 10.65 5.95 8.58
C MET A 8 10.57 4.98 7.40
N VAL A 9 11.72 4.68 6.81
CA VAL A 9 11.79 3.76 5.68
C VAL A 9 10.92 4.25 4.53
N ASN A 10 11.49 5.10 3.67
CA ASN A 10 10.78 5.63 2.52
C ASN A 10 9.55 6.42 2.98
N GLU A 11 8.87 7.05 2.02
CA GLU A 11 7.67 7.83 2.32
C GLU A 11 6.44 7.19 1.70
N TYR A 12 6.60 6.64 0.50
CA TYR A 12 5.50 5.98 -0.20
C TYR A 12 4.91 4.84 0.63
N LYS A 13 5.77 4.20 1.41
CA LYS A 13 5.34 3.08 2.26
C LYS A 13 4.43 3.57 3.38
N LYS A 14 4.72 4.76 3.90
CA LYS A 14 3.93 5.34 4.98
C LYS A 14 2.48 5.53 4.54
N ILE A 15 2.29 6.22 3.42
CA ILE A 15 0.95 6.47 2.90
C ILE A 15 0.24 5.17 2.57
N LEU A 16 1.01 4.16 2.16
CA LEU A 16 0.45 2.86 1.81
C LEU A 16 -0.11 2.16 3.05
N LEU A 17 0.43 2.50 4.21
CA LEU A 17 -0.03 1.90 5.46
C LEU A 17 -1.15 2.71 6.09
N LEU A 18 -0.88 3.98 6.37
CA LEU A 18 -1.87 4.87 6.96
C LEU A 18 -3.08 5.02 6.05
N LYS A 19 -2.84 5.40 4.80
CA LYS A 19 -3.91 5.58 3.82
C LYS A 19 -3.87 4.48 2.76
N GLY A 20 -4.01 3.24 3.19
CA GLY A 20 -3.98 2.12 2.26
C GLY A 20 -4.61 0.87 2.84
N PHE A 21 -4.00 0.32 3.88
CA PHE A 21 -4.52 -0.89 4.51
C PHE A 21 -5.22 -0.55 5.82
N GLU A 22 -4.75 0.50 6.49
CA GLU A 22 -5.34 0.92 7.76
C GLU A 22 -6.81 1.27 7.58
N LEU A 23 -7.17 1.76 6.41
CA LEU A 23 -8.55 2.13 6.12
C LEU A 23 -9.17 1.16 5.11
N MET A 24 -8.88 -0.12 5.28
CA MET A 24 -9.40 -1.15 4.39
C MET A 24 -10.64 -1.81 5.00
N ASP A 25 -11.42 -2.48 4.15
CA ASP A 25 -12.63 -3.16 4.60
C ASP A 25 -12.52 -4.66 4.40
N ASP A 26 -13.48 -5.40 4.93
CA ASP A 26 -13.49 -6.85 4.81
C ASP A 26 -13.65 -7.28 3.36
N TYR A 27 -14.36 -6.46 2.58
CA TYR A 27 -14.59 -6.75 1.17
C TYR A 27 -13.28 -6.72 0.39
N HIS A 28 -12.34 -5.90 0.85
CA HIS A 28 -11.04 -5.77 0.19
C HIS A 28 -9.95 -6.53 0.95
N PHE A 29 -10.15 -6.68 2.26
CA PHE A 29 -9.19 -7.37 3.11
C PHE A 29 -8.87 -8.76 2.55
N THR A 30 -9.83 -9.34 1.83
CA THR A 30 -9.65 -10.67 1.25
C THR A 30 -9.47 -10.58 -0.27
N SER A 31 -10.08 -9.58 -0.88
CA SER A 31 -9.98 -9.39 -2.33
C SER A 31 -8.59 -8.91 -2.73
N ILE A 32 -8.08 -7.93 -1.99
CA ILE A 32 -6.75 -7.37 -2.26
C ILE A 32 -5.66 -8.39 -1.96
N LYS A 33 -5.89 -9.21 -0.93
CA LYS A 33 -4.92 -10.23 -0.54
C LYS A 33 -4.96 -11.41 -1.50
N SER A 34 -6.15 -11.70 -2.03
CA SER A 34 -6.31 -12.81 -2.95
C SER A 34 -5.58 -12.55 -4.26
N LEU A 35 -5.68 -11.30 -4.74
CA LEU A 35 -5.02 -10.92 -5.99
C LEU A 35 -3.52 -10.75 -5.79
N LEU A 36 -3.14 -10.06 -4.72
CA LEU A 36 -1.74 -9.82 -4.41
C LEU A 36 -1.03 -11.12 -4.06
N ALA A 37 -1.80 -12.10 -3.58
CA ALA A 37 -1.24 -13.41 -3.21
C ALA A 37 -0.49 -14.03 -4.37
N TYR A 38 -0.93 -13.74 -5.59
CA TYR A 38 -0.30 -14.28 -6.79
C TYR A 38 1.06 -13.62 -7.02
N ASP A 39 1.17 -12.36 -6.62
CA ASP A 39 2.42 -11.61 -6.80
C ASP A 39 3.37 -11.87 -5.63
N LEU A 40 2.94 -11.52 -4.43
CA LEU A 40 3.75 -11.71 -3.23
C LEU A 40 3.97 -13.19 -2.96
N GLY A 41 2.93 -13.99 -3.17
CA GLY A 41 3.02 -15.42 -2.94
C GLY A 41 2.31 -15.85 -1.68
N LEU A 42 1.28 -15.11 -1.31
CA LEU A 42 0.50 -15.43 -0.12
C LEU A 42 -0.48 -16.57 -0.38
N THR A 43 -0.84 -17.28 0.68
CA THR A 43 -1.77 -18.40 0.56
C THR A 43 -2.98 -18.20 1.47
N THR A 44 -3.88 -19.19 1.47
CA THR A 44 -5.08 -19.12 2.30
C THR A 44 -4.73 -19.19 3.78
N LYS A 45 -3.61 -19.84 4.09
CA LYS A 45 -3.17 -19.97 5.47
C LYS A 45 -2.46 -18.70 5.95
N MET A 46 -1.57 -18.19 5.11
CA MET A 46 -0.83 -16.98 5.44
C MET A 46 -1.74 -15.75 5.45
N GLN A 47 -2.79 -15.79 4.64
CA GLN A 47 -3.73 -14.69 4.57
C GLN A 47 -4.40 -14.44 5.91
N GLU A 48 -4.55 -15.49 6.71
CA GLU A 48 -5.17 -15.38 8.02
C GLU A 48 -4.13 -15.07 9.09
N GLU A 49 -2.90 -15.54 8.88
CA GLU A 49 -1.82 -15.31 9.84
C GLU A 49 -1.20 -13.93 9.62
N TYR A 50 -1.20 -13.46 8.38
CA TYR A 50 -0.65 -12.15 8.05
C TYR A 50 -1.55 -11.03 8.54
N ASN A 51 -0.99 -9.82 8.62
CA ASN A 51 -1.74 -8.66 9.07
C ASN A 51 -1.63 -7.52 8.07
N ARG A 52 -2.23 -6.38 8.41
CA ARG A 52 -2.20 -5.21 7.54
C ARG A 52 -0.77 -4.76 7.28
N ILE A 53 -0.05 -4.44 8.36
CA ILE A 53 1.33 -3.97 8.25
C ILE A 53 2.20 -5.00 7.51
N LYS A 54 1.82 -6.27 7.61
CA LYS A 54 2.57 -7.34 6.96
C LYS A 54 2.51 -7.19 5.44
N ILE A 55 1.31 -7.01 4.91
CA ILE A 55 1.13 -6.86 3.47
C ILE A 55 1.80 -5.59 2.96
N THR A 56 1.67 -4.51 3.73
CA THR A 56 2.26 -3.23 3.35
C THR A 56 3.78 -3.35 3.24
N ASP A 57 4.37 -4.25 4.02
CA ASP A 57 5.80 -4.45 4.00
C ASP A 57 6.23 -5.22 2.75
N LEU A 58 5.34 -6.08 2.26
CA LEU A 58 5.62 -6.88 1.07
C LEU A 58 5.38 -6.06 -0.19
N MET A 59 4.33 -5.24 -0.18
CA MET A 59 3.98 -4.41 -1.33
C MET A 59 5.13 -3.45 -1.67
N GLU A 60 5.87 -3.03 -0.65
CA GLU A 60 6.99 -2.11 -0.84
C GLU A 60 8.21 -2.86 -1.35
N LYS A 61 8.37 -4.10 -0.90
CA LYS A 61 9.51 -4.92 -1.32
C LYS A 61 9.31 -5.45 -2.74
N LYS A 62 8.08 -5.83 -3.05
CA LYS A 62 7.75 -6.36 -4.37
C LYS A 62 7.70 -5.23 -5.41
N PHE A 63 7.08 -4.12 -5.02
CA PHE A 63 6.94 -2.97 -5.91
C PHE A 63 7.63 -1.74 -5.32
N GLN A 64 8.95 -1.71 -5.42
CA GLN A 64 9.73 -0.59 -4.89
C GLN A 64 9.39 0.69 -5.63
N GLY A 65 9.36 1.81 -4.89
CA GLY A 65 9.05 3.08 -5.49
C GLY A 65 7.56 3.37 -5.50
N VAL A 66 7.15 4.34 -6.30
CA VAL A 66 5.75 4.72 -6.41
C VAL A 66 4.88 3.52 -6.83
N ALA A 67 5.52 2.54 -7.46
CA ALA A 67 4.81 1.34 -7.91
C ALA A 67 4.00 0.70 -6.79
N CYS A 68 4.48 0.86 -5.55
CA CYS A 68 3.81 0.30 -4.40
C CYS A 68 2.42 0.90 -4.22
N LEU A 69 2.30 2.20 -4.48
CA LEU A 69 1.03 2.90 -4.36
C LEU A 69 0.16 2.67 -5.60
N ASP A 70 0.77 2.81 -6.77
CA ASP A 70 0.06 2.62 -8.03
C ASP A 70 -0.53 1.21 -8.11
N LYS A 71 0.15 0.25 -7.49
CA LYS A 71 -0.30 -1.14 -7.50
C LYS A 71 -1.65 -1.27 -6.80
N LEU A 72 -1.71 -0.78 -5.55
CA LEU A 72 -2.94 -0.85 -4.77
C LEU A 72 -4.08 -0.11 -5.48
N ILE A 73 -3.73 0.97 -6.17
CA ILE A 73 -4.72 1.77 -6.88
C ILE A 73 -5.10 1.11 -8.21
N GLU A 74 -4.13 0.47 -8.85
CA GLU A 74 -4.36 -0.19 -10.13
C GLU A 74 -5.27 -1.41 -9.95
N LEU A 75 -5.19 -2.04 -8.78
CA LEU A 75 -6.00 -3.21 -8.49
C LEU A 75 -7.38 -2.80 -7.98
N ALA A 76 -7.42 -1.78 -7.15
CA ALA A 76 -8.67 -1.28 -6.60
C ALA A 76 -9.17 -0.06 -7.37
N LYS A 77 -8.85 -0.01 -8.66
CA LYS A 77 -9.26 1.10 -9.51
C LYS A 77 -10.74 0.99 -9.89
N ASP A 78 -11.20 -0.25 -10.02
CA ASP A 78 -12.60 -0.51 -10.37
C ASP A 78 -13.42 -0.85 -9.14
N MET A 79 -13.11 -0.19 -8.03
CA MET A 79 -13.82 -0.43 -6.78
C MET A 79 -14.34 0.88 -6.18
N PRO A 80 -15.55 1.32 -6.58
CA PRO A 80 -16.13 2.56 -6.08
C PRO A 80 -16.13 2.63 -4.55
N SER A 81 -16.17 1.47 -3.91
CA SER A 81 -16.18 1.40 -2.45
C SER A 81 -14.92 2.06 -1.87
N LEU A 82 -13.81 1.91 -2.59
CA LEU A 82 -12.54 2.50 -2.14
C LEU A 82 -12.27 3.83 -2.85
N LYS A 83 -13.34 4.54 -3.20
CA LYS A 83 -13.22 5.83 -3.87
C LYS A 83 -12.43 6.81 -3.03
N ASN A 84 -12.54 6.67 -1.71
CA ASN A 84 -11.83 7.55 -0.79
C ASN A 84 -10.36 7.18 -0.70
N LEU A 85 -10.06 5.90 -0.88
CA LEU A 85 -8.70 5.41 -0.82
C LEU A 85 -7.97 5.63 -2.13
N VAL A 86 -8.65 5.32 -3.24
CA VAL A 86 -8.07 5.48 -4.56
C VAL A 86 -7.74 6.95 -4.85
N ASN A 87 -8.52 7.85 -4.25
CA ASN A 87 -8.31 9.28 -4.44
C ASN A 87 -7.25 9.81 -3.48
N ASN A 88 -7.15 9.19 -2.31
CA ASN A 88 -6.19 9.60 -1.30
C ASN A 88 -4.80 9.03 -1.61
N LEU A 89 -4.78 7.87 -2.24
CA LEU A 89 -3.52 7.20 -2.60
C LEU A 89 -2.85 7.90 -3.77
N ARG A 90 -3.66 8.48 -4.65
CA ARG A 90 -3.15 9.18 -5.83
C ARG A 90 -2.73 10.61 -5.47
N LYS A 91 -3.59 11.31 -4.75
CA LYS A 91 -3.31 12.68 -4.34
C LYS A 91 -2.07 12.75 -3.46
N GLU A 92 -1.81 11.69 -2.71
CA GLU A 92 -0.65 11.63 -1.83
C GLU A 92 0.59 11.15 -2.57
N LYS A 93 0.38 10.33 -3.59
CA LYS A 93 1.48 9.80 -4.39
C LYS A 93 2.07 10.87 -5.30
N SER A 94 1.38 11.99 -5.45
CA SER A 94 1.84 13.08 -6.29
C SER A 94 2.62 14.11 -5.47
N LYS A 95 2.21 14.32 -4.23
CA LYS A 95 2.87 15.27 -3.35
C LYS A 95 3.61 14.57 -2.22
N VAL A 96 2.91 13.69 -1.52
CA VAL A 96 3.51 12.94 -0.42
C VAL A 96 3.86 13.86 0.74
N ALA A 97 4.88 14.69 0.55
CA ALA A 97 5.32 15.62 1.58
C ALA A 97 5.76 14.88 2.84
N SER A 98 6.11 15.63 3.88
CA SER A 98 6.56 15.04 5.13
C SER A 98 5.61 15.41 6.27
N GLY A 99 4.49 14.68 6.34
CA GLY A 99 3.51 14.93 7.37
C GLY A 99 2.84 16.29 7.23
N PRO A 100 2.12 16.53 6.13
CA PRO A 100 1.44 17.81 5.89
C PRO A 100 0.25 18.01 6.82
N SER A 101 -0.39 19.17 6.71
CA SER A 101 -1.53 19.49 7.55
C SER A 101 -2.71 19.97 6.69
N SER A 102 -3.90 19.45 6.98
CA SER A 102 -5.09 19.82 6.24
C SER A 102 -6.20 20.28 7.18
N GLY A 103 -7.33 20.70 6.62
CA GLY A 103 -8.44 21.16 7.43
C GLY A 103 -9.76 20.55 7.00
#